data_6KIM
# 
_entry.id   6KIM 
# 
_audit_conform.dict_name       mmcif_pdbx.dic 
_audit_conform.dict_version    5.380 
_audit_conform.dict_location   http://mmcif.pdb.org/dictionaries/ascii/mmcif_pdbx.dic 
# 
loop_
_database_2.database_id 
_database_2.database_code 
_database_2.pdbx_database_accession 
_database_2.pdbx_DOI 
PDB   6KIM         pdb_00006kim 10.2210/pdb6kim/pdb 
WWPDB D_1300013083 ?            ?                   
# 
_pdbx_database_status.status_code                     REL 
_pdbx_database_status.status_code_sf                  REL 
_pdbx_database_status.status_code_mr                  ? 
_pdbx_database_status.entry_id                        6KIM 
_pdbx_database_status.recvd_initial_deposition_date   2019-07-19 
_pdbx_database_status.SG_entry                        N 
_pdbx_database_status.deposit_site                    PDBJ 
_pdbx_database_status.process_site                    PDBJ 
_pdbx_database_status.status_code_cs                  ? 
_pdbx_database_status.methods_development_category    ? 
_pdbx_database_status.pdb_format_compatible           Y 
_pdbx_database_status.status_code_nmr_data            ? 
# 
loop_
_audit_author.name 
_audit_author.pdbx_ordinal 
_audit_author.identifier_ORCID 
'Zhou, Y.'  1 ? 
'Lin, L.'   2 ? 
'Yuchi, Z.' 3 ? 
# 
_citation.abstract                  ? 
_citation.abstract_id_CAS           ? 
_citation.book_id_ISBN              ? 
_citation.book_publisher            ? 
_citation.book_publisher_city       ? 
_citation.book_title                ? 
_citation.coordinate_linkage        ? 
_citation.country                   ? 
_citation.database_id_Medline       ? 
_citation.details                   ? 
_citation.id                        primary 
_citation.journal_abbrev            'To Be Published' 
_citation.journal_id_ASTM           ? 
_citation.journal_id_CSD            0353 
_citation.journal_id_ISSN           ? 
_citation.journal_full              ? 
_citation.journal_issue             ? 
_citation.journal_volume            ? 
_citation.language                  ? 
_citation.page_first                ? 
_citation.page_last                 ? 
_citation.title                     'Crystal structure of diamondback moth ryanodine receptor SPRY2 domain' 
_citation.year                      ? 
_citation.database_id_CSD           ? 
_citation.pdbx_database_id_DOI      ? 
_citation.pdbx_database_id_PubMed   ? 
_citation.unpublished_flag          ? 
# 
loop_
_citation_author.citation_id 
_citation_author.name 
_citation_author.ordinal 
_citation_author.identifier_ORCID 
primary 'Zhou, Y.'  1 ? 
primary 'Lin, L.'   2 ? 
primary 'Yuchi, Z.' 3 ? 
# 
_cell.angle_alpha                  90.000 
_cell.angle_alpha_esd              ? 
_cell.angle_beta                   93.240 
_cell.angle_beta_esd               ? 
_cell.angle_gamma                  90.000 
_cell.angle_gamma_esd              ? 
_cell.entry_id                     6KIM 
_cell.details                      ? 
_cell.formula_units_Z              ? 
_cell.length_a                     68.025 
_cell.length_a_esd                 ? 
_cell.length_b                     37.637 
_cell.length_b_esd                 ? 
_cell.length_c                     67.476 
_cell.length_c_esd                 ? 
_cell.volume                       ? 
_cell.volume_esd                   ? 
_cell.Z_PDB                        4 
_cell.reciprocal_angle_alpha       ? 
_cell.reciprocal_angle_beta        ? 
_cell.reciprocal_angle_gamma       ? 
_cell.reciprocal_angle_alpha_esd   ? 
_cell.reciprocal_angle_beta_esd    ? 
_cell.reciprocal_angle_gamma_esd   ? 
_cell.reciprocal_length_a          ? 
_cell.reciprocal_length_b          ? 
_cell.reciprocal_length_c          ? 
_cell.reciprocal_length_a_esd      ? 
_cell.reciprocal_length_b_esd      ? 
_cell.reciprocal_length_c_esd      ? 
_cell.pdbx_unique_axis             ? 
# 
_symmetry.entry_id                         6KIM 
_symmetry.cell_setting                     ? 
_symmetry.Int_Tables_number                5 
_symmetry.space_group_name_Hall            ? 
_symmetry.space_group_name_H-M             'C 1 2 1' 
_symmetry.pdbx_full_space_group_name_H-M   ? 
# 
loop_
_entity.id 
_entity.type 
_entity.src_method 
_entity.pdbx_description 
_entity.formula_weight 
_entity.pdbx_number_of_molecules 
_entity.pdbx_ec 
_entity.pdbx_mutation 
_entity.pdbx_fragment 
_entity.details 
1 polymer     man 'Ryanodine receptor' 20157.326 1  ? K1242A ? ? 
2 non-polymer syn GLYCEROL             92.094    4  ? ?      ? ? 
3 water       nat water                18.015    89 ? ?      ? ? 
# 
_entity_poly.entity_id                      1 
_entity_poly.type                           'polypeptide(L)' 
_entity_poly.nstd_linkage                   no 
_entity_poly.nstd_monomer                   no 
_entity_poly.pdbx_seq_one_letter_code       
;SNAADFRTYRAEKNYAVNSGKWYFEFEILTAGPMRVGWAHADMPPGMMLGQDENSWAFDGYNEEKVYVNSSESFGKQWAV
GDVVGVFLDLIDNTISFSLNGELLMDALGGETTFADVQGDNFVPACTLGVGQKARLTYGQDVNTLKYFTTCGLQEGYEPF
CVNMARDVTHWYTKDQPIFE
;
_entity_poly.pdbx_seq_one_letter_code_can   
;SNAADFRTYRAEKNYAVNSGKWYFEFEILTAGPMRVGWAHADMPPGMMLGQDENSWAFDGYNEEKVYVNSSESFGKQWAV
GDVVGVFLDLIDNTISFSLNGELLMDALGGETTFADVQGDNFVPACTLGVGQKARLTYGQDVNTLKYFTTCGLQEGYEPF
CVNMARDVTHWYTKDQPIFE
;
_entity_poly.pdbx_strand_id                 A 
_entity_poly.pdbx_target_identifier         ? 
# 
loop_
_entity_poly_seq.entity_id 
_entity_poly_seq.num 
_entity_poly_seq.mon_id 
_entity_poly_seq.hetero 
1 1   SER n 
1 2   ASN n 
1 3   ALA n 
1 4   ALA n 
1 5   ASP n 
1 6   PHE n 
1 7   ARG n 
1 8   THR n 
1 9   TYR n 
1 10  ARG n 
1 11  ALA n 
1 12  GLU n 
1 13  LYS n 
1 14  ASN n 
1 15  TYR n 
1 16  ALA n 
1 17  VAL n 
1 18  ASN n 
1 19  SER n 
1 20  GLY n 
1 21  LYS n 
1 22  TRP n 
1 23  TYR n 
1 24  PHE n 
1 25  GLU n 
1 26  PHE n 
1 27  GLU n 
1 28  ILE n 
1 29  LEU n 
1 30  THR n 
1 31  ALA n 
1 32  GLY n 
1 33  PRO n 
1 34  MET n 
1 35  ARG n 
1 36  VAL n 
1 37  GLY n 
1 38  TRP n 
1 39  ALA n 
1 40  HIS n 
1 41  ALA n 
1 42  ASP n 
1 43  MET n 
1 44  PRO n 
1 45  PRO n 
1 46  GLY n 
1 47  MET n 
1 48  MET n 
1 49  LEU n 
1 50  GLY n 
1 51  GLN n 
1 52  ASP n 
1 53  GLU n 
1 54  ASN n 
1 55  SER n 
1 56  TRP n 
1 57  ALA n 
1 58  PHE n 
1 59  ASP n 
1 60  GLY n 
1 61  TYR n 
1 62  ASN n 
1 63  GLU n 
1 64  GLU n 
1 65  LYS n 
1 66  VAL n 
1 67  TYR n 
1 68  VAL n 
1 69  ASN n 
1 70  SER n 
1 71  SER n 
1 72  GLU n 
1 73  SER n 
1 74  PHE n 
1 75  GLY n 
1 76  LYS n 
1 77  GLN n 
1 78  TRP n 
1 79  ALA n 
1 80  VAL n 
1 81  GLY n 
1 82  ASP n 
1 83  VAL n 
1 84  VAL n 
1 85  GLY n 
1 86  VAL n 
1 87  PHE n 
1 88  LEU n 
1 89  ASP n 
1 90  LEU n 
1 91  ILE n 
1 92  ASP n 
1 93  ASN n 
1 94  THR n 
1 95  ILE n 
1 96  SER n 
1 97  PHE n 
1 98  SER n 
1 99  LEU n 
1 100 ASN n 
1 101 GLY n 
1 102 GLU n 
1 103 LEU n 
1 104 LEU n 
1 105 MET n 
1 106 ASP n 
1 107 ALA n 
1 108 LEU n 
1 109 GLY n 
1 110 GLY n 
1 111 GLU n 
1 112 THR n 
1 113 THR n 
1 114 PHE n 
1 115 ALA n 
1 116 ASP n 
1 117 VAL n 
1 118 GLN n 
1 119 GLY n 
1 120 ASP n 
1 121 ASN n 
1 122 PHE n 
1 123 VAL n 
1 124 PRO n 
1 125 ALA n 
1 126 CYS n 
1 127 THR n 
1 128 LEU n 
1 129 GLY n 
1 130 VAL n 
1 131 GLY n 
1 132 GLN n 
1 133 LYS n 
1 134 ALA n 
1 135 ARG n 
1 136 LEU n 
1 137 THR n 
1 138 TYR n 
1 139 GLY n 
1 140 GLN n 
1 141 ASP n 
1 142 VAL n 
1 143 ASN n 
1 144 THR n 
1 145 LEU n 
1 146 LYS n 
1 147 TYR n 
1 148 PHE n 
1 149 THR n 
1 150 THR n 
1 151 CYS n 
1 152 GLY n 
1 153 LEU n 
1 154 GLN n 
1 155 GLU n 
1 156 GLY n 
1 157 TYR n 
1 158 GLU n 
1 159 PRO n 
1 160 PHE n 
1 161 CYS n 
1 162 VAL n 
1 163 ASN n 
1 164 MET n 
1 165 ALA n 
1 166 ARG n 
1 167 ASP n 
1 168 VAL n 
1 169 THR n 
1 170 HIS n 
1 171 TRP n 
1 172 TYR n 
1 173 THR n 
1 174 LYS n 
1 175 ASP n 
1 176 GLN n 
1 177 PRO n 
1 178 ILE n 
1 179 PHE n 
1 180 GLU n 
# 
_entity_src_gen.entity_id                          1 
_entity_src_gen.pdbx_src_id                        1 
_entity_src_gen.pdbx_alt_source_flag               sample 
_entity_src_gen.pdbx_seq_type                      'Biological sequence' 
_entity_src_gen.pdbx_beg_seq_num                   1 
_entity_src_gen.pdbx_end_seq_num                   180 
_entity_src_gen.gene_src_common_name               'Diamondback moth' 
_entity_src_gen.gene_src_genus                     ? 
_entity_src_gen.pdbx_gene_src_gene                 ? 
_entity_src_gen.gene_src_species                   ? 
_entity_src_gen.gene_src_strain                    ? 
_entity_src_gen.gene_src_tissue                    ? 
_entity_src_gen.gene_src_tissue_fraction           ? 
_entity_src_gen.gene_src_details                   ? 
_entity_src_gen.pdbx_gene_src_fragment             ? 
_entity_src_gen.pdbx_gene_src_scientific_name      'Plutella xylostella' 
_entity_src_gen.pdbx_gene_src_ncbi_taxonomy_id     51655 
_entity_src_gen.pdbx_gene_src_variant              ? 
_entity_src_gen.pdbx_gene_src_cell_line            ? 
_entity_src_gen.pdbx_gene_src_atcc                 ? 
_entity_src_gen.pdbx_gene_src_organ                ? 
_entity_src_gen.pdbx_gene_src_organelle            ? 
_entity_src_gen.pdbx_gene_src_cell                 ? 
_entity_src_gen.pdbx_gene_src_cellular_location    ? 
_entity_src_gen.host_org_common_name               ? 
_entity_src_gen.pdbx_host_org_scientific_name      'Escherichia coli' 
_entity_src_gen.pdbx_host_org_ncbi_taxonomy_id     562 
_entity_src_gen.host_org_genus                     ? 
_entity_src_gen.pdbx_host_org_gene                 ? 
_entity_src_gen.pdbx_host_org_organ                ? 
_entity_src_gen.host_org_species                   ? 
_entity_src_gen.pdbx_host_org_tissue               ? 
_entity_src_gen.pdbx_host_org_tissue_fraction      ? 
_entity_src_gen.pdbx_host_org_strain               ? 
_entity_src_gen.pdbx_host_org_variant              ? 
_entity_src_gen.pdbx_host_org_cell_line            ? 
_entity_src_gen.pdbx_host_org_atcc                 ? 
_entity_src_gen.pdbx_host_org_culture_collection   ? 
_entity_src_gen.pdbx_host_org_cell                 ? 
_entity_src_gen.pdbx_host_org_organelle            ? 
_entity_src_gen.pdbx_host_org_cellular_location    ? 
_entity_src_gen.pdbx_host_org_vector_type          ? 
_entity_src_gen.pdbx_host_org_vector               ? 
_entity_src_gen.host_org_details                   ? 
_entity_src_gen.expression_system_id               ? 
_entity_src_gen.plasmid_name                       ? 
_entity_src_gen.plasmid_details                    ? 
_entity_src_gen.pdbx_description                   ? 
# 
_struct_ref.id                         1 
_struct_ref.db_name                    UNP 
_struct_ref.db_code                    I3VR32_PLUXY 
_struct_ref.pdbx_db_accession          I3VR32 
_struct_ref.pdbx_db_isoform            ? 
_struct_ref.entity_id                  1 
_struct_ref.pdbx_seq_one_letter_code   
;ADFRTYRAEKNYAVNSGKWYFEFEILTAGPMRVGWAHADMPPGMMLGQDENSWAFDGYNEEKVYVNSSESFGKQWAVGDV
VGVFLDLIDNTISFSLNGELLMDALGGETTFADVQGDNFVPACTLGVGQKARLTYGQDVNTLKYFTTCGLQEGYEPFCVN
MKRDVTHWYTKDQPIFE
;
_struct_ref.pdbx_align_begin           1075 
# 
_struct_ref_seq.align_id                      1 
_struct_ref_seq.ref_id                        1 
_struct_ref_seq.pdbx_PDB_id_code              6KIM 
_struct_ref_seq.pdbx_strand_id                A 
_struct_ref_seq.seq_align_beg                 4 
_struct_ref_seq.pdbx_seq_align_beg_ins_code   ? 
_struct_ref_seq.seq_align_end                 180 
_struct_ref_seq.pdbx_seq_align_end_ins_code   ? 
_struct_ref_seq.pdbx_db_accession             I3VR32 
_struct_ref_seq.db_align_beg                  1075 
_struct_ref_seq.pdbx_db_align_beg_ins_code    ? 
_struct_ref_seq.db_align_end                  1251 
_struct_ref_seq.pdbx_db_align_end_ins_code    ? 
_struct_ref_seq.pdbx_auth_seq_align_beg       1081 
_struct_ref_seq.pdbx_auth_seq_align_end       1257 
# 
loop_
_struct_ref_seq_dif.align_id 
_struct_ref_seq_dif.pdbx_pdb_id_code 
_struct_ref_seq_dif.mon_id 
_struct_ref_seq_dif.pdbx_pdb_strand_id 
_struct_ref_seq_dif.seq_num 
_struct_ref_seq_dif.pdbx_pdb_ins_code 
_struct_ref_seq_dif.pdbx_seq_db_name 
_struct_ref_seq_dif.pdbx_seq_db_accession_code 
_struct_ref_seq_dif.db_mon_id 
_struct_ref_seq_dif.pdbx_seq_db_seq_num 
_struct_ref_seq_dif.details 
_struct_ref_seq_dif.pdbx_auth_seq_num 
_struct_ref_seq_dif.pdbx_ordinal 
1 6KIM SER A 1   ? UNP I3VR32 ?   ?    'expression tag'      -2   1 
1 6KIM ASN A 2   ? UNP I3VR32 ?   ?    'expression tag'      -1   2 
1 6KIM ALA A 3   ? UNP I3VR32 ?   ?    'expression tag'      0    3 
1 6KIM ALA A 165 ? UNP I3VR32 LYS 1236 'engineered mutation' 1242 4 
# 
loop_
_chem_comp.id 
_chem_comp.type 
_chem_comp.mon_nstd_flag 
_chem_comp.name 
_chem_comp.pdbx_synonyms 
_chem_comp.formula 
_chem_comp.formula_weight 
ALA 'L-peptide linking' y ALANINE         ?                               'C3 H7 N O2'     89.093  
ARG 'L-peptide linking' y ARGININE        ?                               'C6 H15 N4 O2 1' 175.209 
ASN 'L-peptide linking' y ASPARAGINE      ?                               'C4 H8 N2 O3'    132.118 
ASP 'L-peptide linking' y 'ASPARTIC ACID' ?                               'C4 H7 N O4'     133.103 
CYS 'L-peptide linking' y CYSTEINE        ?                               'C3 H7 N O2 S'   121.158 
GLN 'L-peptide linking' y GLUTAMINE       ?                               'C5 H10 N2 O3'   146.144 
GLU 'L-peptide linking' y 'GLUTAMIC ACID' ?                               'C5 H9 N O4'     147.129 
GLY 'peptide linking'   y GLYCINE         ?                               'C2 H5 N O2'     75.067  
GOL non-polymer         . GLYCEROL        'GLYCERIN; PROPANE-1,2,3-TRIOL' 'C3 H8 O3'       92.094  
HIS 'L-peptide linking' y HISTIDINE       ?                               'C6 H10 N3 O2 1' 156.162 
HOH non-polymer         . WATER           ?                               'H2 O'           18.015  
ILE 'L-peptide linking' y ISOLEUCINE      ?                               'C6 H13 N O2'    131.173 
LEU 'L-peptide linking' y LEUCINE         ?                               'C6 H13 N O2'    131.173 
LYS 'L-peptide linking' y LYSINE          ?                               'C6 H15 N2 O2 1' 147.195 
MET 'L-peptide linking' y METHIONINE      ?                               'C5 H11 N O2 S'  149.211 
PHE 'L-peptide linking' y PHENYLALANINE   ?                               'C9 H11 N O2'    165.189 
PRO 'L-peptide linking' y PROLINE         ?                               'C5 H9 N O2'     115.130 
SER 'L-peptide linking' y SERINE          ?                               'C3 H7 N O3'     105.093 
THR 'L-peptide linking' y THREONINE       ?                               'C4 H9 N O3'     119.119 
TRP 'L-peptide linking' y TRYPTOPHAN      ?                               'C11 H12 N2 O2'  204.225 
TYR 'L-peptide linking' y TYROSINE        ?                               'C9 H11 N O3'    181.189 
VAL 'L-peptide linking' y VALINE          ?                               'C5 H11 N O2'    117.146 
# 
_exptl.absorpt_coefficient_mu     ? 
_exptl.absorpt_correction_T_max   ? 
_exptl.absorpt_correction_T_min   ? 
_exptl.absorpt_correction_type    ? 
_exptl.absorpt_process_details    ? 
_exptl.entry_id                   6KIM 
_exptl.crystals_number            1 
_exptl.details                    ? 
_exptl.method                     'X-RAY DIFFRACTION' 
_exptl.method_details             ? 
# 
_exptl_crystal.colour                      ? 
_exptl_crystal.density_diffrn              ? 
_exptl_crystal.density_Matthews            2.14 
_exptl_crystal.density_method              ? 
_exptl_crystal.density_percent_sol         42.50 
_exptl_crystal.description                 ? 
_exptl_crystal.F_000                       ? 
_exptl_crystal.id                          1 
_exptl_crystal.preparation                 ? 
_exptl_crystal.size_max                    ? 
_exptl_crystal.size_mid                    ? 
_exptl_crystal.size_min                    ? 
_exptl_crystal.size_rad                    ? 
_exptl_crystal.colour_lustre               ? 
_exptl_crystal.colour_modifier             ? 
_exptl_crystal.colour_primary              ? 
_exptl_crystal.density_meas                ? 
_exptl_crystal.density_meas_esd            ? 
_exptl_crystal.density_meas_gt             ? 
_exptl_crystal.density_meas_lt             ? 
_exptl_crystal.density_meas_temp           ? 
_exptl_crystal.density_meas_temp_esd       ? 
_exptl_crystal.density_meas_temp_gt        ? 
_exptl_crystal.density_meas_temp_lt        ? 
_exptl_crystal.pdbx_crystal_image_url      ? 
_exptl_crystal.pdbx_crystal_image_format   ? 
_exptl_crystal.pdbx_mosaicity              ? 
_exptl_crystal.pdbx_mosaicity_esd          ? 
# 
_exptl_crystal_grow.apparatus       ? 
_exptl_crystal_grow.atmosphere      ? 
_exptl_crystal_grow.crystal_id      1 
_exptl_crystal_grow.details         ? 
_exptl_crystal_grow.method          'VAPOR DIFFUSION, SITTING DROP' 
_exptl_crystal_grow.method_ref      ? 
_exptl_crystal_grow.pH              ? 
_exptl_crystal_grow.pressure        ? 
_exptl_crystal_grow.pressure_esd    ? 
_exptl_crystal_grow.seeding         ? 
_exptl_crystal_grow.seeding_ref     ? 
_exptl_crystal_grow.temp            277 
_exptl_crystal_grow.temp_details    ? 
_exptl_crystal_grow.temp_esd        ? 
_exptl_crystal_grow.time            ? 
_exptl_crystal_grow.pdbx_details    '2.0 M Sodium/Potassium phosphate, Ph 6.5.' 
_exptl_crystal_grow.pdbx_pH_range   ? 
# 
_diffrn.ambient_environment              ? 
_diffrn.ambient_temp                     193.15 
_diffrn.ambient_temp_details             ? 
_diffrn.ambient_temp_esd                 ? 
_diffrn.crystal_id                       1 
_diffrn.crystal_support                  ? 
_diffrn.crystal_treatment                ? 
_diffrn.details                          ? 
_diffrn.id                               1 
_diffrn.ambient_pressure                 ? 
_diffrn.ambient_pressure_esd             ? 
_diffrn.ambient_pressure_gt              ? 
_diffrn.ambient_pressure_lt              ? 
_diffrn.ambient_temp_gt                  ? 
_diffrn.ambient_temp_lt                  ? 
_diffrn.pdbx_serial_crystal_experiment   N 
# 
_diffrn_detector.details                      ? 
_diffrn_detector.detector                     PIXEL 
_diffrn_detector.diffrn_id                    1 
_diffrn_detector.type                         'DECTRIS PILATUS3 R CdTe 300K' 
_diffrn_detector.area_resol_mean              ? 
_diffrn_detector.dtime                        ? 
_diffrn_detector.pdbx_frames_total            ? 
_diffrn_detector.pdbx_collection_time_total   ? 
_diffrn_detector.pdbx_collection_date         2019-06-13 
_diffrn_detector.pdbx_frequency               ? 
# 
_diffrn_radiation.collimation                      ? 
_diffrn_radiation.diffrn_id                        1 
_diffrn_radiation.filter_edge                      ? 
_diffrn_radiation.inhomogeneity                    ? 
_diffrn_radiation.monochromator                    ? 
_diffrn_radiation.polarisn_norm                    ? 
_diffrn_radiation.polarisn_ratio                   ? 
_diffrn_radiation.probe                            ? 
_diffrn_radiation.type                             ? 
_diffrn_radiation.xray_symbol                      ? 
_diffrn_radiation.wavelength_id                    1 
_diffrn_radiation.pdbx_monochromatic_or_laue_m_l   M 
_diffrn_radiation.pdbx_wavelength_list             ? 
_diffrn_radiation.pdbx_wavelength                  ? 
_diffrn_radiation.pdbx_diffrn_protocol             'SINGLE WAVELENGTH' 
_diffrn_radiation.pdbx_analyzer                    ? 
_diffrn_radiation.pdbx_scattering_type             x-ray 
# 
_diffrn_radiation_wavelength.id           1 
_diffrn_radiation_wavelength.wavelength   0.9792 
_diffrn_radiation_wavelength.wt           1.0 
# 
_diffrn_source.current                     ? 
_diffrn_source.details                     ? 
_diffrn_source.diffrn_id                   1 
_diffrn_source.power                       ? 
_diffrn_source.size                        ? 
_diffrn_source.source                      SYNCHROTRON 
_diffrn_source.target                      ? 
_diffrn_source.type                        'SSRF BEAMLINE BL18U1' 
_diffrn_source.voltage                     ? 
_diffrn_source.take-off_angle              ? 
_diffrn_source.pdbx_wavelength_list        0.9792 
_diffrn_source.pdbx_wavelength             ? 
_diffrn_source.pdbx_synchrotron_beamline   BL18U1 
_diffrn_source.pdbx_synchrotron_site       SSRF 
# 
_reflns.B_iso_Wilson_estimate            ? 
_reflns.entry_id                         6KIM 
_reflns.data_reduction_details           ? 
_reflns.data_reduction_method            ? 
_reflns.d_resolution_high                2.0570 
_reflns.d_resolution_low                 29.9030 
_reflns.details                          ? 
_reflns.limit_h_max                      ? 
_reflns.limit_h_min                      ? 
_reflns.limit_k_max                      ? 
_reflns.limit_k_min                      ? 
_reflns.limit_l_max                      ? 
_reflns.limit_l_min                      ? 
_reflns.number_all                       ? 
_reflns.number_obs                       10749 
_reflns.observed_criterion               ? 
_reflns.observed_criterion_F_max         ? 
_reflns.observed_criterion_F_min         ? 
_reflns.observed_criterion_I_max         ? 
_reflns.observed_criterion_I_min         ? 
_reflns.observed_criterion_sigma_F       ? 
_reflns.observed_criterion_sigma_I       ? 
_reflns.percent_possible_obs             98.9 
_reflns.R_free_details                   ? 
_reflns.Rmerge_F_all                     ? 
_reflns.Rmerge_F_obs                     ? 
_reflns.Friedel_coverage                 ? 
_reflns.number_gt                        ? 
_reflns.threshold_expression             ? 
_reflns.pdbx_redundancy                  3.3 
_reflns.pdbx_Rmerge_I_obs                0.094 
_reflns.pdbx_Rmerge_I_all                ? 
_reflns.pdbx_Rsym_value                  ? 
_reflns.pdbx_netI_over_av_sigmaI         ? 
_reflns.pdbx_netI_over_sigmaI            11.3 
_reflns.pdbx_res_netI_over_av_sigmaI_2   ? 
_reflns.pdbx_res_netI_over_sigmaI_2      ? 
_reflns.pdbx_chi_squared                 ? 
_reflns.pdbx_scaling_rejects             ? 
_reflns.pdbx_d_res_high_opt              ? 
_reflns.pdbx_d_res_low_opt               ? 
_reflns.pdbx_d_res_opt_method            ? 
_reflns.phase_calculation_details        ? 
_reflns.pdbx_Rrim_I_all                  ? 
_reflns.pdbx_Rpim_I_all                  ? 
_reflns.pdbx_d_opt                       ? 
_reflns.pdbx_number_measured_all         ? 
_reflns.pdbx_diffrn_id                   1 
_reflns.pdbx_ordinal                     1 
_reflns.pdbx_CC_half                     ? 
_reflns.pdbx_R_split                     ? 
# 
_reflns_shell.d_res_high                  2.0570 
_reflns_shell.d_res_low                   2.1656 
_reflns_shell.meanI_over_sigI_all         ? 
_reflns_shell.meanI_over_sigI_obs         ? 
_reflns_shell.number_measured_all         ? 
_reflns_shell.number_measured_obs         ? 
_reflns_shell.number_possible             ? 
_reflns_shell.number_unique_all           ? 
_reflns_shell.number_unique_obs           162 
_reflns_shell.percent_possible_all        ? 
_reflns_shell.percent_possible_obs        ? 
_reflns_shell.Rmerge_F_all                ? 
_reflns_shell.Rmerge_F_obs                ? 
_reflns_shell.Rmerge_I_all                ? 
_reflns_shell.Rmerge_I_obs                0.4 
_reflns_shell.meanI_over_sigI_gt          ? 
_reflns_shell.meanI_over_uI_all           ? 
_reflns_shell.meanI_over_uI_gt            ? 
_reflns_shell.number_measured_gt          ? 
_reflns_shell.number_unique_gt            ? 
_reflns_shell.percent_possible_gt         ? 
_reflns_shell.Rmerge_F_gt                 ? 
_reflns_shell.Rmerge_I_gt                 ? 
_reflns_shell.pdbx_redundancy             ? 
_reflns_shell.pdbx_Rsym_value             ? 
_reflns_shell.pdbx_chi_squared            ? 
_reflns_shell.pdbx_netI_over_sigmaI_all   ? 
_reflns_shell.pdbx_netI_over_sigmaI_obs   ? 
_reflns_shell.pdbx_Rrim_I_all             ? 
_reflns_shell.pdbx_Rpim_I_all             ? 
_reflns_shell.pdbx_rejects                ? 
_reflns_shell.pdbx_ordinal                1 
_reflns_shell.pdbx_diffrn_id              1 
_reflns_shell.pdbx_CC_half                ? 
_reflns_shell.pdbx_R_split                ? 
# 
_refine.aniso_B[1][1]                            ? 
_refine.aniso_B[1][2]                            ? 
_refine.aniso_B[1][3]                            ? 
_refine.aniso_B[2][2]                            ? 
_refine.aniso_B[2][3]                            ? 
_refine.aniso_B[3][3]                            ? 
_refine.B_iso_max                                80.520 
_refine.B_iso_mean                               27.2874 
_refine.B_iso_min                                8.390 
_refine.correlation_coeff_Fo_to_Fc               ? 
_refine.correlation_coeff_Fo_to_Fc_free          ? 
_refine.details                                  ? 
_refine.diff_density_max                         ? 
_refine.diff_density_max_esd                     ? 
_refine.diff_density_min                         ? 
_refine.diff_density_min_esd                     ? 
_refine.diff_density_rms                         ? 
_refine.diff_density_rms_esd                     ? 
_refine.entry_id                                 6KIM 
_refine.pdbx_refine_id                           'X-RAY DIFFRACTION' 
_refine.ls_abs_structure_details                 ? 
_refine.ls_abs_structure_Flack                   ? 
_refine.ls_abs_structure_Flack_esd               ? 
_refine.ls_abs_structure_Rogers                  ? 
_refine.ls_abs_structure_Rogers_esd              ? 
_refine.ls_d_res_high                            2.0570 
_refine.ls_d_res_low                             29.9030 
_refine.ls_extinction_coef                       ? 
_refine.ls_extinction_coef_esd                   ? 
_refine.ls_extinction_expression                 ? 
_refine.ls_extinction_method                     ? 
_refine.ls_goodness_of_fit_all                   ? 
_refine.ls_goodness_of_fit_all_esd               ? 
_refine.ls_goodness_of_fit_obs                   ? 
_refine.ls_goodness_of_fit_obs_esd               ? 
_refine.ls_hydrogen_treatment                    ? 
_refine.ls_matrix_type                           ? 
_refine.ls_number_constraints                    ? 
_refine.ls_number_parameters                     ? 
_refine.ls_number_reflns_all                     ? 
_refine.ls_number_reflns_obs                     10187 
_refine.ls_number_reflns_R_free                  1041 
_refine.ls_number_reflns_R_work                  ? 
_refine.ls_number_restraints                     ? 
_refine.ls_percent_reflns_obs                    94.4600 
_refine.ls_percent_reflns_R_free                 10.2200 
_refine.ls_R_factor_all                          ? 
_refine.ls_R_factor_obs                          0.1928 
_refine.ls_R_factor_R_free                       0.2513 
_refine.ls_R_factor_R_free_error                 ? 
_refine.ls_R_factor_R_free_error_details         ? 
_refine.ls_R_factor_R_work                       0.1864 
_refine.ls_R_Fsqd_factor_obs                     ? 
_refine.ls_R_I_factor_obs                        ? 
_refine.ls_redundancy_reflns_all                 ? 
_refine.ls_redundancy_reflns_obs                 ? 
_refine.ls_restrained_S_all                      ? 
_refine.ls_restrained_S_obs                      ? 
_refine.ls_shift_over_esd_max                    ? 
_refine.ls_shift_over_esd_mean                   ? 
_refine.ls_structure_factor_coef                 ? 
_refine.ls_weighting_details                     ? 
_refine.ls_weighting_scheme                      ? 
_refine.ls_wR_factor_all                         ? 
_refine.ls_wR_factor_obs                         ? 
_refine.ls_wR_factor_R_free                      ? 
_refine.ls_wR_factor_R_work                      ? 
_refine.occupancy_max                            ? 
_refine.occupancy_min                            ? 
_refine.solvent_model_details                    ? 
_refine.solvent_model_param_bsol                 ? 
_refine.solvent_model_param_ksol                 ? 
_refine.ls_R_factor_gt                           ? 
_refine.ls_goodness_of_fit_gt                    ? 
_refine.ls_goodness_of_fit_ref                   ? 
_refine.ls_shift_over_su_max                     ? 
_refine.ls_shift_over_su_max_lt                  ? 
_refine.ls_shift_over_su_mean                    ? 
_refine.ls_shift_over_su_mean_lt                 ? 
_refine.pdbx_ls_sigma_I                          ? 
_refine.pdbx_ls_sigma_F                          0.000 
_refine.pdbx_ls_sigma_Fsqd                       ? 
_refine.pdbx_data_cutoff_high_absF               ? 
_refine.pdbx_data_cutoff_high_rms_absF           ? 
_refine.pdbx_data_cutoff_low_absF                ? 
_refine.pdbx_isotropic_thermal_model             ? 
_refine.pdbx_ls_cross_valid_method               THROUGHOUT 
_refine.pdbx_method_to_determine_struct          'MOLECULAR REPLACEMENT' 
_refine.pdbx_starting_model                      4P9J 
_refine.pdbx_stereochemistry_target_values       ? 
_refine.pdbx_R_Free_selection_details            ? 
_refine.pdbx_stereochem_target_val_spec_case     ? 
_refine.pdbx_overall_ESU_R                       ? 
_refine.pdbx_overall_ESU_R_Free                  ? 
_refine.pdbx_solvent_vdw_probe_radii             1.1100 
_refine.pdbx_solvent_ion_probe_radii             ? 
_refine.pdbx_solvent_shrinkage_radii             0.9000 
_refine.pdbx_real_space_R                        ? 
_refine.pdbx_density_correlation                 ? 
_refine.pdbx_pd_number_of_powder_patterns        ? 
_refine.pdbx_pd_number_of_points                 ? 
_refine.pdbx_pd_meas_number_of_points            ? 
_refine.pdbx_pd_proc_ls_prof_R_factor            ? 
_refine.pdbx_pd_proc_ls_prof_wR_factor           ? 
_refine.pdbx_pd_Marquardt_correlation_coeff      ? 
_refine.pdbx_pd_Fsqrd_R_factor                   ? 
_refine.pdbx_pd_ls_matrix_band_width             ? 
_refine.pdbx_overall_phase_error                 25.6200 
_refine.pdbx_overall_SU_R_free_Cruickshank_DPI   ? 
_refine.pdbx_overall_SU_R_free_Blow_DPI          ? 
_refine.pdbx_overall_SU_R_Blow_DPI               ? 
_refine.pdbx_TLS_residual_ADP_flag               ? 
_refine.pdbx_diffrn_id                           1 
_refine.overall_SU_B                             ? 
_refine.overall_SU_ML                            0.2700 
_refine.overall_SU_R_Cruickshank_DPI             ? 
_refine.overall_SU_R_free                        ? 
_refine.overall_FOM_free_R_set                   ? 
_refine.overall_FOM_work_R_set                   ? 
_refine.pdbx_average_fsc_overall                 ? 
_refine.pdbx_average_fsc_work                    ? 
_refine.pdbx_average_fsc_free                    ? 
# 
_refine_hist.pdbx_refine_id                   'X-RAY DIFFRACTION' 
_refine_hist.cycle_id                         final 
_refine_hist.details                          ? 
_refine_hist.d_res_high                       2.0570 
_refine_hist.d_res_low                        29.9030 
_refine_hist.number_atoms_solvent             89 
_refine_hist.number_atoms_total               1444 
_refine_hist.number_reflns_all                ? 
_refine_hist.number_reflns_obs                ? 
_refine_hist.number_reflns_R_free             ? 
_refine_hist.number_reflns_R_work             ? 
_refine_hist.R_factor_all                     ? 
_refine_hist.R_factor_obs                     ? 
_refine_hist.R_factor_R_free                  ? 
_refine_hist.R_factor_R_work                  ? 
_refine_hist.pdbx_number_residues_total       172 
_refine_hist.pdbx_B_iso_mean_ligand           50.69 
_refine_hist.pdbx_B_iso_mean_solvent          33.04 
_refine_hist.pdbx_number_atoms_protein        1299 
_refine_hist.pdbx_number_atoms_nucleic_acid   0 
_refine_hist.pdbx_number_atoms_ligand         56 
_refine_hist.pdbx_number_atoms_lipid          ? 
_refine_hist.pdbx_number_atoms_carb           ? 
_refine_hist.pdbx_pseudo_atom_details         ? 
# 
loop_
_refine_ls_shell.pdbx_refine_id 
_refine_ls_shell.d_res_high 
_refine_ls_shell.d_res_low 
_refine_ls_shell.number_reflns_all 
_refine_ls_shell.number_reflns_obs 
_refine_ls_shell.number_reflns_R_free 
_refine_ls_shell.number_reflns_R_work 
_refine_ls_shell.percent_reflns_obs 
_refine_ls_shell.percent_reflns_R_free 
_refine_ls_shell.R_factor_all 
_refine_ls_shell.R_factor_obs 
_refine_ls_shell.R_factor_R_free 
_refine_ls_shell.R_factor_R_free_error 
_refine_ls_shell.R_factor_R_work 
_refine_ls_shell.redundancy_reflns_all 
_refine_ls_shell.redundancy_reflns_obs 
_refine_ls_shell.wR_factor_all 
_refine_ls_shell.wR_factor_obs 
_refine_ls_shell.wR_factor_R_free 
_refine_ls_shell.wR_factor_R_work 
_refine_ls_shell.pdbx_total_number_of_bins_used 
_refine_ls_shell.pdbx_phase_error 
_refine_ls_shell.pdbx_fsc_work 
_refine_ls_shell.pdbx_fsc_free 
'X-RAY DIFFRACTION' 2.0572 2.1656  . . 126 1148 84.0000 . . . 0.3083 0.0000 0.2012 . . . . . . . . . . 
'X-RAY DIFFRACTION' 2.1656 2.3013  . . 143 1254 92.0000 . . . 0.2673 0.0000 0.1906 . . . . . . . . . . 
'X-RAY DIFFRACTION' 2.3013 2.4789  . . 140 1289 94.0000 . . . 0.3087 0.0000 0.1945 . . . . . . . . . . 
'X-RAY DIFFRACTION' 2.4789 2.7282  . . 160 1310 95.0000 . . . 0.2771 0.0000 0.2043 . . . . . . . . . . 
'X-RAY DIFFRACTION' 2.7282 3.1226  . . 156 1342 98.0000 . . . 0.2865 0.0000 0.1980 . . . . . . . . . . 
'X-RAY DIFFRACTION' 3.1226 3.9327  . . 159 1371 99.0000 . . . 0.2226 0.0000 0.1754 . . . . . . . . . . 
'X-RAY DIFFRACTION' 3.9327 29.9030 . . 157 1432 99.0000 . . . 0.2180 0.0000 0.1771 . . . . . . . . . . 
# 
_struct.entry_id                     6KIM 
_struct.title                        'Crystal structure of diamondback moth ryanodine receptor SPRY2 domain' 
_struct.pdbx_model_details           ? 
_struct.pdbx_formula_weight          ? 
_struct.pdbx_formula_weight_method   ? 
_struct.pdbx_model_type_details      ? 
_struct.pdbx_CASP_flag               N 
# 
_struct_keywords.entry_id        6KIM 
_struct_keywords.text            'diamondback moth, ryanodine receptor, ion channel, transport protein., TRANSPORT PROTEIN' 
_struct_keywords.pdbx_keywords   'TRANSPORT PROTEIN' 
# 
loop_
_struct_asym.id 
_struct_asym.pdbx_blank_PDB_chainid_flag 
_struct_asym.pdbx_modified 
_struct_asym.entity_id 
_struct_asym.details 
A N N 1 ? 
B N N 2 ? 
C N N 2 ? 
D N N 2 ? 
E N N 2 ? 
F N N 3 ? 
# 
loop_
_struct_conf.conf_type_id 
_struct_conf.id 
_struct_conf.pdbx_PDB_helix_id 
_struct_conf.beg_label_comp_id 
_struct_conf.beg_label_asym_id 
_struct_conf.beg_label_seq_id 
_struct_conf.pdbx_beg_PDB_ins_code 
_struct_conf.end_label_comp_id 
_struct_conf.end_label_asym_id 
_struct_conf.end_label_seq_id 
_struct_conf.pdbx_end_PDB_ins_code 
_struct_conf.beg_auth_comp_id 
_struct_conf.beg_auth_asym_id 
_struct_conf.beg_auth_seq_id 
_struct_conf.end_auth_comp_id 
_struct_conf.end_auth_asym_id 
_struct_conf.end_auth_seq_id 
_struct_conf.pdbx_PDB_helix_class 
_struct_conf.details 
_struct_conf.pdbx_PDB_helix_length 
HELX_P HELX_P1 AA1 GLU A 12  ? ALA A 16  ? GLU A 1089 ALA A 1093 5 ? 5 
HELX_P HELX_P2 AA2 ASP A 141 ? LEU A 145 ? ASP A 1218 LEU A 1222 5 ? 5 
HELX_P HELX_P3 AA3 GLY A 152 ? GLY A 156 ? GLY A 1229 GLY A 1233 5 ? 5 
HELX_P HELX_P4 AA4 CYS A 161 ? MET A 164 ? CYS A 1238 MET A 1241 5 ? 4 
# 
_struct_conf_type.id          HELX_P 
_struct_conf_type.criteria    ? 
_struct_conf_type.reference   ? 
# 
loop_
_struct_sheet.id 
_struct_sheet.type 
_struct_sheet.number_strands 
_struct_sheet.details 
AA1 ? 6 ? 
AA2 ? 5 ? 
AA3 ? 5 ? 
# 
loop_
_struct_sheet_order.sheet_id 
_struct_sheet_order.range_id_1 
_struct_sheet_order.range_id_2 
_struct_sheet_order.offset 
_struct_sheet_order.sense 
AA1 1 2 ? anti-parallel 
AA1 2 3 ? anti-parallel 
AA1 3 4 ? anti-parallel 
AA1 4 5 ? anti-parallel 
AA1 5 6 ? anti-parallel 
AA2 1 2 ? anti-parallel 
AA2 2 3 ? anti-parallel 
AA2 3 4 ? anti-parallel 
AA2 4 5 ? anti-parallel 
AA3 1 2 ? anti-parallel 
AA3 2 3 ? anti-parallel 
AA3 3 4 ? anti-parallel 
AA3 4 5 ? parallel      
# 
loop_
_struct_sheet_range.sheet_id 
_struct_sheet_range.id 
_struct_sheet_range.beg_label_comp_id 
_struct_sheet_range.beg_label_asym_id 
_struct_sheet_range.beg_label_seq_id 
_struct_sheet_range.pdbx_beg_PDB_ins_code 
_struct_sheet_range.end_label_comp_id 
_struct_sheet_range.end_label_asym_id 
_struct_sheet_range.end_label_seq_id 
_struct_sheet_range.pdbx_end_PDB_ins_code 
_struct_sheet_range.beg_auth_comp_id 
_struct_sheet_range.beg_auth_asym_id 
_struct_sheet_range.beg_auth_seq_id 
_struct_sheet_range.end_auth_comp_id 
_struct_sheet_range.end_auth_asym_id 
_struct_sheet_range.end_auth_seq_id 
AA1 1 PHE A 6   ? ARG A 10  ? PHE A 1083 ARG A 1087 
AA1 2 PHE A 122 ? GLY A 129 ? PHE A 1199 GLY A 1206 
AA1 3 MET A 34  ? HIS A 40  ? MET A 1111 HIS A 1117 
AA1 4 SER A 55  ? ASP A 59  ? SER A 1132 ASP A 1136 
AA1 5 GLU A 64  ? TYR A 67  ? GLU A 1141 TYR A 1144 
AA1 6 SER A 70  ? SER A 73  ? SER A 1147 SER A 1150 
AA2 1 GLU A 102 ? LEU A 103 ? GLU A 1179 LEU A 1180 
AA2 2 THR A 94  ? LEU A 99  ? THR A 1171 LEU A 1176 
AA2 3 VAL A 83  ? ASP A 89  ? VAL A 1160 ASP A 1166 
AA2 4 LYS A 21  ? ILE A 28  ? LYS A 1098 ILE A 1105 
AA2 5 ALA A 134 ? THR A 137 ? ALA A 1211 THR A 1214 
AA3 1 PHE A 114 ? ALA A 115 ? PHE A 1191 ALA A 1192 
AA3 2 THR A 94  ? LEU A 99  ? THR A 1171 LEU A 1176 
AA3 3 VAL A 83  ? ASP A 89  ? VAL A 1160 ASP A 1166 
AA3 4 LYS A 21  ? ILE A 28  ? LYS A 1098 ILE A 1105 
AA3 5 GLU A 158 ? PRO A 159 ? GLU A 1235 PRO A 1236 
# 
loop_
_pdbx_struct_sheet_hbond.sheet_id 
_pdbx_struct_sheet_hbond.range_id_1 
_pdbx_struct_sheet_hbond.range_id_2 
_pdbx_struct_sheet_hbond.range_1_label_atom_id 
_pdbx_struct_sheet_hbond.range_1_label_comp_id 
_pdbx_struct_sheet_hbond.range_1_label_asym_id 
_pdbx_struct_sheet_hbond.range_1_label_seq_id 
_pdbx_struct_sheet_hbond.range_1_PDB_ins_code 
_pdbx_struct_sheet_hbond.range_1_auth_atom_id 
_pdbx_struct_sheet_hbond.range_1_auth_comp_id 
_pdbx_struct_sheet_hbond.range_1_auth_asym_id 
_pdbx_struct_sheet_hbond.range_1_auth_seq_id 
_pdbx_struct_sheet_hbond.range_2_label_atom_id 
_pdbx_struct_sheet_hbond.range_2_label_comp_id 
_pdbx_struct_sheet_hbond.range_2_label_asym_id 
_pdbx_struct_sheet_hbond.range_2_label_seq_id 
_pdbx_struct_sheet_hbond.range_2_PDB_ins_code 
_pdbx_struct_sheet_hbond.range_2_auth_atom_id 
_pdbx_struct_sheet_hbond.range_2_auth_comp_id 
_pdbx_struct_sheet_hbond.range_2_auth_asym_id 
_pdbx_struct_sheet_hbond.range_2_auth_seq_id 
AA1 1 2 N TYR A 9   ? N TYR A 1086 O CYS A 126 ? O CYS A 1203 
AA1 2 3 O VAL A 123 ? O VAL A 1200 N ALA A 39  ? N ALA A 1116 
AA1 3 4 N VAL A 36  ? N VAL A 1113 O PHE A 58  ? O PHE A 1135 
AA1 4 5 N ASP A 59  ? N ASP A 1136 O GLU A 64  ? O GLU A 1141 
AA1 5 6 N LYS A 65  ? N LYS A 1142 O GLU A 72  ? O GLU A 1149 
AA2 1 2 O GLU A 102 ? O GLU A 1179 N LEU A 99  ? N LEU A 1176 
AA2 2 3 O THR A 94  ? O THR A 1171 N ASP A 89  ? N ASP A 1166 
AA2 3 4 O LEU A 88  ? O LEU A 1165 N TRP A 22  ? N TRP A 1099 
AA2 4 5 N GLU A 27  ? N GLU A 1104 O ARG A 135 ? O ARG A 1212 
AA3 1 2 O PHE A 114 ? O PHE A 1191 N ILE A 95  ? N ILE A 1172 
AA3 2 3 O THR A 94  ? O THR A 1171 N ASP A 89  ? N ASP A 1166 
AA3 3 4 O LEU A 88  ? O LEU A 1165 N TRP A 22  ? N TRP A 1099 
AA3 4 5 N TYR A 23  ? N TYR A 1100 O GLU A 158 ? O GLU A 1235 
# 
loop_
_struct_site.id 
_struct_site.pdbx_evidence_code 
_struct_site.pdbx_auth_asym_id 
_struct_site.pdbx_auth_comp_id 
_struct_site.pdbx_auth_seq_id 
_struct_site.pdbx_auth_ins_code 
_struct_site.pdbx_num_residues 
_struct_site.details 
AC1 Software A GOL 1301 ? 5 'binding site for residue GOL A 1301' 
AC2 Software A GOL 1302 ? 3 'binding site for residue GOL A 1302' 
AC3 Software A GOL 1303 ? 5 'binding site for residue GOL A 1303' 
AC4 Software A GOL 1304 ? 5 'binding site for residue GOL A 1304' 
# 
loop_
_struct_site_gen.id 
_struct_site_gen.site_id 
_struct_site_gen.pdbx_num_res 
_struct_site_gen.label_comp_id 
_struct_site_gen.label_asym_id 
_struct_site_gen.label_seq_id 
_struct_site_gen.pdbx_auth_ins_code 
_struct_site_gen.auth_comp_id 
_struct_site_gen.auth_asym_id 
_struct_site_gen.auth_seq_id 
_struct_site_gen.label_atom_id 
_struct_site_gen.label_alt_id 
_struct_site_gen.symmetry 
_struct_site_gen.details 
1  AC1 5 ASN A 14  ? ASN A 1091 . ? 1_555 ? 
2  AC1 5 TYR A 15  ? TYR A 1092 . ? 1_555 ? 
3  AC1 5 ALA A 16  ? ALA A 1093 . ? 1_555 ? 
4  AC1 5 VAL A 17  ? VAL A 1094 . ? 1_555 ? 
5  AC1 5 ASN A 163 ? ASN A 1240 . ? 1_555 ? 
6  AC2 3 TYR A 9   ? TYR A 1086 . ? 2_656 ? 
7  AC2 3 HIS A 170 ? HIS A 1247 . ? 1_555 ? 
8  AC2 3 GOL D .   ? GOL A 1303 . ? 1_555 ? 
9  AC3 5 VAL A 168 ? VAL A 1245 . ? 1_555 ? 
10 AC3 5 THR A 169 ? THR A 1246 . ? 1_555 ? 
11 AC3 5 HIS A 170 ? HIS A 1247 . ? 1_555 ? 
12 AC3 5 GOL C .   ? GOL A 1302 . ? 1_555 ? 
13 AC3 5 HOH F .   ? HOH A 1471 . ? 1_555 ? 
14 AC4 5 SER A 96  ? SER A 1173 . ? 1_555 ? 
15 AC4 5 GLU A 111 ? GLU A 1188 . ? 1_555 ? 
16 AC4 5 THR A 112 ? THR A 1189 . ? 1_555 ? 
17 AC4 5 TYR A 157 ? TYR A 1234 . ? 1_555 ? 
18 AC4 5 HOH F .   ? HOH A 1411 . ? 1_555 ? 
# 
_atom_sites.entry_id                    6KIM 
_atom_sites.Cartn_transf_matrix[1][1]   ? 
_atom_sites.Cartn_transf_matrix[1][2]   ? 
_atom_sites.Cartn_transf_matrix[1][3]   ? 
_atom_sites.Cartn_transf_matrix[2][1]   ? 
_atom_sites.Cartn_transf_matrix[2][2]   ? 
_atom_sites.Cartn_transf_matrix[2][3]   ? 
_atom_sites.Cartn_transf_matrix[3][1]   ? 
_atom_sites.Cartn_transf_matrix[3][2]   ? 
_atom_sites.Cartn_transf_matrix[3][3]   ? 
_atom_sites.Cartn_transf_vector[1]      ? 
_atom_sites.Cartn_transf_vector[2]      ? 
_atom_sites.Cartn_transf_vector[3]      ? 
_atom_sites.fract_transf_matrix[1][1]   -0.00732852 
_atom_sites.fract_transf_matrix[1][2]   -0.01265276 
_atom_sites.fract_transf_matrix[1][3]   0.00172753 
_atom_sites.fract_transf_matrix[2][1]   -0.01541854 
_atom_sites.fract_transf_matrix[2][2]   0.01143838 
_atom_sites.fract_transf_matrix[2][3]   0.01836836 
_atom_sites.fract_transf_matrix[3][1]   -0.00997111 
_atom_sites.fract_transf_matrix[3][2]   0.00336884 
_atom_sites.fract_transf_matrix[3][3]   -0.01046768 
_atom_sites.fract_transf_vector[1]      0.431420 
_atom_sites.fract_transf_vector[2]      0.058295 
_atom_sites.fract_transf_vector[3]      0.261848 
_atom_sites.solution_primary            ? 
_atom_sites.solution_secondary          ? 
_atom_sites.solution_hydrogens          ? 
_atom_sites.special_details             ? 
# 
loop_
_atom_type.symbol 
C 
H 
N 
O 
S 
# 
loop_
_atom_site.group_PDB 
_atom_site.id 
_atom_site.type_symbol 
_atom_site.label_atom_id 
_atom_site.label_alt_id 
_atom_site.label_comp_id 
_atom_site.label_asym_id 
_atom_site.label_entity_id 
_atom_site.label_seq_id 
_atom_site.pdbx_PDB_ins_code 
_atom_site.Cartn_x 
_atom_site.Cartn_y 
_atom_site.Cartn_z 
_atom_site.occupancy 
_atom_site.B_iso_or_equiv 
_atom_site.pdbx_formal_charge 
_atom_site.auth_seq_id 
_atom_site.auth_comp_id 
_atom_site.auth_asym_id 
_atom_site.auth_atom_id 
_atom_site.pdbx_PDB_model_num 
ATOM   1    N N   . SER A 1 1   ? 2.951   19.902  10.478  1.00 21.20 ? -2   SER A N   1 
ATOM   2    C CA  . SER A 1 1   ? 1.847   19.512  9.598   1.00 28.62 ? -2   SER A CA  1 
ATOM   3    C C   . SER A 1 1   ? 0.567   19.354  10.404  1.00 27.08 ? -2   SER A C   1 
ATOM   4    O O   . SER A 1 1   ? 0.624   19.105  11.599  1.00 22.60 ? -2   SER A O   1 
ATOM   5    C CB  . SER A 1 1   ? 2.160   18.199  8.862   1.00 30.12 ? -2   SER A CB  1 
ATOM   6    O OG  . SER A 1 1   ? 3.394   18.266  8.169   1.00 28.02 ? -2   SER A OG  1 
ATOM   7    N N   . ASN A 1 2   ? -0.581  19.518  9.747   1.00 26.92 ? -1   ASN A N   1 
ATOM   8    C CA  . ASN A 1 2   ? -1.858  19.348  10.424  1.00 27.94 ? -1   ASN A CA  1 
ATOM   9    C C   . ASN A 1 2   ? -1.974  17.913  10.917  1.00 31.39 ? -1   ASN A C   1 
ATOM   10   O O   . ASN A 1 2   ? -1.753  16.968  10.154  1.00 28.59 ? -1   ASN A O   1 
ATOM   11   C CB  . ASN A 1 2   ? -3.009  19.687  9.476   1.00 31.22 ? -1   ASN A CB  1 
ATOM   12   C CG  . ASN A 1 2   ? -4.360  19.717  10.176  1.00 33.51 ? -1   ASN A CG  1 
ATOM   13   O OD1 . ASN A 1 2   ? -4.777  18.735  10.793  1.00 35.60 ? -1   ASN A OD1 1 
ATOM   14   N ND2 . ASN A 1 2   ? -5.048  20.852  10.086  1.00 28.46 ? -1   ASN A ND2 1 
ATOM   15   N N   . ALA A 1 3   ? -2.298  17.747  12.199  1.00 34.42 ? 0    ALA A N   1 
ATOM   16   C CA  . ALA A 1 3   ? -2.291  16.437  12.835  1.00 31.43 ? 0    ALA A CA  1 
ATOM   17   C C   . ALA A 1 3   ? -3.689  15.870  13.000  1.00 30.89 ? 0    ALA A C   1 
ATOM   18   O O   . ALA A 1 3   ? -3.880  14.897  13.738  1.00 28.43 ? 0    ALA A O   1 
ATOM   19   C CB  . ALA A 1 3   ? -1.598  16.513  14.195  1.00 32.71 ? 0    ALA A CB  1 
ATOM   20   N N   . ALA A 1 4   ? -4.668  16.448  12.322  1.00 22.11 ? 1081 ALA A N   1 
ATOM   21   C CA  . ALA A 1 4   ? -6.056  16.080  12.557  1.00 32.37 ? 1081 ALA A CA  1 
ATOM   22   C C   . ALA A 1 4   ? -6.804  15.813  11.253  1.00 28.82 ? 1081 ALA A C   1 
ATOM   23   O O   . ALA A 1 4   ? -7.694  14.956  11.218  1.00 23.52 ? 1081 ALA A O   1 
ATOM   24   C CB  . ALA A 1 4   ? -6.757  17.177  13.367  1.00 25.14 ? 1081 ALA A CB  1 
ATOM   25   N N   . ASP A 1 5   ? -6.448  16.521  10.176  1.00 21.37 ? 1082 ASP A N   1 
ATOM   26   C CA  . ASP A 1 5   ? -7.210  16.509  8.931   1.00 18.40 ? 1082 ASP A CA  1 
ATOM   27   C C   . ASP A 1 5   ? -6.599  15.505  7.959   1.00 27.59 ? 1082 ASP A C   1 
ATOM   28   O O   . ASP A 1 5   ? -5.475  15.701  7.483   1.00 27.12 ? 1082 ASP A O   1 
ATOM   29   C CB  . ASP A 1 5   ? -7.240  17.904  8.320   1.00 25.50 ? 1082 ASP A CB  1 
ATOM   30   C CG  . ASP A 1 5   ? -8.424  18.102  7.437   1.00 31.39 ? 1082 ASP A CG  1 
ATOM   31   O OD1 . ASP A 1 5   ? -9.051  17.082  7.108   1.00 30.35 ? 1082 ASP A OD1 1 
ATOM   32   O OD2 . ASP A 1 5   ? -8.732  19.260  7.091   1.00 42.11 ? 1082 ASP A OD2 1 
ATOM   33   N N   . PHE A 1 6   ? -7.355  14.445  7.646   1.00 25.54 ? 1083 PHE A N   1 
ATOM   34   C CA  . PHE A 1 6   ? -6.912  13.388  6.750   1.00 27.68 ? 1083 PHE A CA  1 
ATOM   35   C C   . PHE A 1 6   ? -8.084  12.870  5.928   1.00 26.33 ? 1083 PHE A C   1 
ATOM   36   O O   . PHE A 1 6   ? -9.235  12.959  6.352   1.00 24.47 ? 1083 PHE A O   1 
ATOM   37   C CB  . PHE A 1 6   ? -6.276  12.246  7.540   1.00 24.43 ? 1083 PHE A CB  1 
ATOM   38   C CG  . PHE A 1 6   ? -5.027  12.650  8.265   1.00 24.30 ? 1083 PHE A CG  1 
ATOM   39   C CD1 . PHE A 1 6   ? -3.779  12.478  7.677   1.00 32.98 ? 1083 PHE A CD1 1 
ATOM   40   C CD2 . PHE A 1 6   ? -5.093  13.218  9.526   1.00 30.29 ? 1083 PHE A CD2 1 
ATOM   41   C CE1 . PHE A 1 6   ? -2.623  12.839  8.337   1.00 26.28 ? 1083 PHE A CE1 1 
ATOM   42   C CE2 . PHE A 1 6   ? -3.936  13.604  10.195  1.00 32.10 ? 1083 PHE A CE2 1 
ATOM   43   C CZ  . PHE A 1 6   ? -2.696  13.414  9.595   1.00 32.93 ? 1083 PHE A CZ  1 
ATOM   44   N N   . ARG A 1 7   ? -7.780  12.332  4.739   1.00 25.06 ? 1084 ARG A N   1 
ATOM   45   C CA  . ARG A 1 7   ? -8.728  11.548  3.964   1.00 20.00 ? 1084 ARG A CA  1 
ATOM   46   C C   . ARG A 1 7   ? -8.058  10.273  3.468   1.00 23.49 ? 1084 ARG A C   1 
ATOM   47   O O   . ARG A 1 7   ? -6.905  10.293  3.033   1.00 21.83 ? 1084 ARG A O   1 
ATOM   48   C CB  . ARG A 1 7   ? -9.284  12.330  2.772   1.00 26.97 ? 1084 ARG A CB  1 
ATOM   49   N N   . THR A 1 8   ? -8.800  9.170   3.500   1.00 21.73 ? 1085 THR A N   1 
ATOM   50   C CA  . THR A 1 8   ? -8.279  7.867   3.117   1.00 26.32 ? 1085 THR A CA  1 
ATOM   51   C C   . THR A 1 8   ? -8.942  7.414   1.827   1.00 21.56 ? 1085 THR A C   1 
ATOM   52   O O   . THR A 1 8   ? -10.155 7.575   1.654   1.00 22.87 ? 1085 THR A O   1 
ATOM   53   C CB  . THR A 1 8   ? -8.502  6.847   4.232   1.00 23.94 ? 1085 THR A CB  1 
ATOM   54   O OG1 . THR A 1 8   ? -7.738  7.254   5.372   1.00 19.57 ? 1085 THR A OG1 1 
ATOM   55   C CG2 . THR A 1 8   ? -8.071  5.426   3.798   1.00 13.70 ? 1085 THR A CG2 1 
ATOM   56   N N   . TYR A 1 9   ? -8.129  6.888   0.915   1.00 25.12 ? 1086 TYR A N   1 
ATOM   57   C CA  . TYR A 1 9   ? -8.566  6.477   -0.413  1.00 24.97 ? 1086 TYR A CA  1 
ATOM   58   C C   . TYR A 1 9   ? -8.325  4.982   -0.563  1.00 22.44 ? 1086 TYR A C   1 
ATOM   59   O O   . TYR A 1 9   ? -7.265  4.481   -0.185  1.00 21.16 ? 1086 TYR A O   1 
ATOM   60   C CB  . TYR A 1 9   ? -7.819  7.257   -1.501  1.00 23.79 ? 1086 TYR A CB  1 
ATOM   61   C CG  . TYR A 1 9   ? -7.922  8.766   -1.357  1.00 28.55 ? 1086 TYR A CG  1 
ATOM   62   C CD1 . TYR A 1 9   ? -7.090  9.466   -0.485  1.00 21.37 ? 1086 TYR A CD1 1 
ATOM   63   C CD2 . TYR A 1 9   ? -8.848  9.493   -2.101  1.00 29.58 ? 1086 TYR A CD2 1 
ATOM   64   C CE1 . TYR A 1 9   ? -7.180  10.855  -0.345  1.00 21.60 ? 1086 TYR A CE1 1 
ATOM   65   C CE2 . TYR A 1 9   ? -8.950  10.887  -1.963  1.00 29.71 ? 1086 TYR A CE2 1 
ATOM   66   C CZ  . TYR A 1 9   ? -8.116  11.561  -1.087  1.00 30.75 ? 1086 TYR A CZ  1 
ATOM   67   O OH  . TYR A 1 9   ? -8.210  12.942  -0.966  1.00 23.09 ? 1086 TYR A OH  1 
ATOM   68   N N   . ARG A 1 10  ? -9.321  4.270   -1.075  1.00 25.18 ? 1087 ARG A N   1 
ATOM   69   C CA  . ARG A 1 10  ? -9.219  2.840   -1.321  1.00 28.19 ? 1087 ARG A CA  1 
ATOM   70   C C   . ARG A 1 10  ? -9.823  2.511   -2.675  1.00 32.37 ? 1087 ARG A C   1 
ATOM   71   O O   . ARG A 1 10  ? -10.783 3.144   -3.107  1.00 39.27 ? 1087 ARG A O   1 
ATOM   72   C CB  . ARG A 1 10  ? -9.956  2.001   -0.287  1.00 25.31 ? 1087 ARG A CB  1 
ATOM   73   C CG  . ARG A 1 10  ? -10.407 2.724   0.943   1.00 34.59 ? 1087 ARG A CG  1 
ATOM   74   C CD  . ARG A 1 10  ? -11.361 1.838   1.723   1.00 41.64 ? 1087 ARG A CD  1 
ATOM   75   N NE  . ARG A 1 10  ? -11.747 2.433   2.997   1.00 42.43 ? 1087 ARG A NE  1 
ATOM   76   C CZ  . ARG A 1 10  ? -12.540 1.851   3.890   1.00 36.69 ? 1087 ARG A CZ  1 
ATOM   77   N NH1 . ARG A 1 10  ? -13.042 0.637   3.665   1.00 27.06 ? 1087 ARG A NH1 1 
ATOM   78   N NH2 . ARG A 1 10  ? -12.822 2.483   5.022   1.00 32.51 ? 1087 ARG A NH2 1 
ATOM   79   N N   . ALA A 1 11  ? -9.290  1.476   -3.307  1.00 34.17 ? 1088 ALA A N   1 
ATOM   80   C CA  . ALA A 1 11  ? -9.850  0.968   -4.550  1.00 38.11 ? 1088 ALA A CA  1 
ATOM   81   C C   . ALA A 1 11  ? -11.177 0.251   -4.306  1.00 29.75 ? 1088 ALA A C   1 
ATOM   82   O O   . ALA A 1 11  ? -11.435 -0.274  -3.219  1.00 32.58 ? 1088 ALA A O   1 
ATOM   83   C CB  . ALA A 1 11  ? -8.855  0.022   -5.222  1.00 41.03 ? 1088 ALA A CB  1 
ATOM   84   N N   . GLU A 1 12  ? -12.023 0.228   -5.344  1.00 40.32 ? 1089 GLU A N   1 
ATOM   85   C CA  . GLU A 1 12  ? -13.369 -0.330  -5.221  1.00 36.21 ? 1089 GLU A CA  1 
ATOM   86   C C   . GLU A 1 12  ? -13.334 -1.745  -4.650  1.00 34.85 ? 1089 GLU A C   1 
ATOM   87   O O   . GLU A 1 12  ? -12.390 -2.509  -4.869  1.00 31.61 ? 1089 GLU A O   1 
ATOM   88   C CB  . GLU A 1 12  ? -14.068 -0.336  -6.587  1.00 49.58 ? 1089 GLU A CB  1 
ATOM   89   N N   . LYS A 1 13  ? -14.398 -2.103  -3.925  1.00 38.22 ? 1090 LYS A N   1 
ATOM   90   C CA  . LYS A 1 13  ? -14.462 -3.420  -3.298  1.00 35.33 ? 1090 LYS A CA  1 
ATOM   91   C C   . LYS A 1 13  ? -14.501 -4.544  -4.325  1.00 32.85 ? 1090 LYS A C   1 
ATOM   92   O O   . LYS A 1 13  ? -14.016 -5.649  -4.054  1.00 28.24 ? 1090 LYS A O   1 
ATOM   93   C CB  . LYS A 1 13  ? -15.681 -3.509  -2.381  1.00 49.10 ? 1090 LYS A CB  1 
ATOM   94   N N   . ASN A 1 14  ? -15.081 -4.296  -5.499  1.00 34.85 ? 1091 ASN A N   1 
ATOM   95   C CA  . ASN A 1 14  ? -15.123 -5.327  -6.527  1.00 32.01 ? 1091 ASN A CA  1 
ATOM   96   C C   . ASN A 1 14  ? -13.728 -5.741  -6.966  1.00 31.26 ? 1091 ASN A C   1 
ATOM   97   O O   . ASN A 1 14  ? -13.576 -6.775  -7.621  1.00 26.55 ? 1091 ASN A O   1 
ATOM   98   C CB  . ASN A 1 14  ? -15.940 -4.828  -7.728  1.00 29.10 ? 1091 ASN A CB  1 
ATOM   99   C CG  . ASN A 1 14  ? -16.030 -5.856  -8.862  1.00 45.63 ? 1091 ASN A CG  1 
ATOM   100  O OD1 . ASN A 1 14  ? -16.679 -6.892  -8.725  1.00 49.96 ? 1091 ASN A OD1 1 
ATOM   101  N ND2 . ASN A 1 14  ? -15.399 -5.553  -9.991  1.00 44.36 ? 1091 ASN A ND2 1 
ATOM   102  N N   . TYR A 1 15  ? -12.704 -4.980  -6.592  1.00 25.73 ? 1092 TYR A N   1 
ATOM   103  C CA  . TYR A 1 15  ? -11.344 -5.205  -7.049  1.00 21.58 ? 1092 TYR A CA  1 
ATOM   104  C C   . TYR A 1 15  ? -10.478 -5.879  -5.995  1.00 22.64 ? 1092 TYR A C   1 
ATOM   105  O O   . TYR A 1 15  ? -9.266  -6.004  -6.197  1.00 22.51 ? 1092 TYR A O   1 
ATOM   106  C CB  . TYR A 1 15  ? -10.722 -3.869  -7.476  1.00 29.47 ? 1092 TYR A CB  1 
ATOM   107  N N   . ALA A 1 16  ? -11.074 -6.333  -4.891  1.00 13.95 ? 1093 ALA A N   1 
ATOM   108  C CA  . ALA A 1 16  ? -10.326 -6.909  -3.780  1.00 23.19 ? 1093 ALA A CA  1 
ATOM   109  C C   . ALA A 1 16  ? -9.720  -8.264  -4.157  1.00 30.02 ? 1093 ALA A C   1 
ATOM   110  O O   . ALA A 1 16  ? -10.177 -8.949  -5.078  1.00 16.86 ? 1093 ALA A O   1 
ATOM   111  C CB  . ALA A 1 16  ? -11.233 -7.062  -2.560  1.00 16.87 ? 1093 ALA A CB  1 
ATOM   112  N N   . VAL A 1 17  ? -8.674  -8.650  -3.419  1.00 22.52 ? 1094 VAL A N   1 
ATOM   113  C CA  . VAL A 1 17  ? -7.957  -9.896  -3.667  1.00 21.15 ? 1094 VAL A CA  1 
ATOM   114  C C   . VAL A 1 17  ? -7.974  -10.755 -2.412  1.00 19.82 ? 1094 VAL A C   1 
ATOM   115  O O   . VAL A 1 17  ? -7.947  -10.256 -1.281  1.00 22.87 ? 1094 VAL A O   1 
ATOM   116  C CB  . VAL A 1 17  ? -6.502  -9.658  -4.124  1.00 19.91 ? 1094 VAL A CB  1 
ATOM   117  C CG1 . VAL A 1 17  ? -6.469  -8.908  -5.426  1.00 25.11 ? 1094 VAL A CG1 1 
ATOM   118  C CG2 . VAL A 1 17  ? -5.736  -8.932  -3.059  1.00 20.28 ? 1094 VAL A CG2 1 
ATOM   119  N N   . ASN A 1 18  ? -8.013  -12.073 -2.632  1.00 29.16 ? 1095 ASN A N   1 
ATOM   120  C CA  . ASN A 1 18  ? -7.999  -13.055 -1.556  1.00 23.58 ? 1095 ASN A CA  1 
ATOM   121  C C   . ASN A 1 18  ? -6.927  -14.114 -1.777  1.00 23.51 ? 1095 ASN A C   1 
ATOM   122  O O   . ASN A 1 18  ? -6.902  -15.121 -1.058  1.00 21.35 ? 1095 ASN A O   1 
ATOM   123  C CB  . ASN A 1 18  ? -9.379  -13.704 -1.425  1.00 32.98 ? 1095 ASN A CB  1 
ATOM   124  C CG  . ASN A 1 18  ? -9.848  -14.345 -2.724  1.00 37.30 ? 1095 ASN A CG  1 
ATOM   125  O OD1 . ASN A 1 18  ? -9.121  -14.384 -3.719  1.00 39.58 ? 1095 ASN A OD1 1 
ATOM   126  N ND2 . ASN A 1 18  ? -11.070 -14.857 -2.715  1.00 46.00 ? 1095 ASN A ND2 1 
ATOM   127  N N   . SER A 1 19  ? -6.041  -13.908 -2.747  1.00 20.96 ? 1096 SER A N   1 
ATOM   128  C CA  . SER A 1 19  ? -4.958  -14.834 -3.036  1.00 17.79 ? 1096 SER A CA  1 
ATOM   129  C C   . SER A 1 19  ? -3.934  -14.111 -3.895  1.00 19.28 ? 1096 SER A C   1 
ATOM   130  O O   . SER A 1 19  ? -4.145  -12.972 -4.319  1.00 25.20 ? 1096 SER A O   1 
ATOM   131  C CB  . SER A 1 19  ? -5.473  -16.083 -3.746  1.00 25.04 ? 1096 SER A CB  1 
ATOM   132  O OG  . SER A 1 19  ? -5.836  -15.769 -5.080  1.00 24.95 ? 1096 SER A OG  1 
ATOM   133  N N   . GLY A 1 20  ? -2.816  -14.789 -4.148  1.00 20.18 ? 1097 GLY A N   1 
ATOM   134  C CA  . GLY A 1 20  ? -1.770  -14.243 -4.992  1.00 22.06 ? 1097 GLY A CA  1 
ATOM   135  C C   . GLY A 1 20  ? -0.869  -13.228 -4.285  1.00 21.15 ? 1097 GLY A C   1 
ATOM   136  O O   . GLY A 1 20  ? -0.964  -12.970 -3.080  1.00 23.75 ? 1097 GLY A O   1 
ATOM   137  N N   . LYS A 1 21  ? 0.039   -12.661 -5.077  1.00 20.52 ? 1098 LYS A N   1 
ATOM   138  C CA  . LYS A 1 21  ? 1.018   -11.675 -4.629  1.00 16.43 ? 1098 LYS A CA  1 
ATOM   139  C C   . LYS A 1 21  ? 0.945   -10.481 -5.571  1.00 25.40 ? 1098 LYS A C   1 
ATOM   140  O O   . LYS A 1 21  ? 1.013   -10.654 -6.796  1.00 18.41 ? 1098 LYS A O   1 
ATOM   141  C CB  . LYS A 1 21  ? 2.441   -12.261 -4.619  1.00 19.16 ? 1098 LYS A CB  1 
ATOM   142  C CG  . LYS A 1 21  ? 2.521   -13.699 -4.130  1.00 24.05 ? 1098 LYS A CG  1 
ATOM   143  C CD  . LYS A 1 21  ? 3.922   -14.159 -3.678  1.00 24.51 ? 1098 LYS A CD  1 
ATOM   144  C CE  . LYS A 1 21  ? 5.069   -13.321 -4.178  1.00 29.92 ? 1098 LYS A CE  1 
ATOM   145  N NZ  . LYS A 1 21  ? 6.353   -14.038 -3.945  1.00 21.34 ? 1098 LYS A NZ  1 
ATOM   146  N N   . TRP A 1 22  ? 0.829   -9.274  -5.001  1.00 15.88 ? 1099 TRP A N   1 
ATOM   147  C CA  . TRP A 1 22  ? 0.407   -8.094  -5.749  1.00 21.50 ? 1099 TRP A CA  1 
ATOM   148  C C   . TRP A 1 22  ? 1.301   -6.895  -5.460  1.00 21.16 ? 1099 TRP A C   1 
ATOM   149  O O   . TRP A 1 22  ? 1.866   -6.756  -4.372  1.00 15.84 ? 1099 TRP A O   1 
ATOM   150  C CB  . TRP A 1 22  ? -1.050  -7.738  -5.422  1.00 20.10 ? 1099 TRP A CB  1 
ATOM   151  C CG  . TRP A 1 22  ? -1.945  -8.878  -5.737  1.00 27.54 ? 1099 TRP A CG  1 
ATOM   152  C CD1 . TRP A 1 22  ? -2.520  -9.748  -4.847  1.00 21.45 ? 1099 TRP A CD1 1 
ATOM   153  C CD2 . TRP A 1 22  ? -2.324  -9.326  -7.043  1.00 28.61 ? 1099 TRP A CD2 1 
ATOM   154  N NE1 . TRP A 1 22  ? -3.251  -10.698 -5.526  1.00 21.38 ? 1099 TRP A NE1 1 
ATOM   155  C CE2 . TRP A 1 22  ? -3.145  -10.462 -6.874  1.00 25.19 ? 1099 TRP A CE2 1 
ATOM   156  C CE3 . TRP A 1 22  ? -2.056  -8.871  -8.340  1.00 27.41 ? 1099 TRP A CE3 1 
ATOM   157  C CZ2 . TRP A 1 22  ? -3.701  -11.145 -7.953  1.00 25.35 ? 1099 TRP A CZ2 1 
ATOM   158  C CZ3 . TRP A 1 22  ? -2.603  -9.551  -9.411  1.00 23.26 ? 1099 TRP A CZ3 1 
ATOM   159  C CH2 . TRP A 1 22  ? -3.421  -10.674 -9.213  1.00 30.58 ? 1099 TRP A CH2 1 
ATOM   160  N N   . TYR A 1 23  ? 1.393   -6.014  -6.446  1.00 14.60 ? 1100 TYR A N   1 
ATOM   161  C CA  . TYR A 1 23  ? 2.324   -4.896  -6.419  1.00 17.60 ? 1100 TYR A CA  1 
ATOM   162  C C   . TYR A 1 23  ? 1.672   -3.671  -7.044  1.00 18.50 ? 1100 TYR A C   1 
ATOM   163  O O   . TYR A 1 23  ? 0.940   -3.787  -8.035  1.00 20.77 ? 1100 TYR A O   1 
ATOM   164  C CB  . TYR A 1 23  ? 3.612   -5.242  -7.185  1.00 15.45 ? 1100 TYR A CB  1 
ATOM   165  C CG  . TYR A 1 23  ? 4.632   -4.114  -7.318  1.00 22.15 ? 1100 TYR A CG  1 
ATOM   166  C CD1 . TYR A 1 23  ? 5.571   -3.891  -6.325  1.00 20.95 ? 1100 TYR A CD1 1 
ATOM   167  C CD2 . TYR A 1 23  ? 4.695   -3.324  -8.468  1.00 17.80 ? 1100 TYR A CD2 1 
ATOM   168  C CE1 . TYR A 1 23  ? 6.517   -2.887  -6.438  1.00 15.53 ? 1100 TYR A CE1 1 
ATOM   169  C CE2 . TYR A 1 23  ? 5.653   -2.309  -8.598  1.00 17.74 ? 1100 TYR A CE2 1 
ATOM   170  C CZ  . TYR A 1 23  ? 6.556   -2.109  -7.570  1.00 15.59 ? 1100 TYR A CZ  1 
ATOM   171  O OH  . TYR A 1 23  ? 7.507   -1.134  -7.661  1.00 22.90 ? 1100 TYR A OH  1 
ATOM   172  N N   . PHE A 1 24  ? 1.912   -2.507  -6.442  1.00 16.51 ? 1101 PHE A N   1 
ATOM   173  C CA  . PHE A 1 24  ? 1.546   -1.231  -7.048  1.00 18.39 ? 1101 PHE A CA  1 
ATOM   174  C C   . PHE A 1 24  ? 2.549   -0.190  -6.579  1.00 19.44 ? 1101 PHE A C   1 
ATOM   175  O O   . PHE A 1 24  ? 3.283   -0.410  -5.616  1.00 19.92 ? 1101 PHE A O   1 
ATOM   176  C CB  . PHE A 1 24  ? 0.096   -0.817  -6.723  1.00 17.21 ? 1101 PHE A CB  1 
ATOM   177  C CG  . PHE A 1 24  ? -0.163  -0.390  -5.273  1.00 18.52 ? 1101 PHE A CG  1 
ATOM   178  C CD1 . PHE A 1 24  ? -0.518  -1.328  -4.307  1.00 24.16 ? 1101 PHE A CD1 1 
ATOM   179  C CD2 . PHE A 1 24  ? -0.129  0.952   -4.907  1.00 18.81 ? 1101 PHE A CD2 1 
ATOM   180  C CE1 . PHE A 1 24  ? -0.788  -0.947  -2.984  1.00 19.99 ? 1101 PHE A CE1 1 
ATOM   181  C CE2 . PHE A 1 24  ? -0.397  1.346   -3.589  1.00 18.36 ? 1101 PHE A CE2 1 
ATOM   182  C CZ  . PHE A 1 24  ? -0.731  0.392   -2.624  1.00 17.98 ? 1101 PHE A CZ  1 
ATOM   183  N N   . GLU A 1 25  ? 2.588   0.947   -7.271  1.00 18.27 ? 1102 GLU A N   1 
ATOM   184  C CA  . GLU A 1 25  ? 3.531   1.993   -6.919  1.00 24.56 ? 1102 GLU A CA  1 
ATOM   185  C C   . GLU A 1 25  ? 2.775   3.246   -6.492  1.00 22.17 ? 1102 GLU A C   1 
ATOM   186  O O   . GLU A 1 25  ? 1.613   3.460   -6.851  1.00 20.63 ? 1102 GLU A O   1 
ATOM   187  C CB  . GLU A 1 25  ? 4.497   2.276   -8.078  1.00 18.59 ? 1102 GLU A CB  1 
ATOM   188  C CG  . GLU A 1 25  ? 5.503   1.144   -8.249  1.00 20.42 ? 1102 GLU A CG  1 
ATOM   189  C CD  . GLU A 1 25  ? 6.471   1.337   -9.403  1.00 21.90 ? 1102 GLU A CD  1 
ATOM   190  O OE1 . GLU A 1 25  ? 6.338   2.316   -10.162 1.00 24.63 ? 1102 GLU A OE1 1 
ATOM   191  O OE2 . GLU A 1 25  ? 7.387   0.503   -9.540  1.00 20.89 ? 1102 GLU A OE2 1 
ATOM   192  N N   . PHE A 1 26  ? 3.459   4.064   -5.708  1.00 24.58 ? 1103 PHE A N   1 
ATOM   193  C CA  . PHE A 1 26  ? 2.857   5.175   -4.983  1.00 20.84 ? 1103 PHE A CA  1 
ATOM   194  C C   . PHE A 1 26  ? 3.881   6.298   -5.024  1.00 19.27 ? 1103 PHE A C   1 
ATOM   195  O O   . PHE A 1 26  ? 4.925   6.230   -4.353  1.00 19.13 ? 1103 PHE A O   1 
ATOM   196  C CB  . PHE A 1 26  ? 2.505   4.726   -3.555  1.00 17.99 ? 1103 PHE A CB  1 
ATOM   197  C CG  . PHE A 1 26  ? 1.966   5.812   -2.659  1.00 22.39 ? 1103 PHE A CG  1 
ATOM   198  C CD1 . PHE A 1 26  ? 0.640   6.208   -2.744  1.00 16.74 ? 1103 PHE A CD1 1 
ATOM   199  C CD2 . PHE A 1 26  ? 2.778   6.402   -1.695  1.00 20.31 ? 1103 PHE A CD2 1 
ATOM   200  C CE1 . PHE A 1 26  ? 0.139   7.191   -1.917  1.00 18.86 ? 1103 PHE A CE1 1 
ATOM   201  C CE2 . PHE A 1 26  ? 2.287   7.393   -0.853  1.00 19.34 ? 1103 PHE A CE2 1 
ATOM   202  C CZ  . PHE A 1 26  ? 0.964   7.791   -0.969  1.00 22.50 ? 1103 PHE A CZ  1 
ATOM   203  N N   . GLU A 1 27  ? 3.629   7.311   -5.850  1.00 20.64 ? 1104 GLU A N   1 
ATOM   204  C CA  . GLU A 1 27  ? 4.585   8.387   -6.062  1.00 21.77 ? 1104 GLU A CA  1 
ATOM   205  C C   . GLU A 1 27  ? 4.280   9.573   -5.154  1.00 22.29 ? 1104 GLU A C   1 
ATOM   206  O O   . GLU A 1 27  ? 3.147   10.065  -5.122  1.00 19.22 ? 1104 GLU A O   1 
ATOM   207  C CB  . GLU A 1 27  ? 4.587   8.836   -7.520  1.00 24.61 ? 1104 GLU A CB  1 
ATOM   208  C CG  . GLU A 1 27  ? 5.628   9.882   -7.820  1.00 20.55 ? 1104 GLU A CG  1 
ATOM   209  C CD  . GLU A 1 27  ? 5.580   10.350  -9.261  1.00 36.05 ? 1104 GLU A CD  1 
ATOM   210  O OE1 . GLU A 1 27  ? 4.488   10.308  -9.867  1.00 38.61 ? 1104 GLU A OE1 1 
ATOM   211  O OE2 . GLU A 1 27  ? 6.634   10.757  -9.792  1.00 35.82 ? 1104 GLU A OE2 1 
ATOM   212  N N   . ILE A 1 28  ? 5.305   10.035  -4.449  1.00 17.57 ? 1105 ILE A N   1 
ATOM   213  C CA  . ILE A 1 28  ? 5.198   11.154  -3.522  1.00 20.24 ? 1105 ILE A CA  1 
ATOM   214  C C   . ILE A 1 28  ? 5.177   12.457  -4.311  1.00 20.53 ? 1105 ILE A C   1 
ATOM   215  O O   . ILE A 1 28  ? 6.098   12.741  -5.086  1.00 21.98 ? 1105 ILE A O   1 
ATOM   216  C CB  . ILE A 1 28  ? 6.381   11.140  -2.537  1.00 21.69 ? 1105 ILE A CB  1 
ATOM   217  C CG1 . ILE A 1 28  ? 6.657   9.713   -2.036  1.00 23.69 ? 1105 ILE A CG1 1 
ATOM   218  C CG2 . ILE A 1 28  ? 6.183   12.178  -1.429  1.00 17.71 ? 1105 ILE A CG2 1 
ATOM   219  C CD1 . ILE A 1 28  ? 5.513   9.072   -1.271  1.00 22.60 ? 1105 ILE A CD1 1 
ATOM   220  N N   . LEU A 1 29  ? 4.145   13.269  -4.108  1.00 24.04 ? 1106 LEU A N   1 
ATOM   221  C CA  . LEU A 1 29  ? 4.040   14.534  -4.823  1.00 29.37 ? 1106 LEU A CA  1 
ATOM   222  C C   . LEU A 1 29  ? 4.023   15.752  -3.914  1.00 27.98 ? 1106 LEU A C   1 
ATOM   223  O O   . LEU A 1 29  ? 4.118   16.875  -4.413  1.00 24.26 ? 1106 LEU A O   1 
ATOM   224  C CB  . LEU A 1 29  ? 2.787   14.548  -5.713  1.00 26.96 ? 1106 LEU A CB  1 
ATOM   225  C CG  . LEU A 1 29  ? 2.758   13.505  -6.837  1.00 23.84 ? 1106 LEU A CG  1 
ATOM   226  C CD1 . LEU A 1 29  ? 1.544   13.750  -7.719  1.00 27.52 ? 1106 LEU A CD1 1 
ATOM   227  C CD2 . LEU A 1 29  ? 4.060   13.513  -7.677  1.00 21.83 ? 1106 LEU A CD2 1 
ATOM   228  N N   . THR A 1 30  ? 3.907   15.570  -2.605  1.00 26.91 ? 1107 THR A N   1 
ATOM   229  C CA  . THR A 1 30  ? 3.963   16.664  -1.651  1.00 22.11 ? 1107 THR A CA  1 
ATOM   230  C C   . THR A 1 30  ? 4.804   16.206  -0.473  1.00 23.05 ? 1107 THR A C   1 
ATOM   231  O O   . THR A 1 30  ? 5.131   15.023  -0.342  1.00 22.47 ? 1107 THR A O   1 
ATOM   232  C CB  . THR A 1 30  ? 2.570   17.098  -1.174  1.00 20.05 ? 1107 THR A CB  1 
ATOM   233  O OG1 . THR A 1 30  ? 1.796   15.939  -0.844  1.00 24.22 ? 1107 THR A OG1 1 
ATOM   234  C CG2 . THR A 1 30  ? 1.841   17.905  -2.244  1.00 22.53 ? 1107 THR A CG2 1 
ATOM   235  N N   . ALA A 1 31  ? 5.150   17.148  0.401   1.00 23.15 ? 1108 ALA A N   1 
ATOM   236  C CA  . ALA A 1 31  ? 6.113   16.880  1.467   1.00 16.76 ? 1108 ALA A CA  1 
ATOM   237  C C   . ALA A 1 31  ? 5.453   16.695  2.829   1.00 22.14 ? 1108 ALA A C   1 
ATOM   238  O O   . ALA A 1 31  ? 6.153   16.619  3.845   1.00 27.22 ? 1108 ALA A O   1 
ATOM   239  C CB  . ALA A 1 31  ? 7.152   18.012  1.523   1.00 21.86 ? 1108 ALA A CB  1 
ATOM   240  N N   . GLY A 1 32  ? 4.128   16.643  2.879   1.00 22.52 ? 1109 GLY A N   1 
ATOM   241  C CA  . GLY A 1 32  ? 3.412   16.516  4.125   1.00 25.39 ? 1109 GLY A CA  1 
ATOM   242  C C   . GLY A 1 32  ? 3.081   15.077  4.480   1.00 21.72 ? 1109 GLY A C   1 
ATOM   243  O O   . GLY A 1 32  ? 3.606   14.127  3.902   1.00 24.42 ? 1109 GLY A O   1 
ATOM   244  N N   . PRO A 1 33  ? 2.209   14.894  5.465   1.00 21.42 ? 1110 PRO A N   1 
ATOM   245  C CA  . PRO A 1 33  ? 1.989   13.547  6.003   1.00 25.36 ? 1110 PRO A CA  1 
ATOM   246  C C   . PRO A 1 33  ? 1.152   12.690  5.060   1.00 25.50 ? 1110 PRO A C   1 
ATOM   247  O O   . PRO A 1 33  ? 0.082   13.101  4.612   1.00 23.73 ? 1110 PRO A O   1 
ATOM   248  C CB  . PRO A 1 33  ? 1.262   13.807  7.327   1.00 20.36 ? 1110 PRO A CB  1 
ATOM   249  C CG  . PRO A 1 33  ? 0.717   15.222  7.214   1.00 16.50 ? 1110 PRO A CG  1 
ATOM   250  C CD  . PRO A 1 33  ? 1.616   15.954  6.301   1.00 23.28 ? 1110 PRO A CD  1 
ATOM   251  N N   . MET A 1 34  ? 1.655   11.493  4.761   1.00 27.24 ? 1111 MET A N   1 
ATOM   252  C CA  . MET A 1 34  ? 0.946   10.523  3.929   1.00 18.10 ? 1111 MET A CA  1 
ATOM   253  C C   . MET A 1 34  ? 1.346   9.118   4.358   1.00 20.55 ? 1111 MET A C   1 
ATOM   254  O O   . MET A 1 34  ? 2.429   8.918   4.916   1.00 22.11 ? 1111 MET A O   1 
ATOM   255  C CB  . MET A 1 34  ? 1.260   10.718  2.446   1.00 18.59 ? 1111 MET A CB  1 
ATOM   256  C CG  . MET A 1 34  ? 0.480   11.828  1.806   1.00 29.11 ? 1111 MET A CG  1 
ATOM   257  S SD  . MET A 1 34  ? 1.167   12.223  0.190   1.00 41.18 ? 1111 MET A SD  1 
ATOM   258  C CE  . MET A 1 34  ? 2.453   11.016  0.093   1.00 17.85 ? 1111 MET A CE  1 
ATOM   259  N N   . ARG A 1 35  ? 0.461   8.156   4.076   1.00 19.97 ? 1112 ARG A N   1 
ATOM   260  C CA  . ARG A 1 35  ? 0.638   6.738   4.377   1.00 24.15 ? 1112 ARG A CA  1 
ATOM   261  C C   . ARG A 1 35  ? 0.123   5.914   3.206   1.00 21.36 ? 1112 ARG A C   1 
ATOM   262  O O   . ARG A 1 35  ? -0.860  6.284   2.555   1.00 22.12 ? 1112 ARG A O   1 
ATOM   263  C CB  . ARG A 1 35  ? -0.142  6.300   5.622   1.00 22.57 ? 1112 ARG A CB  1 
ATOM   264  C CG  . ARG A 1 35  ? 0.043   7.154   6.820   1.00 26.68 ? 1112 ARG A CG  1 
ATOM   265  C CD  . ARG A 1 35  ? -0.896  6.742   7.938   1.00 14.72 ? 1112 ARG A CD  1 
ATOM   266  N NE  . ARG A 1 35  ? -0.501  7.427   9.162   1.00 27.91 ? 1112 ARG A NE  1 
ATOM   267  C CZ  . ARG A 1 35  ? -0.936  7.119   10.375  1.00 40.86 ? 1112 ARG A CZ  1 
ATOM   268  N NH1 . ARG A 1 35  ? -1.783  6.113   10.540  1.00 30.83 ? 1112 ARG A NH1 1 
ATOM   269  N NH2 . ARG A 1 35  ? -0.516  7.822   11.417  1.00 39.89 ? 1112 ARG A NH2 1 
ATOM   270  N N   . VAL A 1 36  ? 0.760   4.771   2.961   1.00 19.83 ? 1113 VAL A N   1 
ATOM   271  C CA  . VAL A 1 36  ? 0.350   3.887   1.877   1.00 20.50 ? 1113 VAL A CA  1 
ATOM   272  C C   . VAL A 1 36  ? 0.469   2.441   2.335   1.00 19.87 ? 1113 VAL A C   1 
ATOM   273  O O   . VAL A 1 36  ? 1.360   2.079   3.109   1.00 19.26 ? 1113 VAL A O   1 
ATOM   274  C CB  . VAL A 1 36  ? 1.191   4.118   0.604   1.00 21.23 ? 1113 VAL A CB  1 
ATOM   275  C CG1 . VAL A 1 36  ? 2.608   3.702   0.863   1.00 21.53 ? 1113 VAL A CG1 1 
ATOM   276  C CG2 . VAL A 1 36  ? 0.603   3.351   -0.608  1.00 19.62 ? 1113 VAL A CG2 1 
ATOM   277  N N   . GLY A 1 37  ? -0.430  1.606   1.828   1.00 23.17 ? 1114 GLY A N   1 
ATOM   278  C CA  . GLY A 1 37  ? -0.384  0.192   2.150   1.00 18.83 ? 1114 GLY A CA  1 
ATOM   279  C C   . GLY A 1 37  ? -1.570  -0.548  1.574   1.00 18.45 ? 1114 GLY A C   1 
ATOM   280  O O   . GLY A 1 37  ? -1.987  -0.278  0.443   1.00 16.82 ? 1114 GLY A O   1 
ATOM   281  N N   . TRP A 1 38  ? -2.135  -1.460  2.365   1.00 16.04 ? 1115 TRP A N   1 
ATOM   282  C CA  . TRP A 1 38  ? -3.204  -2.353  1.940   1.00 16.18 ? 1115 TRP A CA  1 
ATOM   283  C C   . TRP A 1 38  ? -4.273  -2.380  3.015   1.00 20.82 ? 1115 TRP A C   1 
ATOM   284  O O   . TRP A 1 38  ? -3.960  -2.337  4.207   1.00 16.89 ? 1115 TRP A O   1 
ATOM   285  C CB  . TRP A 1 38  ? -2.700  -3.780  1.709   1.00 17.81 ? 1115 TRP A CB  1 
ATOM   286  C CG  . TRP A 1 38  ? -1.622  -3.879  0.716   1.00 20.30 ? 1115 TRP A CG  1 
ATOM   287  C CD1 . TRP A 1 38  ? -0.284  -3.813  0.950   1.00 17.11 ? 1115 TRP A CD1 1 
ATOM   288  C CD2 . TRP A 1 38  ? -1.778  -4.085  -0.683  1.00 20.34 ? 1115 TRP A CD2 1 
ATOM   289  N NE1 . TRP A 1 38  ? 0.410   -3.960  -0.223  1.00 25.32 ? 1115 TRP A NE1 1 
ATOM   290  C CE2 . TRP A 1 38  ? -0.487  -4.129  -1.245  1.00 24.63 ? 1115 TRP A CE2 1 
ATOM   291  C CE3 . TRP A 1 38  ? -2.889  -4.253  -1.518  1.00 24.31 ? 1115 TRP A CE3 1 
ATOM   292  C CZ2 . TRP A 1 38  ? -0.275  -4.325  -2.605  1.00 20.49 ? 1115 TRP A CZ2 1 
ATOM   293  C CZ3 . TRP A 1 38  ? -2.675  -4.446  -2.868  1.00 19.79 ? 1115 TRP A CZ3 1 
ATOM   294  C CH2 . TRP A 1 38  ? -1.381  -4.483  -3.398  1.00 15.62 ? 1115 TRP A CH2 1 
ATOM   295  N N   . ALA A 1 39  ? -5.528  -2.459  2.596   1.00 18.07 ? 1116 ALA A N   1 
ATOM   296  C CA  . ALA A 1 39  ? -6.646  -2.451  3.524   1.00 18.24 ? 1116 ALA A CA  1 
ATOM   297  C C   . ALA A 1 39  ? -7.643  -3.542  3.163   1.00 23.16 ? 1116 ALA A C   1 
ATOM   298  O O   . ALA A 1 39  ? -7.855  -3.840  1.980   1.00 22.34 ? 1116 ALA A O   1 
ATOM   299  C CB  . ALA A 1 39  ? -7.344  -1.081  3.523   1.00 21.09 ? 1116 ALA A CB  1 
ATOM   300  N N   . HIS A 1 40  ? -8.242  -4.145  4.193   1.00 20.07 ? 1117 HIS A N   1 
ATOM   301  C CA  . HIS A 1 40  ? -9.498  -4.850  3.999   1.00 19.65 ? 1117 HIS A CA  1 
ATOM   302  C C   . HIS A 1 40  ? -10.503 -3.890  3.387   1.00 28.58 ? 1117 HIS A C   1 
ATOM   303  O O   . HIS A 1 40  ? -10.663 -2.765  3.869   1.00 19.45 ? 1117 HIS A O   1 
ATOM   304  C CB  . HIS A 1 40  ? -10.047 -5.378  5.327   1.00 19.41 ? 1117 HIS A CB  1 
ATOM   305  C CG  . HIS A 1 40  ? -9.197  -6.424  5.970   1.00 20.77 ? 1117 HIS A CG  1 
ATOM   306  N ND1 . HIS A 1 40  ? -9.394  -6.847  7.266   1.00 25.19 ? 1117 HIS A ND1 1 
ATOM   307  C CD2 . HIS A 1 40  ? -8.173  -7.165  5.483   1.00 19.25 ? 1117 HIS A CD2 1 
ATOM   308  C CE1 . HIS A 1 40  ? -8.507  -7.780  7.562   1.00 27.01 ? 1117 HIS A CE1 1 
ATOM   309  N NE2 . HIS A 1 40  ? -7.753  -7.991  6.498   1.00 23.28 ? 1117 HIS A NE2 1 
ATOM   310  N N   . ALA A 1 41  ? -11.204 -4.345  2.341   1.00 20.82 ? 1118 ALA A N   1 
ATOM   311  C CA  . ALA A 1 41  ? -12.136 -3.466  1.641   1.00 26.65 ? 1118 ALA A CA  1 
ATOM   312  C C   . ALA A 1 41  ? -13.285 -3.017  2.540   1.00 26.94 ? 1118 ALA A C   1 
ATOM   313  O O   . ALA A 1 41  ? -13.797 -1.902  2.380   1.00 32.43 ? 1118 ALA A O   1 
ATOM   314  C CB  . ALA A 1 41  ? -12.681 -4.151  0.381   1.00 25.54 ? 1118 ALA A CB  1 
ATOM   315  N N   . ASP A 1 42  ? -13.715 -3.860  3.477   1.00 23.21 ? 1119 ASP A N   1 
ATOM   316  C CA  . ASP A 1 42  ? -14.751 -3.478  4.423   1.00 23.81 ? 1119 ASP A CA  1 
ATOM   317  C C   . ASP A 1 42  ? -14.188 -2.845  5.696   1.00 30.49 ? 1119 ASP A C   1 
ATOM   318  O O   . ASP A 1 42  ? -14.876 -2.820  6.721   1.00 33.48 ? 1119 ASP A O   1 
ATOM   319  C CB  . ASP A 1 42  ? -15.627 -4.683  4.773   1.00 23.19 ? 1119 ASP A CB  1 
ATOM   320  C CG  . ASP A 1 42  ? -14.874 -5.748  5.520   1.00 33.05 ? 1119 ASP A CG  1 
ATOM   321  O OD1 . ASP A 1 42  ? -13.624 -5.706  5.514   1.00 35.68 ? 1119 ASP A OD1 1 
ATOM   322  O OD2 . ASP A 1 42  ? -15.528 -6.626  6.118   1.00 35.49 ? 1119 ASP A OD2 1 
ATOM   323  N N   . MET A 1 43  ? -12.963 -2.335  5.659   1.00 25.04 ? 1120 MET A N   1 
ATOM   324  C CA  . MET A 1 43  ? -12.464 -1.575  6.796   1.00 27.75 ? 1120 MET A CA  1 
ATOM   325  C C   . MET A 1 43  ? -13.465 -0.477  7.137   1.00 28.14 ? 1120 MET A C   1 
ATOM   326  O O   . MET A 1 43  ? -14.080 0.096   6.232   1.00 33.82 ? 1120 MET A O   1 
ATOM   327  C CB  . MET A 1 43  ? -11.094 -0.961  6.489   1.00 22.66 ? 1120 MET A CB  1 
ATOM   328  C CG  . MET A 1 43  ? -10.667 0.123   7.469   1.00 29.44 ? 1120 MET A CG  1 
ATOM   329  S SD  . MET A 1 43  ? -9.009  0.771   7.146   1.00 33.77 ? 1120 MET A SD  1 
ATOM   330  C CE  . MET A 1 43  ? -9.171  1.363   5.462   1.00 23.36 ? 1120 MET A CE  1 
ATOM   331  N N   . PRO A 1 44  ? -13.627 -0.133  8.410   1.00 38.59 ? 1121 PRO A N   1 
ATOM   332  C CA  . PRO A 1 44  ? -14.636 0.868   8.802   1.00 32.90 ? 1121 PRO A CA  1 
ATOM   333  C C   . PRO A 1 44  ? -14.459 2.168   8.033   1.00 25.72 ? 1121 PRO A C   1 
ATOM   334  O O   . PRO A 1 44  ? -13.336 2.659   7.871   1.00 25.44 ? 1121 PRO A O   1 
ATOM   335  C CB  . PRO A 1 44  ? -14.368 1.062   10.301  1.00 37.63 ? 1121 PRO A CB  1 
ATOM   336  N N   . PRO A 1 45  ? -15.544 2.764   7.545   1.00 36.42 ? 1122 PRO A N   1 
ATOM   337  C CA  . PRO A 1 45  ? -15.401 3.993   6.754   1.00 32.87 ? 1122 PRO A CA  1 
ATOM   338  C C   . PRO A 1 45  ? -14.706 5.093   7.546   1.00 31.53 ? 1122 PRO A C   1 
ATOM   339  O O   . PRO A 1 45  ? -14.954 5.274   8.738   1.00 39.85 ? 1122 PRO A O   1 
ATOM   340  C CB  . PRO A 1 45  ? -16.848 4.368   6.415   1.00 40.52 ? 1122 PRO A CB  1 
ATOM   341  N N   . GLY A 1 46  ? -13.827 5.837   6.864   1.00 27.66 ? 1123 GLY A N   1 
ATOM   342  C CA  . GLY A 1 46  ? -13.126 6.951   7.474   1.00 25.53 ? 1123 GLY A CA  1 
ATOM   343  C C   . GLY A 1 46  ? -11.873 6.592   8.240   1.00 28.89 ? 1123 GLY A C   1 
ATOM   344  O O   . GLY A 1 46  ? -11.110 7.491   8.609   1.00 28.16 ? 1123 GLY A O   1 
ATOM   345  N N   . MET A 1 47  ? -11.632 5.315   8.495   1.00 26.89 ? 1124 MET A N   1 
ATOM   346  C CA  . MET A 1 47  ? -10.437 4.916   9.221   1.00 31.37 ? 1124 MET A CA  1 
ATOM   347  C C   . MET A 1 47  ? -9.193  5.266   8.424   1.00 27.62 ? 1124 MET A C   1 
ATOM   348  O O   . MET A 1 47  ? -9.136  5.042   7.215   1.00 29.73 ? 1124 MET A O   1 
ATOM   349  C CB  . MET A 1 47  ? -10.466 3.415   9.496   1.00 25.12 ? 1124 MET A CB  1 
ATOM   350  C CG  . MET A 1 47  ? -9.369  2.951   10.430  1.00 35.00 ? 1124 MET A CG  1 
ATOM   351  S SD  . MET A 1 47  ? -9.917  3.143   12.125  1.00 36.72 ? 1124 MET A SD  1 
ATOM   352  C CE  . MET A 1 47  ? -11.459 2.236   12.055  1.00 26.66 ? 1124 MET A CE  1 
ATOM   353  N N   . MET A 1 48  ? -8.199  5.829   9.105   1.00 25.32 ? 1125 MET A N   1 
ATOM   354  C CA  . MET A 1 48  ? -6.881  6.018   8.523   1.00 23.30 ? 1125 MET A CA  1 
ATOM   355  C C   . MET A 1 48  ? -6.144  4.689   8.421   1.00 29.07 ? 1125 MET A C   1 
ATOM   356  O O   . MET A 1 48  ? -6.395  3.758   9.194   1.00 24.15 ? 1125 MET A O   1 
ATOM   357  C CB  . MET A 1 48  ? -6.049  6.966   9.378   1.00 20.30 ? 1125 MET A CB  1 
ATOM   358  C CG  . MET A 1 48  ? -6.642  8.351   9.534   1.00 38.24 ? 1125 MET A CG  1 
ATOM   359  S SD  . MET A 1 48  ? -5.639  9.334   10.664  1.00 38.15 ? 1125 MET A SD  1 
ATOM   360  C CE  . MET A 1 48  ? -3.990  8.843   10.170  1.00 32.38 ? 1125 MET A CE  1 
ATOM   361  N N   . LEU A 1 49  ? -5.188  4.619   7.492   1.00 21.64 ? 1126 LEU A N   1 
ATOM   362  C CA  . LEU A 1 49  ? -4.417  3.393   7.332   1.00 20.92 ? 1126 LEU A CA  1 
ATOM   363  C C   . LEU A 1 49  ? -3.612  3.087   8.585   1.00 22.44 ? 1126 LEU A C   1 
ATOM   364  O O   . LEU A 1 49  ? -3.044  3.979   9.225   1.00 26.83 ? 1126 LEU A O   1 
ATOM   365  C CB  . LEU A 1 49  ? -3.475  3.469   6.133   1.00 20.00 ? 1126 LEU A CB  1 
ATOM   366  C CG  . LEU A 1 49  ? -4.033  3.286   4.726   1.00 32.78 ? 1126 LEU A CG  1 
ATOM   367  C CD1 . LEU A 1 49  ? -2.957  2.706   3.823   1.00 24.59 ? 1126 LEU A CD1 1 
ATOM   368  C CD2 . LEU A 1 49  ? -5.265  2.406   4.751   1.00 25.32 ? 1126 LEU A CD2 1 
ATOM   369  N N   . GLY A 1 50  ? -3.569  1.803   8.922   1.00 23.71 ? 1127 GLY A N   1 
ATOM   370  C CA  . GLY A 1 50  ? -2.868  1.345   10.083  1.00 23.20 ? 1127 GLY A CA  1 
ATOM   371  C C   . GLY A 1 50  ? -3.530  1.668   11.393  1.00 23.89 ? 1127 GLY A C   1 
ATOM   372  O O   . GLY A 1 50  ? -3.027  1.234   12.426  1.00 21.45 ? 1127 GLY A O   1 
ATOM   373  N N   . GLN A 1 51  ? -4.650  2.398   11.391  1.00 26.25 ? 1128 GLN A N   1 
ATOM   374  C CA  . GLN A 1 51  ? -5.292  2.810   12.637  1.00 19.37 ? 1128 GLN A CA  1 
ATOM   375  C C   . GLN A 1 51  ? -5.996  1.669   13.367  1.00 28.33 ? 1128 GLN A C   1 
ATOM   376  O O   . GLN A 1 51  ? -6.224  1.774   14.577  1.00 29.91 ? 1128 GLN A O   1 
ATOM   377  C CB  . GLN A 1 51  ? -6.297  3.922   12.348  1.00 29.51 ? 1128 GLN A CB  1 
ATOM   378  C CG  . GLN A 1 51  ? -6.391  4.994   13.413  1.00 27.00 ? 1128 GLN A CG  1 
ATOM   379  C CD  . GLN A 1 51  ? -7.397  6.082   13.058  1.00 40.00 ? 1128 GLN A CD  1 
ATOM   380  O OE1 . GLN A 1 51  ? -8.000  6.078   11.971  1.00 24.85 ? 1128 GLN A OE1 1 
ATOM   381  N NE2 . GLN A 1 51  ? -7.573  7.029   13.970  1.00 32.19 ? 1128 GLN A NE2 1 
ATOM   382  N N   . ASP A 1 52  ? -6.363  0.593   12.682  1.00 24.52 ? 1129 ASP A N   1 
ATOM   383  C CA  . ASP A 1 52  ? -6.985  -0.550  13.346  1.00 29.32 ? 1129 ASP A CA  1 
ATOM   384  C C   . ASP A 1 52  ? -6.326  -1.824  12.821  1.00 25.72 ? 1129 ASP A C   1 
ATOM   385  O O   . ASP A 1 52  ? -5.218  -1.814  12.267  1.00 24.17 ? 1129 ASP A O   1 
ATOM   386  C CB  . ASP A 1 52  ? -8.520  -0.536  13.186  1.00 27.14 ? 1129 ASP A CB  1 
ATOM   387  C CG  . ASP A 1 52  ? -8.986  -0.887  11.776  1.00 29.37 ? 1129 ASP A CG  1 
ATOM   388  O OD1 . ASP A 1 52  ? -8.144  -0.950  10.859  1.00 28.10 ? 1129 ASP A OD1 1 
ATOM   389  O OD2 . ASP A 1 52  ? -10.210 -1.081  11.581  1.00 27.85 ? 1129 ASP A OD2 1 
ATOM   390  N N   . GLU A 1 53  ? -6.993  -2.953  13.029  1.00 22.05 ? 1130 GLU A N   1 
ATOM   391  C CA  . GLU A 1 53  ? -6.452  -4.246  12.637  1.00 27.02 ? 1130 GLU A CA  1 
ATOM   392  C C   . GLU A 1 53  ? -6.749  -4.595  11.190  1.00 22.93 ? 1130 GLU A C   1 
ATOM   393  O O   . GLU A 1 53  ? -6.365  -5.681  10.733  1.00 17.77 ? 1130 GLU A O   1 
ATOM   394  C CB  . GLU A 1 53  ? -7.005  -5.349  13.538  1.00 34.15 ? 1130 GLU A CB  1 
ATOM   395  C CG  . GLU A 1 53  ? -8.449  -5.681  13.250  1.00 28.66 ? 1130 GLU A CG  1 
ATOM   396  C CD  . GLU A 1 53  ? -9.083  -6.471  14.368  1.00 38.74 ? 1130 GLU A CD  1 
ATOM   397  O OE1 . GLU A 1 53  ? -8.773  -6.179  15.549  1.00 51.67 ? 1130 GLU A OE1 1 
ATOM   398  O OE2 . GLU A 1 53  ? -9.887  -7.379  14.068  1.00 42.96 ? 1130 GLU A OE2 1 
ATOM   399  N N   . ASN A 1 54  ? -7.407  -3.697  10.460  1.00 26.41 ? 1131 ASN A N   1 
ATOM   400  C CA  . ASN A 1 54  ? -7.873  -3.955  9.111   1.00 22.16 ? 1131 ASN A CA  1 
ATOM   401  C C   . ASN A 1 54  ? -7.011  -3.305  8.027   1.00 21.22 ? 1131 ASN A C   1 
ATOM   402  O O   . ASN A 1 54  ? -7.345  -3.417  6.846   1.00 22.05 ? 1131 ASN A O   1 
ATOM   403  C CB  . ASN A 1 54  ? -9.328  -3.489  8.987   1.00 17.65 ? 1131 ASN A CB  1 
ATOM   404  C CG  . ASN A 1 54  ? -10.267 -4.316  9.846   1.00 25.72 ? 1131 ASN A CG  1 
ATOM   405  O OD1 . ASN A 1 54  ? -10.289 -5.533  9.741   1.00 24.45 ? 1131 ASN A OD1 1 
ATOM   406  N ND2 . ASN A 1 54  ? -11.019 -3.664  10.716  1.00 29.11 ? 1131 ASN A ND2 1 
ATOM   407  N N   . SER A 1 55  ? -5.929  -2.619  8.377   1.00 23.37 ? 1132 SER A N   1 
ATOM   408  C CA  . SER A 1 55  ? -5.065  -2.113  7.318   1.00 16.96 ? 1132 SER A CA  1 
ATOM   409  C C   . SER A 1 55  ? -3.669  -1.898  7.869   1.00 22.99 ? 1132 SER A C   1 
ATOM   410  O O   . SER A 1 55  ? -3.469  -1.751  9.075   1.00 20.87 ? 1132 SER A O   1 
ATOM   411  C CB  . SER A 1 55  ? -5.622  -0.825  6.685   1.00 23.51 ? 1132 SER A CB  1 
ATOM   412  O OG  . SER A 1 55  ? -5.664  0.261   7.592   1.00 22.75 ? 1132 SER A OG  1 
ATOM   413  N N   . TRP A 1 56  ? -2.702  -1.906  6.952   1.00 20.72 ? 1133 TRP A N   1 
ATOM   414  C CA  . TRP A 1 56  ? -1.282  -1.854  7.266   1.00 20.46 ? 1133 TRP A CA  1 
ATOM   415  C C   . TRP A 1 56  ? -0.663  -0.736  6.452   1.00 17.08 ? 1133 TRP A C   1 
ATOM   416  O O   . TRP A 1 56  ? -0.981  -0.580  5.271   1.00 20.56 ? 1133 TRP A O   1 
ATOM   417  C CB  . TRP A 1 56  ? -0.574  -3.181  6.923   1.00 19.15 ? 1133 TRP A CB  1 
ATOM   418  C CG  . TRP A 1 56  ? -0.984  -4.385  7.749   1.00 12.60 ? 1133 TRP A CG  1 
ATOM   419  C CD1 . TRP A 1 56  ? -0.258  -4.982  8.753   1.00 14.77 ? 1133 TRP A CD1 1 
ATOM   420  C CD2 . TRP A 1 56  ? -2.182  -5.164  7.604   1.00 21.37 ? 1133 TRP A CD2 1 
ATOM   421  N NE1 . TRP A 1 56  ? -0.943  -6.064  9.254   1.00 17.99 ? 1133 TRP A NE1 1 
ATOM   422  C CE2 . TRP A 1 56  ? -2.129  -6.195  8.565   1.00 18.96 ? 1133 TRP A CE2 1 
ATOM   423  C CE3 . TRP A 1 56  ? -3.307  -5.076  6.764   1.00 18.77 ? 1133 TRP A CE3 1 
ATOM   424  C CZ2 . TRP A 1 56  ? -3.154  -7.140  8.706   1.00 20.92 ? 1133 TRP A CZ2 1 
ATOM   425  C CZ3 . TRP A 1 56  ? -4.325  -6.024  6.911   1.00 17.89 ? 1133 TRP A CZ3 1 
ATOM   426  C CH2 . TRP A 1 56  ? -4.239  -7.034  7.872   1.00 22.17 ? 1133 TRP A CH2 1 
ATOM   427  N N   . ALA A 1 57  ? 0.231   0.031   7.059   1.00 17.66 ? 1134 ALA A N   1 
ATOM   428  C CA  . ALA A 1 57  ? 0.696   1.229   6.379   1.00 22.45 ? 1134 ALA A CA  1 
ATOM   429  C C   . ALA A 1 57  ? 2.178   1.468   6.628   1.00 30.30 ? 1134 ALA A C   1 
ATOM   430  O O   . ALA A 1 57  ? 2.722   1.123   7.688   1.00 18.82 ? 1134 ALA A O   1 
ATOM   431  C CB  . ALA A 1 57  ? -0.111  2.455   6.815   1.00 25.23 ? 1134 ALA A CB  1 
ATOM   432  N N   . PHE A 1 58  ? 2.817   2.047   5.610   1.00 17.00 ? 1135 PHE A N   1 
ATOM   433  C CA  . PHE A 1 58  ? 4.125   2.679   5.719   1.00 22.54 ? 1135 PHE A CA  1 
ATOM   434  C C   . PHE A 1 58  ? 3.906   4.190   5.718   1.00 23.67 ? 1135 PHE A C   1 
ATOM   435  O O   . PHE A 1 58  ? 3.322   4.731   4.775   1.00 19.73 ? 1135 PHE A O   1 
ATOM   436  C CB  . PHE A 1 58  ? 5.024   2.263   4.556   1.00 18.60 ? 1135 PHE A CB  1 
ATOM   437  C CG  . PHE A 1 58  ? 6.313   3.023   4.480   1.00 22.23 ? 1135 PHE A CG  1 
ATOM   438  C CD1 . PHE A 1 58  ? 7.050   3.293   5.632   1.00 22.90 ? 1135 PHE A CD1 1 
ATOM   439  C CD2 . PHE A 1 58  ? 6.814   3.441   3.256   1.00 22.08 ? 1135 PHE A CD2 1 
ATOM   440  C CE1 . PHE A 1 58  ? 8.246   3.986   5.568   1.00 22.57 ? 1135 PHE A CE1 1 
ATOM   441  C CE2 . PHE A 1 58  ? 8.013   4.134   3.187   1.00 29.36 ? 1135 PHE A CE2 1 
ATOM   442  C CZ  . PHE A 1 58  ? 8.729   4.407   4.346   1.00 19.03 ? 1135 PHE A CZ  1 
ATOM   443  N N   . ASP A 1 59  ? 4.333   4.858   6.788   1.00 26.62 ? 1136 ASP A N   1 
ATOM   444  C CA  . ASP A 1 59  ? 4.214   6.314   6.933   1.00 18.75 ? 1136 ASP A CA  1 
ATOM   445  C C   . ASP A 1 59  ? 5.592   6.883   6.604   1.00 21.41 ? 1136 ASP A C   1 
ATOM   446  O O   . ASP A 1 59  ? 6.433   7.096   7.483   1.00 22.88 ? 1136 ASP A O   1 
ATOM   447  C CB  . ASP A 1 59  ? 3.752   6.674   8.346   1.00 25.04 ? 1136 ASP A CB  1 
ATOM   448  C CG  . ASP A 1 59  ? 3.636   8.192   8.581   1.00 26.73 ? 1136 ASP A CG  1 
ATOM   449  O OD1 . ASP A 1 59  ? 4.161   8.987   7.776   1.00 26.33 ? 1136 ASP A OD1 1 
ATOM   450  O OD2 . ASP A 1 59  ? 3.011   8.588   9.594   1.00 24.95 ? 1136 ASP A OD2 1 
ATOM   451  N N   . GLY A 1 60  ? 5.830   7.116   5.319   1.00 21.91 ? 1137 GLY A N   1 
ATOM   452  C CA  . GLY A 1 60  ? 7.115   7.627   4.894   1.00 24.18 ? 1137 GLY A CA  1 
ATOM   453  C C   . GLY A 1 60  ? 7.411   9.031   5.362   1.00 29.68 ? 1137 GLY A C   1 
ATOM   454  O O   . GLY A 1 60  ? 8.566   9.452   5.277   1.00 31.02 ? 1137 GLY A O   1 
ATOM   455  N N   . TYR A 1 61  ? 6.407   9.763   5.851   1.00 32.42 ? 1138 TYR A N   1 
ATOM   456  C CA  . TYR A 1 61  ? 6.644   11.109  6.369   1.00 26.72 ? 1138 TYR A CA  1 
ATOM   457  C C   . TYR A 1 61  ? 7.254   11.052  7.760   1.00 28.94 ? 1138 TYR A C   1 
ATOM   458  O O   . TYR A 1 61  ? 8.235   11.749  8.046   1.00 27.65 ? 1138 TYR A O   1 
ATOM   459  C CB  . TYR A 1 61  ? 5.329   11.884  6.397   1.00 26.93 ? 1138 TYR A CB  1 
ATOM   460  C CG  . TYR A 1 61  ? 5.356   13.215  7.138   1.00 28.97 ? 1138 TYR A CG  1 
ATOM   461  C CD1 . TYR A 1 61  ? 5.882   14.362  6.542   1.00 30.91 ? 1138 TYR A CD1 1 
ATOM   462  C CD2 . TYR A 1 61  ? 4.799   13.339  8.403   1.00 25.95 ? 1138 TYR A CD2 1 
ATOM   463  C CE1 . TYR A 1 61  ? 5.880   15.580  7.205   1.00 31.42 ? 1138 TYR A CE1 1 
ATOM   464  C CE2 . TYR A 1 61  ? 4.799   14.558  9.073   1.00 29.70 ? 1138 TYR A CE2 1 
ATOM   465  C CZ  . TYR A 1 61  ? 5.338   15.672  8.463   1.00 31.31 ? 1138 TYR A CZ  1 
ATOM   466  O OH  . TYR A 1 61  ? 5.334   16.878  9.122   1.00 34.70 ? 1138 TYR A OH  1 
ATOM   467  N N   . ASN A 1 62  ? 6.661   10.249  8.641   1.00 22.99 ? 1139 ASN A N   1 
ATOM   468  C CA  . ASN A 1 62  ? 7.153   10.019  9.991   1.00 26.82 ? 1139 ASN A CA  1 
ATOM   469  C C   . ASN A 1 62  ? 8.171   8.890   10.060  1.00 25.71 ? 1139 ASN A C   1 
ATOM   470  O O   . ASN A 1 62  ? 8.750   8.657   11.123  1.00 25.98 ? 1139 ASN A O   1 
ATOM   471  C CB  . ASN A 1 62  ? 5.976   9.708   10.923  1.00 28.36 ? 1139 ASN A CB  1 
ATOM   472  C CG  . ASN A 1 62  ? 5.156   10.934  11.228  1.00 29.71 ? 1139 ASN A CG  1 
ATOM   473  O OD1 . ASN A 1 62  ? 5.695   11.920  11.700  1.00 27.13 ? 1139 ASN A OD1 1 
ATOM   474  N ND2 . ASN A 1 62  ? 3.855   10.890  10.939  1.00 23.29 ? 1139 ASN A ND2 1 
ATOM   475  N N   . GLU A 1 63  ? 8.406   8.185   8.956   1.00 23.96 ? 1140 GLU A N   1 
ATOM   476  C CA  . GLU A 1 63  ? 9.361   7.083   8.948   1.00 24.06 ? 1140 GLU A CA  1 
ATOM   477  C C   . GLU A 1 63  ? 8.916   5.971   9.896   1.00 27.09 ? 1140 GLU A C   1 
ATOM   478  O O   . GLU A 1 63  ? 9.680   5.499   10.739  1.00 19.48 ? 1140 GLU A O   1 
ATOM   479  C CB  . GLU A 1 63  ? 10.756  7.581   9.319   1.00 31.69 ? 1140 GLU A CB  1 
ATOM   480  C CG  . GLU A 1 63  ? 11.860  7.082   8.412   1.00 36.49 ? 1140 GLU A CG  1 
ATOM   481  C CD  . GLU A 1 63  ? 13.191  7.706   8.753   1.00 41.59 ? 1140 GLU A CD  1 
ATOM   482  O OE1 . GLU A 1 63  ? 13.726  7.412   9.843   1.00 41.96 ? 1140 GLU A OE1 1 
ATOM   483  O OE2 . GLU A 1 63  ? 13.688  8.509   7.942   1.00 41.89 ? 1140 GLU A OE2 1 
ATOM   484  N N   . GLU A 1 64  ? 7.655   5.559   9.764   1.00 20.93 ? 1141 GLU A N   1 
ATOM   485  C CA  . GLU A 1 64  ? 7.090   4.569   10.667  1.00 21.02 ? 1141 GLU A CA  1 
ATOM   486  C C   . GLU A 1 64  ? 6.190   3.606   9.903   1.00 23.85 ? 1141 GLU A C   1 
ATOM   487  O O   . GLU A 1 64  ? 5.581   3.966   8.892   1.00 21.99 ? 1141 GLU A O   1 
ATOM   488  C CB  . GLU A 1 64  ? 6.290   5.231   11.800  1.00 19.78 ? 1141 GLU A CB  1 
ATOM   489  C CG  . GLU A 1 64  ? 7.067   6.310   12.552  1.00 32.55 ? 1141 GLU A CG  1 
ATOM   490  C CD  . GLU A 1 64  ? 6.224   7.025   13.595  1.00 29.33 ? 1141 GLU A CD  1 
ATOM   491  O OE1 . GLU A 1 64  ? 5.059   7.345   13.299  1.00 23.93 ? 1141 GLU A OE1 1 
ATOM   492  O OE2 . GLU A 1 64  ? 6.726   7.270   14.710  1.00 34.28 ? 1141 GLU A OE2 1 
ATOM   493  N N   . LYS A 1 65  ? 6.123   2.371   10.395  1.00 17.69 ? 1142 LYS A N   1 
ATOM   494  C CA  . LYS A 1 65  ? 5.097   1.432   9.974   1.00 22.23 ? 1142 LYS A CA  1 
ATOM   495  C C   . LYS A 1 65  ? 4.006   1.418   11.035  1.00 20.62 ? 1142 LYS A C   1 
ATOM   496  O O   . LYS A 1 65  ? 4.293   1.584   12.222  1.00 23.07 ? 1142 LYS A O   1 
ATOM   497  C CB  . LYS A 1 65  ? 5.677   0.034   9.748   1.00 18.54 ? 1142 LYS A CB  1 
ATOM   498  C CG  . LYS A 1 65  ? 6.106   -0.717  10.998  1.00 21.26 ? 1142 LYS A CG  1 
ATOM   499  C CD  . LYS A 1 65  ? 6.772   -2.031  10.595  1.00 19.33 ? 1142 LYS A CD  1 
ATOM   500  C CE  . LYS A 1 65  ? 6.756   -3.054  11.706  1.00 26.99 ? 1142 LYS A CE  1 
ATOM   501  N NZ  . LYS A 1 65  ? 7.647   -4.239  11.440  1.00 18.17 ? 1142 LYS A NZ  1 
ATOM   502  N N   . VAL A 1 66  ? 2.750   1.270   10.604  1.00 19.49 ? 1143 VAL A N   1 
ATOM   503  C CA  . VAL A 1 66  ? 1.589   1.490   11.460  1.00 23.61 ? 1143 VAL A CA  1 
ATOM   504  C C   . VAL A 1 66  ? 0.615   0.334   11.283  1.00 17.16 ? 1143 VAL A C   1 
ATOM   505  O O   . VAL A 1 66  ? 0.251   -0.014  10.155  1.00 19.86 ? 1143 VAL A O   1 
ATOM   506  C CB  . VAL A 1 66  ? 0.892   2.832   11.144  1.00 28.97 ? 1143 VAL A CB  1 
ATOM   507  C CG1 . VAL A 1 66  ? -0.118  3.205   12.229  1.00 21.00 ? 1143 VAL A CG1 1 
ATOM   508  C CG2 . VAL A 1 66  ? 1.915   3.938   10.975  1.00 26.72 ? 1143 VAL A CG2 1 
ATOM   509  N N   . TYR A 1 67  ? 0.187   -0.244  12.397  1.00 18.88 ? 1144 TYR A N   1 
ATOM   510  C CA  . TYR A 1 67  ? -0.798  -1.310  12.382  1.00 23.51 ? 1144 TYR A CA  1 
ATOM   511  C C   . TYR A 1 67  ? -1.423  -1.356  13.765  1.00 28.95 ? 1144 TYR A C   1 
ATOM   512  O O   . TYR A 1 67  ? -0.749  -1.103  14.766  1.00 28.00 ? 1144 TYR A O   1 
ATOM   513  C CB  . TYR A 1 67  ? -0.165  -2.660  12.015  1.00 20.81 ? 1144 TYR A CB  1 
ATOM   514  C CG  . TYR A 1 67  ? -1.139  -3.819  12.094  1.00 19.77 ? 1144 TYR A CG  1 
ATOM   515  C CD1 . TYR A 1 67  ? -2.297  -3.815  11.339  1.00 21.91 ? 1144 TYR A CD1 1 
ATOM   516  C CD2 . TYR A 1 67  ? -0.888  -4.920  12.905  1.00 24.44 ? 1144 TYR A CD2 1 
ATOM   517  C CE1 . TYR A 1 67  ? -3.200  -4.862  11.401  1.00 25.79 ? 1144 TYR A CE1 1 
ATOM   518  C CE2 . TYR A 1 67  ? -1.787  -5.987  12.967  1.00 26.04 ? 1144 TYR A CE2 1 
ATOM   519  C CZ  . TYR A 1 67  ? -2.942  -5.940  12.214  1.00 26.40 ? 1144 TYR A CZ  1 
ATOM   520  O OH  . TYR A 1 67  ? -3.841  -6.975  12.258  1.00 28.44 ? 1144 TYR A OH  1 
ATOM   521  N N   . VAL A 1 68  ? -2.717  -1.663  13.805  1.00 27.39 ? 1145 VAL A N   1 
ATOM   522  C CA  . VAL A 1 68  ? -3.526  -1.579  15.020  1.00 33.56 ? 1145 VAL A CA  1 
ATOM   523  C C   . VAL A 1 68  ? -3.164  -0.335  15.825  1.00 35.42 ? 1145 VAL A C   1 
ATOM   524  O O   . VAL A 1 68  ? -2.985  -0.402  17.045  1.00 31.56 ? 1145 VAL A O   1 
ATOM   525  C CB  . VAL A 1 68  ? -3.394  -2.837  15.906  1.00 27.29 ? 1145 VAL A CB  1 
ATOM   526  C CG1 . VAL A 1 68  ? -4.017  -4.047  15.235  1.00 27.11 ? 1145 VAL A CG1 1 
ATOM   527  C CG2 . VAL A 1 68  ? -1.951  -3.095  16.305  1.00 30.23 ? 1145 VAL A CG2 1 
ATOM   528  N N   . ASN A 1 69  ? -3.040  0.805   15.151  1.00 28.66 ? 1146 ASN A N   1 
ATOM   529  C CA  . ASN A 1 69  ? -2.936  2.093   15.838  1.00 29.05 ? 1146 ASN A CA  1 
ATOM   530  C C   . ASN A 1 69  ? -1.688  2.198   16.709  1.00 34.22 ? 1146 ASN A C   1 
ATOM   531  O O   . ASN A 1 69  ? -1.668  2.938   17.696  1.00 30.88 ? 1146 ASN A O   1 
ATOM   532  C CB  . ASN A 1 69  ? -4.172  2.368   16.692  1.00 26.42 ? 1146 ASN A CB  1 
ATOM   533  C CG  . ASN A 1 69  ? -4.266  3.809   17.111  1.00 38.28 ? 1146 ASN A CG  1 
ATOM   534  O OD1 . ASN A 1 69  ? -3.756  4.690   16.426  1.00 36.19 ? 1146 ASN A OD1 1 
ATOM   535  N ND2 . ASN A 1 69  ? -4.909  4.063   18.244  1.00 47.86 ? 1146 ASN A ND2 1 
ATOM   536  N N   . SER A 1 70  ? -0.642  1.464   16.362  1.00 27.28 ? 1147 SER A N   1 
ATOM   537  C CA  . SER A 1 70  ? 0.653   1.586   17.011  1.00 24.86 ? 1147 SER A CA  1 
ATOM   538  C C   . SER A 1 70  ? 1.705   1.774   15.931  1.00 32.18 ? 1147 SER A C   1 
ATOM   539  O O   . SER A 1 70  ? 1.666   1.100   14.896  1.00 26.52 ? 1147 SER A O   1 
ATOM   540  C CB  . SER A 1 70  ? 0.979   0.358   17.857  1.00 24.39 ? 1147 SER A CB  1 
ATOM   541  O OG  . SER A 1 70  ? 0.450   -0.792  17.228  1.00 46.27 ? 1147 SER A OG  1 
ATOM   542  N N   . SER A 1 71  ? 2.615   2.710   16.161  1.00 22.02 ? 1148 SER A N   1 
ATOM   543  C CA  . SER A 1 71  ? 3.627   3.077   15.189  1.00 31.32 ? 1148 SER A CA  1 
ATOM   544  C C   . SER A 1 71  ? 4.965   2.499   15.610  1.00 37.42 ? 1148 SER A C   1 
ATOM   545  O O   . SER A 1 71  ? 5.272   2.403   16.801  1.00 37.90 ? 1148 SER A O   1 
ATOM   546  C CB  . SER A 1 71  ? 3.740   4.596   15.053  1.00 29.59 ? 1148 SER A CB  1 
ATOM   547  O OG  . SER A 1 71  ? 2.649   5.127   14.316  1.00 36.79 ? 1148 SER A OG  1 
ATOM   548  N N   . GLU A 1 72  ? 5.760   2.109   14.621  1.00 22.75 ? 1149 GLU A N   1 
ATOM   549  C CA  . GLU A 1 72  ? 7.100   1.607   14.868  1.00 24.35 ? 1149 GLU A CA  1 
ATOM   550  C C   . GLU A 1 72  ? 8.048   2.241   13.873  1.00 31.41 ? 1149 GLU A C   1 
ATOM   551  O O   . GLU A 1 72  ? 7.737   2.345   12.685  1.00 25.11 ? 1149 GLU A O   1 
ATOM   552  C CB  . GLU A 1 72  ? 7.183   0.099   14.728  1.00 28.58 ? 1149 GLU A CB  1 
ATOM   553  C CG  . GLU A 1 72  ? 6.423   -0.693  15.747  1.00 40.91 ? 1149 GLU A CG  1 
ATOM   554  C CD  . GLU A 1 72  ? 6.621   -2.174  15.543  1.00 40.34 ? 1149 GLU A CD  1 
ATOM   555  O OE1 . GLU A 1 72  ? 7.694   -2.689  15.915  1.00 42.57 ? 1149 GLU A OE1 1 
ATOM   556  O OE2 . GLU A 1 72  ? 5.724   -2.809  14.956  1.00 35.64 ? 1149 GLU A OE2 1 
ATOM   557  N N   . SER A 1 73  ? 9.195   2.674   14.377  1.00 23.97 ? 1150 SER A N   1 
ATOM   558  C CA  . SER A 1 73  ? 10.260  3.178   13.535  1.00 28.14 ? 1150 SER A CA  1 
ATOM   559  C C   . SER A 1 73  ? 10.565  2.185   12.421  1.00 23.22 ? 1150 SER A C   1 
ATOM   560  O O   . SER A 1 73  ? 10.775  0.994   12.674  1.00 31.01 ? 1150 SER A O   1 
ATOM   561  C CB  . SER A 1 73  ? 11.496  3.423   14.405  1.00 29.31 ? 1150 SER A CB  1 
ATOM   562  O OG  . SER A 1 73  ? 12.425  4.219   13.729  1.00 31.84 ? 1150 SER A OG  1 
ATOM   563  N N   . PHE A 1 74  ? 10.560  2.665   11.181  1.00 24.21 ? 1151 PHE A N   1 
ATOM   564  C CA  . PHE A 1 74  ? 10.780  1.749   10.073  1.00 26.91 ? 1151 PHE A CA  1 
ATOM   565  C C   . PHE A 1 74  ? 11.073  2.531   8.806   1.00 26.34 ? 1151 PHE A C   1 
ATOM   566  O O   . PHE A 1 74  ? 10.491  3.595   8.581   1.00 26.34 ? 1151 PHE A O   1 
ATOM   567  C CB  . PHE A 1 74  ? 9.565   0.853   9.838   1.00 23.34 ? 1151 PHE A CB  1 
ATOM   568  C CG  . PHE A 1 74  ? 9.557   0.202   8.485   1.00 27.94 ? 1151 PHE A CG  1 
ATOM   569  C CD1 . PHE A 1 74  ? 10.275  -0.962  8.268   1.00 17.87 ? 1151 PHE A CD1 1 
ATOM   570  C CD2 . PHE A 1 74  ? 8.855   0.767   7.423   1.00 26.81 ? 1151 PHE A CD2 1 
ATOM   571  C CE1 . PHE A 1 74  ? 10.290  -1.574  7.034   1.00 22.45 ? 1151 PHE A CE1 1 
ATOM   572  C CE2 . PHE A 1 74  ? 8.867   0.167   6.173   1.00 21.67 ? 1151 PHE A CE2 1 
ATOM   573  C CZ  . PHE A 1 74  ? 9.584   -1.018  5.975   1.00 22.25 ? 1151 PHE A CZ  1 
ATOM   574  N N   . GLY A 1 75  ? 11.958  1.979   7.983   1.00 22.10 ? 1152 GLY A N   1 
ATOM   575  C CA  . GLY A 1 75  ? 12.224  2.497   6.665   1.00 22.98 ? 1152 GLY A CA  1 
ATOM   576  C C   . GLY A 1 75  ? 12.970  3.821   6.695   1.00 31.66 ? 1152 GLY A C   1 
ATOM   577  O O   . GLY A 1 75  ? 13.590  4.210   7.683   1.00 30.96 ? 1152 GLY A O   1 
ATOM   578  N N   . LYS A 1 76  ? 12.904  4.512   5.564   1.00 32.32 ? 1153 LYS A N   1 
ATOM   579  C CA  . LYS A 1 76  ? 13.538  5.808   5.392   1.00 36.96 ? 1153 LYS A CA  1 
ATOM   580  C C   . LYS A 1 76  ? 12.474  6.852   5.102   1.00 33.14 ? 1153 LYS A C   1 
ATOM   581  O O   . LYS A 1 76  ? 11.411  6.539   4.555   1.00 28.72 ? 1153 LYS A O   1 
ATOM   582  C CB  . LYS A 1 76  ? 14.554  5.777   4.252   1.00 29.77 ? 1153 LYS A CB  1 
ATOM   583  C CG  . LYS A 1 76  ? 15.323  4.499   4.208   1.00 31.70 ? 1153 LYS A CG  1 
ATOM   584  C CD  . LYS A 1 76  ? 16.584  4.609   3.378   1.00 38.82 ? 1153 LYS A CD  1 
ATOM   585  C CE  . LYS A 1 76  ? 17.527  3.462   3.721   1.00 48.99 ? 1153 LYS A CE  1 
ATOM   586  N NZ  . LYS A 1 76  ? 18.714  3.400   2.829   1.00 55.48 ? 1153 LYS A NZ  1 
ATOM   587  N N   . GLN A 1 77  ? 12.767  8.098   5.470   1.00 28.76 ? 1154 GLN A N   1 
ATOM   588  C CA  . GLN A 1 77  ? 11.865  9.184   5.130   1.00 28.38 ? 1154 GLN A CA  1 
ATOM   589  C C   . GLN A 1 77  ? 11.876  9.386   3.622   1.00 28.81 ? 1154 GLN A C   1 
ATOM   590  O O   . GLN A 1 77  ? 12.938  9.463   2.999   1.00 25.13 ? 1154 GLN A O   1 
ATOM   591  C CB  . GLN A 1 77  ? 12.264  10.478  5.844   1.00 31.45 ? 1154 GLN A CB  1 
ATOM   592  C CG  . GLN A 1 77  ? 11.257  11.594  5.611   1.00 42.74 ? 1154 GLN A CG  1 
ATOM   593  C CD  . GLN A 1 77  ? 11.516  12.813  6.467   1.00 42.00 ? 1154 GLN A CD  1 
ATOM   594  O OE1 . GLN A 1 77  ? 12.642  13.305  6.540   1.00 41.85 ? 1154 GLN A OE1 1 
ATOM   595  N NE2 . GLN A 1 77  ? 10.468  13.312  7.115   1.00 31.36 ? 1154 GLN A NE2 1 
ATOM   596  N N   . TRP A 1 78  ? 10.700  9.458   3.025   1.00 25.47 ? 1155 TRP A N   1 
ATOM   597  C CA  . TRP A 1 78  ? 10.678  9.646   1.587   1.00 23.02 ? 1155 TRP A CA  1 
ATOM   598  C C   . TRP A 1 78  ? 10.728  11.137  1.263   1.00 26.92 ? 1155 TRP A C   1 
ATOM   599  O O   . TRP A 1 78  ? 10.653  11.995  2.141   1.00 28.88 ? 1155 TRP A O   1 
ATOM   600  C CB  . TRP A 1 78  ? 9.452   8.969   0.975   1.00 19.14 ? 1155 TRP A CB  1 
ATOM   601  C CG  . TRP A 1 78  ? 8.140   9.451   1.498   1.00 19.51 ? 1155 TRP A CG  1 
ATOM   602  C CD1 . TRP A 1 78  ? 7.781   10.748  1.783   1.00 20.63 ? 1155 TRP A CD1 1 
ATOM   603  C CD2 . TRP A 1 78  ? 6.990   8.647   1.779   1.00 17.47 ? 1155 TRP A CD2 1 
ATOM   604  N NE1 . TRP A 1 78  ? 6.476   10.792  2.218   1.00 19.82 ? 1155 TRP A NE1 1 
ATOM   605  C CE2 . TRP A 1 78  ? 5.972   9.513   2.237   1.00 18.89 ? 1155 TRP A CE2 1 
ATOM   606  C CE3 . TRP A 1 78  ? 6.722   7.272   1.692   1.00 24.71 ? 1155 TRP A CE3 1 
ATOM   607  C CZ2 . TRP A 1 78  ? 4.714   9.049   2.615   1.00 25.55 ? 1155 TRP A CZ2 1 
ATOM   608  C CZ3 . TRP A 1 78  ? 5.464   6.811   2.069   1.00 21.67 ? 1155 TRP A CZ3 1 
ATOM   609  C CH2 . TRP A 1 78  ? 4.478   7.700   2.522   1.00 21.67 ? 1155 TRP A CH2 1 
ATOM   610  N N   . ALA A 1 79  ? 10.853  11.441  -0.022  1.00 30.50 ? 1156 ALA A N   1 
ATOM   611  C CA  . ALA A 1 79  ? 10.952  12.814  -0.480  1.00 26.15 ? 1156 ALA A CA  1 
ATOM   612  C C   . ALA A 1 79  ? 10.118  12.972  -1.744  1.00 26.67 ? 1156 ALA A C   1 
ATOM   613  O O   . ALA A 1 79  ? 9.831   11.998  -2.445  1.00 25.15 ? 1156 ALA A O   1 
ATOM   614  C CB  . ALA A 1 79  ? 12.413  13.211  -0.743  1.00 24.80 ? 1156 ALA A CB  1 
ATOM   615  N N   . VAL A 1 80  ? 9.745   14.222  -2.037  1.00 25.61 ? 1157 VAL A N   1 
ATOM   616  C CA  . VAL A 1 80  ? 9.019   14.525  -3.269  1.00 22.95 ? 1157 VAL A CA  1 
ATOM   617  C C   . VAL A 1 80  ? 9.717   13.871  -4.450  1.00 25.22 ? 1157 VAL A C   1 
ATOM   618  O O   . VAL A 1 80  ? 10.930  14.016  -4.631  1.00 27.08 ? 1157 VAL A O   1 
ATOM   619  C CB  . VAL A 1 80  ? 8.896   16.044  -3.462  1.00 25.35 ? 1157 VAL A CB  1 
ATOM   620  C CG1 . VAL A 1 80  ? 8.272   16.349  -4.836  1.00 25.19 ? 1157 VAL A CG1 1 
ATOM   621  C CG2 . VAL A 1 80  ? 8.059   16.643  -2.351  1.00 23.39 ? 1157 VAL A CG2 1 
ATOM   622  N N   . GLY A 1 81  ? 8.959   13.136  -5.257  1.00 23.14 ? 1158 GLY A N   1 
ATOM   623  C CA  . GLY A 1 81  ? 9.489   12.475  -6.422  1.00 20.21 ? 1158 GLY A CA  1 
ATOM   624  C C   . GLY A 1 81  ? 9.881   11.026  -6.200  1.00 22.69 ? 1158 GLY A C   1 
ATOM   625  O O   . GLY A 1 81  ? 10.091  10.297  -7.179  1.00 26.25 ? 1158 GLY A O   1 
ATOM   626  N N   . ASP A 1 82  ? 9.985   10.591  -4.949  1.00 16.85 ? 1159 ASP A N   1 
ATOM   627  C CA  . ASP A 1 82  ? 10.260  9.188   -4.679  1.00 18.70 ? 1159 ASP A CA  1 
ATOM   628  C C   . ASP A 1 82  ? 9.100   8.317   -5.162  1.00 17.42 ? 1159 ASP A C   1 
ATOM   629  O O   . ASP A 1 82  ? 7.956   8.770   -5.282  1.00 23.51 ? 1159 ASP A O   1 
ATOM   630  C CB  . ASP A 1 82  ? 10.497  8.969   -3.186  1.00 24.53 ? 1159 ASP A CB  1 
ATOM   631  C CG  . ASP A 1 82  ? 11.848  9.501   -2.732  1.00 29.60 ? 1159 ASP A CG  1 
ATOM   632  O OD1 . ASP A 1 82  ? 12.709  9.719   -3.601  1.00 25.57 ? 1159 ASP A OD1 1 
ATOM   633  O OD2 . ASP A 1 82  ? 12.049  9.700   -1.517  1.00 24.43 ? 1159 ASP A OD2 1 
ATOM   634  N N   . VAL A 1 83  ? 9.405   7.052   -5.447  1.00 20.85 ? 1160 VAL A N   1 
ATOM   635  C CA  . VAL A 1 83  ? 8.395   6.058   -5.809  1.00 26.15 ? 1160 VAL A CA  1 
ATOM   636  C C   . VAL A 1 83  ? 8.472   4.890   -4.830  1.00 23.94 ? 1160 VAL A C   1 
ATOM   637  O O   . VAL A 1 83  ? 9.475   4.161   -4.791  1.00 21.27 ? 1160 VAL A O   1 
ATOM   638  C CB  . VAL A 1 83  ? 8.567   5.567   -7.254  1.00 20.89 ? 1160 VAL A CB  1 
ATOM   639  C CG1 . VAL A 1 83  ? 7.635   4.409   -7.508  1.00 16.01 ? 1160 VAL A CG1 1 
ATOM   640  C CG2 . VAL A 1 83  ? 8.246   6.718   -8.234  1.00 22.16 ? 1160 VAL A CG2 1 
ATOM   641  N N   . VAL A 1 84  ? 7.402   4.707   -4.060  1.00 17.41 ? 1161 VAL A N   1 
ATOM   642  C CA  . VAL A 1 84  ? 7.278   3.587   -3.133  1.00 19.06 ? 1161 VAL A CA  1 
ATOM   643  C C   . VAL A 1 84  ? 6.691   2.396   -3.881  1.00 20.07 ? 1161 VAL A C   1 
ATOM   644  O O   . VAL A 1 84  ? 5.660   2.526   -4.559  1.00 16.23 ? 1161 VAL A O   1 
ATOM   645  C CB  . VAL A 1 84  ? 6.383   3.955   -1.936  1.00 20.57 ? 1161 VAL A CB  1 
ATOM   646  C CG1 . VAL A 1 84  ? 6.277   2.768   -0.961  1.00 15.86 ? 1161 VAL A CG1 1 
ATOM   647  C CG2 . VAL A 1 84  ? 6.877   5.235   -1.226  1.00 18.03 ? 1161 VAL A CG2 1 
ATOM   648  N N   . GLY A 1 85  ? 7.337   1.241   -3.760  1.00 16.76 ? 1162 GLY A N   1 
ATOM   649  C CA  . GLY A 1 85  ? 6.759   -0.007  -4.233  1.00 14.27 ? 1162 GLY A CA  1 
ATOM   650  C C   . GLY A 1 85  ? 6.055   -0.663  -3.063  1.00 19.08 ? 1162 GLY A C   1 
ATOM   651  O O   . GLY A 1 85  ? 6.619   -0.769  -1.967  1.00 22.37 ? 1162 GLY A O   1 
ATOM   652  N N   . VAL A 1 86  ? 4.815   -1.097  -3.290  1.00 17.91 ? 1163 VAL A N   1 
ATOM   653  C CA  . VAL A 1 86  ? 3.935   -1.595  -2.229  1.00 20.36 ? 1163 VAL A CA  1 
ATOM   654  C C   . VAL A 1 86  ? 3.572   -3.048  -2.525  1.00 21.27 ? 1163 VAL A C   1 
ATOM   655  O O   . VAL A 1 86  ? 2.871   -3.325  -3.509  1.00 16.32 ? 1163 VAL A O   1 
ATOM   656  C CB  . VAL A 1 86  ? 2.673   -0.728  -2.100  1.00 12.97 ? 1163 VAL A CB  1 
ATOM   657  C CG1 . VAL A 1 86  ? 1.857   -1.144  -0.874  1.00 15.40 ? 1163 VAL A CG1 1 
ATOM   658  C CG2 . VAL A 1 86  ? 3.060   0.763   -1.993  1.00 19.36 ? 1163 VAL A CG2 1 
ATOM   659  N N   . PHE A 1 87  ? 4.014   -3.971  -1.662  1.00 13.71 ? 1164 PHE A N   1 
ATOM   660  C CA  . PHE A 1 87  ? 3.878   -5.408  -1.884  1.00 18.83 ? 1164 PHE A CA  1 
ATOM   661  C C   . PHE A 1 87  ? 2.835   -6.010  -0.947  1.00 19.98 ? 1164 PHE A C   1 
ATOM   662  O O   . PHE A 1 87  ? 2.801   -5.685  0.243   1.00 20.68 ? 1164 PHE A O   1 
ATOM   663  C CB  . PHE A 1 87  ? 5.218   -6.153  -1.665  1.00 18.78 ? 1164 PHE A CB  1 
ATOM   664  C CG  . PHE A 1 87  ? 6.357   -5.646  -2.512  1.00 20.72 ? 1164 PHE A CG  1 
ATOM   665  C CD1 . PHE A 1 87  ? 6.927   -4.398  -2.267  1.00 17.32 ? 1164 PHE A CD1 1 
ATOM   666  C CD2 . PHE A 1 87  ? 6.855   -6.407  -3.552  1.00 16.53 ? 1164 PHE A CD2 1 
ATOM   667  C CE1 . PHE A 1 87  ? 7.956   -3.910  -3.058  1.00 16.90 ? 1164 PHE A CE1 1 
ATOM   668  C CE2 . PHE A 1 87  ? 7.892   -5.930  -4.343  1.00 17.45 ? 1164 PHE A CE2 1 
ATOM   669  C CZ  . PHE A 1 87  ? 8.442   -4.675  -4.097  1.00 15.43 ? 1164 PHE A CZ  1 
ATOM   670  N N   . LEU A 1 88  ? 2.020   -6.924  -1.480  1.00 15.18 ? 1165 LEU A N   1 
ATOM   671  C CA  . LEU A 1 88  ? 1.131   -7.779  -0.689  1.00 19.47 ? 1165 LEU A CA  1 
ATOM   672  C C   . LEU A 1 88  ? 1.313   -9.222  -1.131  1.00 23.57 ? 1165 LEU A C   1 
ATOM   673  O O   . LEU A 1 88  ? 1.135   -9.534  -2.314  1.00 18.12 ? 1165 LEU A O   1 
ATOM   674  C CB  . LEU A 1 88  ? -0.345  -7.380  -0.831  1.00 19.01 ? 1165 LEU A CB  1 
ATOM   675  C CG  . LEU A 1 88  ? -1.315  -8.346  -0.103  1.00 20.71 ? 1165 LEU A CG  1 
ATOM   676  C CD1 . LEU A 1 88  ? -1.161  -8.278  1.455   1.00 17.20 ? 1165 LEU A CD1 1 
ATOM   677  C CD2 . LEU A 1 88  ? -2.810  -8.173  -0.524  1.00 8.39  ? 1165 LEU A CD2 1 
ATOM   678  N N   . ASP A 1 89  ? 1.630   -10.101 -0.183  1.00 16.65 ? 1166 ASP A N   1 
ATOM   679  C CA  . ASP A 1 89  ? 1.835   -11.532 -0.416  1.00 18.35 ? 1166 ASP A CA  1 
ATOM   680  C C   . ASP A 1 89  ? 0.805   -12.305 0.395   1.00 21.88 ? 1166 ASP A C   1 
ATOM   681  O O   . ASP A 1 89  ? 1.029   -12.596 1.575   1.00 20.37 ? 1166 ASP A O   1 
ATOM   682  C CB  . ASP A 1 89  ? 3.256   -11.937 -0.032  1.00 23.76 ? 1166 ASP A CB  1 
ATOM   683  C CG  . ASP A 1 89  ? 3.517   -13.417 -0.206  1.00 18.34 ? 1166 ASP A CG  1 
ATOM   684  O OD1 . ASP A 1 89  ? 2.575   -14.175 -0.518  1.00 20.21 ? 1166 ASP A OD1 1 
ATOM   685  O OD2 . ASP A 1 89  ? 4.687   -13.820 -0.041  1.00 23.63 ? 1166 ASP A OD2 1 
ATOM   686  N N   . LEU A 1 90  ? -0.322  -12.648 -0.236  1.00 21.07 ? 1167 LEU A N   1 
ATOM   687  C CA  . LEU A 1 90  ? -1.336  -13.440 0.451   1.00 19.21 ? 1167 LEU A CA  1 
ATOM   688  C C   . LEU A 1 90  ? -1.014  -14.928 0.427   1.00 26.89 ? 1167 LEU A C   1 
ATOM   689  O O   . LEU A 1 90  ? -1.794  -15.731 0.950   1.00 22.06 ? 1167 LEU A O   1 
ATOM   690  C CB  . LEU A 1 90  ? -2.718  -13.184 -0.156  1.00 16.24 ? 1167 LEU A CB  1 
ATOM   691  C CG  . LEU A 1 90  ? -3.275  -11.768 0.079   1.00 17.46 ? 1167 LEU A CG  1 
ATOM   692  C CD1 . LEU A 1 90  ? -4.628  -11.592 -0.614  1.00 17.08 ? 1167 LEU A CD1 1 
ATOM   693  C CD2 . LEU A 1 90  ? -3.400  -11.467 1.563   1.00 18.76 ? 1167 LEU A CD2 1 
ATOM   694  N N   . ILE A 1 91  ? 0.122   -15.315 -0.143  1.00 23.52 ? 1168 ILE A N   1 
ATOM   695  C CA  . ILE A 1 91  ? 0.571   -16.696 -0.009  1.00 23.63 ? 1168 ILE A CA  1 
ATOM   696  C C   . ILE A 1 91  ? 1.236   -16.902 1.343   1.00 22.83 ? 1168 ILE A C   1 
ATOM   697  O O   . ILE A 1 91  ? 0.792   -17.742 2.133   1.00 23.49 ? 1168 ILE A O   1 
ATOM   698  C CB  . ILE A 1 91  ? 1.500   -17.087 -1.168  1.00 25.74 ? 1168 ILE A CB  1 
ATOM   699  C CG1 . ILE A 1 91  ? 0.747   -17.016 -2.497  1.00 28.59 ? 1168 ILE A CG1 1 
ATOM   700  C CG2 . ILE A 1 91  ? 2.071   -18.489 -0.941  1.00 27.01 ? 1168 ILE A CG2 1 
ATOM   701  C CD1 . ILE A 1 91  ? 1.623   -17.279 -3.707  1.00 28.21 ? 1168 ILE A CD1 1 
ATOM   702  N N   . ASP A 1 92  ? 2.286   -16.125 1.639   1.00 17.68 ? 1169 ASP A N   1 
ATOM   703  C CA  . ASP A 1 92  ? 2.937   -16.148 2.948   1.00 21.76 ? 1169 ASP A CA  1 
ATOM   704  C C   . ASP A 1 92  ? 2.305   -15.178 3.943   1.00 21.00 ? 1169 ASP A C   1 
ATOM   705  O O   . ASP A 1 92  ? 2.681   -15.179 5.118   1.00 22.66 ? 1169 ASP A O   1 
ATOM   706  C CB  . ASP A 1 92  ? 4.435   -15.806 2.817   1.00 21.71 ? 1169 ASP A CB  1 
ATOM   707  C CG  . ASP A 1 92  ? 5.248   -16.931 2.199   1.00 30.22 ? 1169 ASP A CG  1 
ATOM   708  O OD1 . ASP A 1 92  ? 4.716   -18.044 2.013   1.00 30.84 ? 1169 ASP A OD1 1 
ATOM   709  O OD2 . ASP A 1 92  ? 6.435   -16.702 1.900   1.00 35.38 ? 1169 ASP A OD2 1 
ATOM   710  N N   . ASN A 1 93  ? 1.397   -14.314 3.489   1.00 22.26 ? 1170 ASN A N   1 
ATOM   711  C CA  . ASN A 1 93  ? 0.688   -13.357 4.343   1.00 16.95 ? 1170 ASN A CA  1 
ATOM   712  C C   . ASN A 1 93  ? 1.649   -12.327 4.934   1.00 18.83 ? 1170 ASN A C   1 
ATOM   713  O O   . ASN A 1 93  ? 1.794   -12.178 6.149   1.00 18.55 ? 1170 ASN A O   1 
ATOM   714  C CB  . ASN A 1 93  ? -0.096  -14.078 5.437   1.00 18.50 ? 1170 ASN A CB  1 
ATOM   715  C CG  . ASN A 1 93  ? -1.241  -14.862 4.865   1.00 20.14 ? 1170 ASN A CG  1 
ATOM   716  O OD1 . ASN A 1 93  ? -1.184  -16.083 4.765   1.00 21.14 ? 1170 ASN A OD1 1 
ATOM   717  N ND2 . ASN A 1 93  ? -2.276  -14.155 4.438   1.00 21.17 ? 1170 ASN A ND2 1 
ATOM   718  N N   . THR A 1 94  ? 2.297   -11.600 4.031   1.00 16.91 ? 1171 THR A N   1 
ATOM   719  C CA  . THR A 1 94  ? 3.244   -10.572 4.415   1.00 15.64 ? 1171 THR A CA  1 
ATOM   720  C C   . THR A 1 94  ? 3.013   -9.325  3.582   1.00 17.97 ? 1171 THR A C   1 
ATOM   721  O O   . THR A 1 94  ? 2.382   -9.359  2.521   1.00 21.39 ? 1171 THR A O   1 
ATOM   722  C CB  . THR A 1 94  ? 4.679   -11.047 4.227   1.00 22.04 ? 1171 THR A CB  1 
ATOM   723  O OG1 . THR A 1 94  ? 4.947   -11.109 2.824   1.00 22.17 ? 1171 THR A OG1 1 
ATOM   724  C CG2 . THR A 1 94  ? 4.857   -12.437 4.848   1.00 19.28 ? 1171 THR A CG2 1 
ATOM   725  N N   . ILE A 1 95  ? 3.532   -8.218  4.094   1.00 17.12 ? 1172 ILE A N   1 
ATOM   726  C CA  . ILE A 1 95  ? 3.563   -6.947  3.391   1.00 17.65 ? 1172 ILE A CA  1 
ATOM   727  C C   . ILE A 1 95  ? 5.002   -6.464  3.382   1.00 20.33 ? 1172 ILE A C   1 
ATOM   728  O O   . ILE A 1 95  ? 5.744   -6.662  4.356   1.00 20.33 ? 1172 ILE A O   1 
ATOM   729  C CB  . ILE A 1 95  ? 2.635   -5.903  4.040   1.00 18.89 ? 1172 ILE A CB  1 
ATOM   730  C CG1 . ILE A 1 95  ? 1.173   -6.266  3.793   1.00 15.01 ? 1172 ILE A CG1 1 
ATOM   731  C CG2 . ILE A 1 95  ? 2.924   -4.509  3.513   1.00 18.31 ? 1172 ILE A CG2 1 
ATOM   732  C CD1 . ILE A 1 95  ? 0.208   -5.338  4.515   1.00 16.69 ? 1172 ILE A CD1 1 
ATOM   733  N N   . SER A 1 96  ? 5.401   -5.855  2.269   1.00 21.76 ? 1173 SER A N   1 
ATOM   734  C CA  . SER A 1 96  ? 6.733   -5.280  2.124   1.00 22.04 ? 1173 SER A CA  1 
ATOM   735  C C   . SER A 1 96  ? 6.625   -3.926  1.437   1.00 17.16 ? 1173 SER A C   1 
ATOM   736  O O   . SER A 1 96  ? 5.592   -3.574  0.857   1.00 15.50 ? 1173 SER A O   1 
ATOM   737  C CB  . SER A 1 96  ? 7.660   -6.202  1.328   1.00 21.80 ? 1173 SER A CB  1 
ATOM   738  O OG  . SER A 1 96  ? 7.672   -7.514  1.878   1.00 21.88 ? 1173 SER A OG  1 
ATOM   739  N N   . PHE A 1 97  ? 7.725   -3.182  1.467   1.00 14.26 ? 1174 PHE A N   1 
ATOM   740  C CA  . PHE A 1 97  ? 7.765   -1.862  0.859   1.00 13.81 ? 1174 PHE A CA  1 
ATOM   741  C C   . PHE A 1 97  ? 9.148   -1.606  0.292   1.00 14.63 ? 1174 PHE A C   1 
ATOM   742  O O   . PHE A 1 97  ? 10.150  -1.888  0.951   1.00 14.76 ? 1174 PHE A O   1 
ATOM   743  C CB  . PHE A 1 97  ? 7.453   -0.748  1.862   1.00 17.51 ? 1174 PHE A CB  1 
ATOM   744  C CG  . PHE A 1 97  ? 6.057   -0.765  2.403   1.00 19.44 ? 1174 PHE A CG  1 
ATOM   745  C CD1 . PHE A 1 97  ? 5.029   -0.108  1.752   1.00 16.91 ? 1174 PHE A CD1 1 
ATOM   746  C CD2 . PHE A 1 97  ? 5.790   -1.379  3.606   1.00 16.43 ? 1174 PHE A CD2 1 
ATOM   747  C CE1 . PHE A 1 97  ? 3.771   -0.106  2.276   1.00 17.09 ? 1174 PHE A CE1 1 
ATOM   748  C CE2 . PHE A 1 97  ? 4.524   -1.382  4.131   1.00 18.80 ? 1174 PHE A CE2 1 
ATOM   749  C CZ  . PHE A 1 97  ? 3.514   -0.748  3.472   1.00 16.79 ? 1174 PHE A CZ  1 
ATOM   750  N N   . SER A 1 98  ? 9.198   -1.058  -0.917  1.00 18.66 ? 1175 SER A N   1 
ATOM   751  C CA  . SER A 1 98  ? 10.446  -0.567  -1.477  1.00 22.44 ? 1175 SER A CA  1 
ATOM   752  C C   . SER A 1 98  ? 10.393  0.942   -1.613  1.00 15.64 ? 1175 SER A C   1 
ATOM   753  O O   . SER A 1 98  ? 9.329   1.559   -1.589  1.00 18.40 ? 1175 SER A O   1 
ATOM   754  C CB  . SER A 1 98  ? 10.748  -1.176  -2.848  1.00 23.51 ? 1175 SER A CB  1 
ATOM   755  O OG  . SER A 1 98  ? 9.830   -0.711  -3.825  1.00 17.99 ? 1175 SER A OG  1 
ATOM   756  N N   . LEU A 1 99  ? 11.576  1.524   -1.753  1.00 18.80 ? 1176 LEU A N   1 
ATOM   757  C CA  . LEU A 1 99  ? 11.754  2.951   -1.961  1.00 19.53 ? 1176 LEU A CA  1 
ATOM   758  C C   . LEU A 1 99  ? 12.724  3.095   -3.120  1.00 23.77 ? 1176 LEU A C   1 
ATOM   759  O O   . LEU A 1 99  ? 13.878  2.661   -3.015  1.00 18.85 ? 1176 LEU A O   1 
ATOM   760  C CB  . LEU A 1 99  ? 12.285  3.641   -0.699  1.00 18.51 ? 1176 LEU A CB  1 
ATOM   761  C CG  . LEU A 1 99  ? 12.421  5.173   -0.738  1.00 19.63 ? 1176 LEU A CG  1 
ATOM   762  C CD1 . LEU A 1 99  ? 11.071  5.786   -1.042  1.00 19.09 ? 1176 LEU A CD1 1 
ATOM   763  C CD2 . LEU A 1 99  ? 12.945  5.705   0.566   1.00 24.93 ? 1176 LEU A CD2 1 
ATOM   764  N N   . ASN A 1 100 ? 12.250  3.660   -4.228  1.00 18.42 ? 1177 ASN A N   1 
ATOM   765  C CA  . ASN A 1 100 ? 13.060  3.819   -5.438  1.00 17.21 ? 1177 ASN A CA  1 
ATOM   766  C C   . ASN A 1 100 ? 13.763  2.515   -5.816  1.00 18.91 ? 1177 ASN A C   1 
ATOM   767  O O   . ASN A 1 100 ? 14.961  2.472   -6.110  1.00 21.35 ? 1177 ASN A O   1 
ATOM   768  C CB  . ASN A 1 100 ? 14.058  4.965   -5.273  1.00 25.34 ? 1177 ASN A CB  1 
ATOM   769  C CG  . ASN A 1 100 ? 13.367  6.288   -4.983  1.00 26.07 ? 1177 ASN A CG  1 
ATOM   770  O OD1 . ASN A 1 100 ? 12.297  6.568   -5.525  1.00 23.84 ? 1177 ASN A OD1 1 
ATOM   771  N ND2 . ASN A 1 100 ? 13.958  7.090   -4.113  1.00 18.48 ? 1177 ASN A ND2 1 
ATOM   772  N N   . GLY A 1 101 ? 12.996  1.436   -5.818  1.00 16.61 ? 1178 GLY A N   1 
ATOM   773  C CA  . GLY A 1 101 ? 13.516  0.172   -6.281  1.00 24.96 ? 1178 GLY A CA  1 
ATOM   774  C C   . GLY A 1 101 ? 14.377  -0.568  -5.289  1.00 22.48 ? 1178 GLY A C   1 
ATOM   775  O O   . GLY A 1 101 ? 14.939  -1.613  -5.639  1.00 22.04 ? 1178 GLY A O   1 
ATOM   776  N N   . GLU A 1 102 ? 14.509  -0.073  -4.065  1.00 21.90 ? 1179 GLU A N   1 
ATOM   777  C CA  . GLU A 1 102 ? 15.254  -0.785  -3.035  1.00 28.95 ? 1179 GLU A CA  1 
ATOM   778  C C   . GLU A 1 102 ? 14.324  -1.107  -1.879  1.00 22.70 ? 1179 GLU A C   1 
ATOM   779  O O   . GLU A 1 102 ? 13.625  -0.225  -1.363  1.00 20.27 ? 1179 GLU A O   1 
ATOM   780  C CB  . GLU A 1 102 ? 16.468  0.017   -2.564  1.00 24.42 ? 1179 GLU A CB  1 
ATOM   781  C CG  . GLU A 1 102 ? 17.576  0.049   -3.607  1.00 38.63 ? 1179 GLU A CG  1 
ATOM   782  C CD  . GLU A 1 102 ? 18.925  0.459   -3.036  1.00 54.53 ? 1179 GLU A CD  1 
ATOM   783  O OE1 . GLU A 1 102 ? 19.927  0.419   -3.787  1.00 52.97 ? 1179 GLU A OE1 1 
ATOM   784  O OE2 . GLU A 1 102 ? 18.984  0.815   -1.837  1.00 54.58 ? 1179 GLU A OE2 1 
ATOM   785  N N   . LEU A 1 103 ? 14.300  -2.378  -1.500  1.00 20.15 ? 1180 LEU A N   1 
ATOM   786  C CA  . LEU A 1 103 ? 13.431  -2.821  -0.423  1.00 22.82 ? 1180 LEU A CA  1 
ATOM   787  C C   . LEU A 1 103 ? 13.840  -2.150  0.874   1.00 21.05 ? 1180 LEU A C   1 
ATOM   788  O O   . LEU A 1 103 ? 15.027  -2.107  1.215   1.00 21.67 ? 1180 LEU A O   1 
ATOM   789  C CB  . LEU A 1 103 ? 13.510  -4.340  -0.285  1.00 18.56 ? 1180 LEU A CB  1 
ATOM   790  C CG  . LEU A 1 103 ? 12.758  -5.166  -1.320  1.00 21.65 ? 1180 LEU A CG  1 
ATOM   791  C CD1 . LEU A 1 103 ? 13.205  -6.629  -1.227  1.00 29.10 ? 1180 LEU A CD1 1 
ATOM   792  C CD2 . LEU A 1 103 ? 11.254  -5.049  -1.125  1.00 20.87 ? 1180 LEU A CD2 1 
ATOM   793  N N   . LEU A 1 104 ? 12.857  -1.615  1.593   1.00 18.04 ? 1181 LEU A N   1 
ATOM   794  C CA  . LEU A 1 104 ? 13.103  -1.039  2.905   1.00 19.57 ? 1181 LEU A CA  1 
ATOM   795  C C   . LEU A 1 104 ? 13.225  -2.169  3.927   1.00 27.00 ? 1181 LEU A C   1 
ATOM   796  O O   . LEU A 1 104 ? 12.412  -3.102  3.939   1.00 18.65 ? 1181 LEU A O   1 
ATOM   797  C CB  . LEU A 1 104 ? 11.973  -0.069  3.276   1.00 20.18 ? 1181 LEU A CB  1 
ATOM   798  C CG  . LEU A 1 104 ? 11.853  1.168   2.373   1.00 17.67 ? 1181 LEU A CG  1 
ATOM   799  C CD1 . LEU A 1 104 ? 10.613  1.969   2.683   1.00 18.15 ? 1181 LEU A CD1 1 
ATOM   800  C CD2 . LEU A 1 104 ? 13.108  2.038   2.517   1.00 21.79 ? 1181 LEU A CD2 1 
ATOM   801  N N   . MET A 1 105 ? 14.236  -2.093  4.784   1.00 19.68 ? 1182 MET A N   1 
ATOM   802  C CA  . MET A 1 105 ? 14.579  -3.197  5.673   1.00 17.59 ? 1182 MET A CA  1 
ATOM   803  C C   . MET A 1 105 ? 13.993  -2.975  7.060   1.00 18.86 ? 1182 MET A C   1 
ATOM   804  O O   . MET A 1 105 ? 14.203  -1.923  7.665   1.00 21.98 ? 1182 MET A O   1 
ATOM   805  C CB  . MET A 1 105 ? 16.093  -3.357  5.766   1.00 26.46 ? 1182 MET A CB  1 
ATOM   806  C CG  . MET A 1 105 ? 16.740  -3.766  4.457   1.00 22.61 ? 1182 MET A CG  1 
ATOM   807  S SD  . MET A 1 105 ? 16.111  -5.320  3.753   1.00 27.34 ? 1182 MET A SD  1 
ATOM   808  C CE  . MET A 1 105 ? 17.073  -6.540  4.663   1.00 26.87 ? 1182 MET A CE  1 
ATOM   809  N N   . ASP A 1 106 ? 13.264  -3.971  7.555   1.00 15.89 ? 1183 ASP A N   1 
ATOM   810  C CA  . ASP A 1 106 ? 12.753  -3.984  8.916   1.00 15.15 ? 1183 ASP A CA  1 
ATOM   811  C C   . ASP A 1 106 ? 13.748  -4.715  9.812   1.00 22.47 ? 1183 ASP A C   1 
ATOM   812  O O   . ASP A 1 106 ? 14.388  -5.678  9.388   1.00 20.61 ? 1183 ASP A O   1 
ATOM   813  C CB  . ASP A 1 106 ? 11.387  -4.678  8.971   1.00 20.80 ? 1183 ASP A CB  1 
ATOM   814  C CG  . ASP A 1 106 ? 10.811  -4.739  10.387  1.00 26.83 ? 1183 ASP A CG  1 
ATOM   815  O OD1 . ASP A 1 106 ? 10.230  -3.724  10.825  1.00 25.73 ? 1183 ASP A OD1 1 
ATOM   816  O OD2 . ASP A 1 106 ? 10.944  -5.791  11.062  1.00 19.13 ? 1183 ASP A OD2 1 
ATOM   817  N N   . ALA A 1 107 ? 13.877  -4.241  11.055  1.00 23.86 ? 1184 ALA A N   1 
ATOM   818  C CA  . ALA A 1 107 ? 14.928  -4.750  11.935  1.00 18.66 ? 1184 ALA A CA  1 
ATOM   819  C C   . ALA A 1 107 ? 14.784  -6.244  12.158  1.00 25.53 ? 1184 ALA A C   1 
ATOM   820  O O   . ALA A 1 107 ? 15.789  -6.959  12.262  1.00 29.79 ? 1184 ALA A O   1 
ATOM   821  C CB  . ALA A 1 107 ? 14.907  -4.010  13.274  1.00 23.26 ? 1184 ALA A CB  1 
ATOM   822  N N   . LEU A 1 108 ? 13.546  -6.735  12.248  1.00 22.31 ? 1185 LEU A N   1 
ATOM   823  C CA  . LEU A 1 108 ? 13.276  -8.157  12.411  1.00 19.75 ? 1185 LEU A CA  1 
ATOM   824  C C   . LEU A 1 108 ? 12.915  -8.837  11.096  1.00 18.06 ? 1185 LEU A C   1 
ATOM   825  O O   . LEU A 1 108 ? 13.513  -9.853  10.743  1.00 17.80 ? 1185 LEU A O   1 
ATOM   826  C CB  . LEU A 1 108 ? 12.159  -8.370  13.444  1.00 21.38 ? 1185 LEU A CB  1 
ATOM   827  C CG  . LEU A 1 108 ? 11.807  -9.834  13.764  1.00 17.60 ? 1185 LEU A CG  1 
ATOM   828  C CD1 . LEU A 1 108 ? 13.013  -10.612 14.313  1.00 16.58 ? 1185 LEU A CD1 1 
ATOM   829  C CD2 . LEU A 1 108 ? 10.610  -9.923  14.728  1.00 14.62 ? 1185 LEU A CD2 1 
ATOM   830  N N   . GLY A 1 109 ? 11.963  -8.279  10.340  1.00 19.59 ? 1186 GLY A N   1 
ATOM   831  C CA  . GLY A 1 109 ? 11.569  -8.922  9.094   1.00 20.98 ? 1186 GLY A CA  1 
ATOM   832  C C   . GLY A 1 109 ? 12.572  -8.792  7.958   1.00 25.77 ? 1186 GLY A C   1 
ATOM   833  O O   . GLY A 1 109 ? 12.407  -9.464  6.934   1.00 24.78 ? 1186 GLY A O   1 
ATOM   834  N N   . GLY A 1 110 ? 13.591  -7.954  8.100   1.00 19.94 ? 1187 GLY A N   1 
ATOM   835  C CA  . GLY A 1 110 ? 14.470  -7.715  6.963   1.00 23.24 ? 1187 GLY A CA  1 
ATOM   836  C C   . GLY A 1 110 ? 13.654  -7.201  5.778   1.00 25.53 ? 1187 GLY A C   1 
ATOM   837  O O   . GLY A 1 110 ? 13.004  -6.154  5.851   1.00 22.98 ? 1187 GLY A O   1 
ATOM   838  N N   . GLU A 1 111 ? 13.638  -7.959  4.681   1.00 20.32 ? 1188 GLU A N   1 
ATOM   839  C CA  . GLU A 1 111 ? 12.937  -7.523  3.475   1.00 27.35 ? 1188 GLU A CA  1 
ATOM   840  C C   . GLU A 1 111 ? 11.421  -7.532  3.617   1.00 31.91 ? 1188 GLU A C   1 
ATOM   841  O O   . GLU A 1 111 ? 10.736  -6.966  2.759   1.00 30.31 ? 1188 GLU A O   1 
ATOM   842  C CB  . GLU A 1 111 ? 13.351  -8.401  2.296   1.00 25.88 ? 1188 GLU A CB  1 
ATOM   843  C CG  . GLU A 1 111 ? 14.726  -8.045  1.770   1.00 26.20 ? 1188 GLU A CG  1 
ATOM   844  C CD  . GLU A 1 111 ? 15.181  -8.945  0.641   1.00 27.14 ? 1188 GLU A CD  1 
ATOM   845  O OE1 . GLU A 1 111 ? 14.480  -9.934  0.332   1.00 33.67 ? 1188 GLU A OE1 1 
ATOM   846  O OE2 . GLU A 1 111 ? 16.252  -8.662  0.075   1.00 26.70 ? 1188 GLU A OE2 1 
ATOM   847  N N   . THR A 1 112 ? 10.895  -8.165  4.661   1.00 23.22 ? 1189 THR A N   1 
ATOM   848  C CA  . THR A 1 112 ? 9.472   -8.199  4.962   1.00 19.78 ? 1189 THR A CA  1 
ATOM   849  C C   . THR A 1 112 ? 9.143   -7.159  6.032   1.00 23.87 ? 1189 THR A C   1 
ATOM   850  O O   . THR A 1 112 ? 9.855   -7.047  7.038   1.00 18.47 ? 1189 THR A O   1 
ATOM   851  C CB  . THR A 1 112 ? 9.071   -9.593  5.440   1.00 28.91 ? 1189 THR A CB  1 
ATOM   852  O OG1 . THR A 1 112 ? 9.739   -10.576 4.634   1.00 31.09 ? 1189 THR A OG1 1 
ATOM   853  C CG2 . THR A 1 112 ? 7.552   -9.786  5.324   1.00 22.21 ? 1189 THR A CG2 1 
ATOM   854  N N   . THR A 1 113 ? 8.062   -6.401  5.817   1.00 18.97 ? 1190 THR A N   1 
ATOM   855  C CA  . THR A 1 113 ? 7.693   -5.346  6.758   1.00 18.66 ? 1190 THR A CA  1 
ATOM   856  C C   . THR A 1 113 ? 6.692   -5.808  7.813   1.00 22.68 ? 1190 THR A C   1 
ATOM   857  O O   . THR A 1 113 ? 6.853   -5.477  8.994   1.00 17.37 ? 1190 THR A O   1 
ATOM   858  C CB  . THR A 1 113 ? 7.105   -4.144  6.016   1.00 17.69 ? 1190 THR A CB  1 
ATOM   859  O OG1 . THR A 1 113 ? 8.017   -3.721  4.993   1.00 22.41 ? 1190 THR A OG1 1 
ATOM   860  C CG2 . THR A 1 113 ? 6.870   -2.982  7.000   1.00 13.35 ? 1190 THR A CG2 1 
ATOM   861  N N   . PHE A 1 114 ? 5.645   -6.528  7.397   1.00 15.69 ? 1191 PHE A N   1 
ATOM   862  C CA  . PHE A 1 114 ? 4.618   -7.078  8.272   1.00 17.28 ? 1191 PHE A CA  1 
ATOM   863  C C   . PHE A 1 114 ? 4.408   -8.545  7.933   1.00 18.10 ? 1191 PHE A C   1 
ATOM   864  O O   . PHE A 1 114 ? 4.438   -8.921  6.756   1.00 15.66 ? 1191 PHE A O   1 
ATOM   865  C CB  . PHE A 1 114 ? 3.273   -6.372  8.104   1.00 15.55 ? 1191 PHE A CB  1 
ATOM   866  C CG  . PHE A 1 114 ? 3.221   -4.986  8.674   1.00 25.26 ? 1191 PHE A CG  1 
ATOM   867  C CD1 . PHE A 1 114 ? 3.225   -4.780  10.047  1.00 19.68 ? 1191 PHE A CD1 1 
ATOM   868  C CD2 . PHE A 1 114 ? 3.148   -3.884  7.829   1.00 18.38 ? 1191 PHE A CD2 1 
ATOM   869  C CE1 . PHE A 1 114 ? 3.151   -3.497  10.557  1.00 24.37 ? 1191 PHE A CE1 1 
ATOM   870  C CE2 . PHE A 1 114 ? 3.066   -2.601  8.340   1.00 23.26 ? 1191 PHE A CE2 1 
ATOM   871  C CZ  . PHE A 1 114 ? 3.063   -2.410  9.700   1.00 20.71 ? 1191 PHE A CZ  1 
ATOM   872  N N   . ALA A 1 115 ? 4.154   -9.357  8.951   1.00 15.66 ? 1192 ALA A N   1 
ATOM   873  C CA  . ALA A 1 115 ? 3.743   -10.749 8.777   1.00 20.53 ? 1192 ALA A CA  1 
ATOM   874  C C   . ALA A 1 115 ? 2.405   -10.958 9.473   1.00 19.21 ? 1192 ALA A C   1 
ATOM   875  O O   . ALA A 1 115 ? 1.877   -10.063 10.137  1.00 22.94 ? 1192 ALA A O   1 
ATOM   876  C CB  . ALA A 1 115 ? 4.795   -11.723 9.323   1.00 22.84 ? 1192 ALA A CB  1 
ATOM   877  N N   . ASP A 1 116 ? 1.852   -12.155 9.305   1.00 18.28 ? 1193 ASP A N   1 
ATOM   878  C CA  . ASP A 1 116 ? 0.522   -12.475 9.814   1.00 17.65 ? 1193 ASP A CA  1 
ATOM   879  C C   . ASP A 1 116 ? -0.532  -11.513 9.262   1.00 25.55 ? 1193 ASP A C   1 
ATOM   880  O O   . ASP A 1 116 ? -1.466  -11.130 9.970   1.00 19.13 ? 1193 ASP A O   1 
ATOM   881  C CB  . ASP A 1 116 ? 0.498   -12.487 11.343  1.00 23.45 ? 1193 ASP A CB  1 
ATOM   882  C CG  . ASP A 1 116 ? -0.685  -13.264 11.896  1.00 40.79 ? 1193 ASP A CG  1 
ATOM   883  O OD1 . ASP A 1 116 ? -1.150  -14.221 11.228  1.00 33.23 ? 1193 ASP A OD1 1 
ATOM   884  O OD2 . ASP A 1 116 ? -1.168  -12.902 12.989  1.00 44.75 ? 1193 ASP A OD2 1 
ATOM   885  N N   . VAL A 1 117 ? -0.385  -11.129 7.991   1.00 24.19 ? 1194 VAL A N   1 
ATOM   886  C CA  . VAL A 1 117 ? -1.352  -10.268 7.299   1.00 22.08 ? 1194 VAL A CA  1 
ATOM   887  C C   . VAL A 1 117 ? -2.441  -11.164 6.704   1.00 22.43 ? 1194 VAL A C   1 
ATOM   888  O O   . VAL A 1 117 ? -2.253  -11.785 5.654   1.00 23.53 ? 1194 VAL A O   1 
ATOM   889  C CB  . VAL A 1 117 ? -0.682  -9.402  6.228   1.00 15.83 ? 1194 VAL A CB  1 
ATOM   890  C CG1 . VAL A 1 117 ? -1.708  -8.497  5.551   1.00 18.37 ? 1194 VAL A CG1 1 
ATOM   891  C CG2 . VAL A 1 117 ? 0.450   -8.563  6.826   1.00 18.33 ? 1194 VAL A CG2 1 
ATOM   892  N N   . GLN A 1 118 ? -3.595  -11.221 7.368   1.00 24.17 ? 1195 GLN A N   1 
ATOM   893  C CA  . GLN A 1 118 ? -4.675  -12.132 7.002   1.00 32.08 ? 1195 GLN A CA  1 
ATOM   894  C C   . GLN A 1 118 ? -5.893  -11.365 6.508   1.00 25.43 ? 1195 GLN A C   1 
ATOM   895  O O   . GLN A 1 118 ? -6.145  -10.239 6.947   1.00 27.64 ? 1195 GLN A O   1 
ATOM   896  C CB  . GLN A 1 118 ? -5.091  -12.996 8.198   1.00 23.26 ? 1195 GLN A CB  1 
ATOM   897  C CG  . GLN A 1 118 ? -3.929  -13.625 8.917   1.00 34.13 ? 1195 GLN A CG  1 
ATOM   898  C CD  . GLN A 1 118 ? -3.334  -14.763 8.117   1.00 36.66 ? 1195 GLN A CD  1 
ATOM   899  O OE1 . GLN A 1 118 ? -3.895  -15.174 7.095   1.00 37.15 ? 1195 GLN A OE1 1 
ATOM   900  N NE2 . GLN A 1 118 ? -2.197  -15.275 8.566   1.00 27.96 ? 1195 GLN A NE2 1 
ATOM   901  N N   . GLY A 1 119 ? -6.661  -11.981 5.613   1.00 29.21 ? 1196 GLY A N   1 
ATOM   902  C CA  . GLY A 1 119 ? -7.929  -11.390 5.214   1.00 23.84 ? 1196 GLY A CA  1 
ATOM   903  C C   . GLY A 1 119 ? -8.400  -11.856 3.853   1.00 41.64 ? 1196 GLY A C   1 
ATOM   904  O O   . GLY A 1 119 ? -7.678  -12.516 3.101   1.00 37.78 ? 1196 GLY A O   1 
ATOM   905  N N   . ASP A 1 120 ? -9.638  -11.439 3.531   1.00 29.83 ? 1197 ASP A N   1 
ATOM   906  C CA  . ASP A 1 120 ? -10.454 -11.955 2.431   1.00 37.36 ? 1197 ASP A CA  1 
ATOM   907  C C   . ASP A 1 120 ? -10.524 -11.031 1.222   1.00 35.72 ? 1197 ASP A C   1 
ATOM   908  O O   . ASP A 1 120 ? -10.906 -11.486 0.136   1.00 32.26 ? 1197 ASP A O   1 
ATOM   909  C CB  . ASP A 1 120 ? -11.910 -12.167 2.904   1.00 24.86 ? 1197 ASP A CB  1 
ATOM   910  C CG  . ASP A 1 120 ? -12.094 -13.432 3.721   1.00 47.08 ? 1197 ASP A CG  1 
ATOM   911  O OD1 . ASP A 1 120 ? -12.985 -14.242 3.372   1.00 58.49 ? 1197 ASP A OD1 1 
ATOM   912  O OD2 . ASP A 1 120 ? -11.363 -13.616 4.719   1.00 63.81 ? 1197 ASP A OD2 1 
ATOM   913  N N   . ASN A 1 121 ? -10.211 -9.750  1.397   1.00 21.19 ? 1198 ASN A N   1 
ATOM   914  C CA  . ASN A 1 121 ? -10.720 -8.701  0.528   1.00 27.25 ? 1198 ASN A CA  1 
ATOM   915  C C   . ASN A 1 121 ? -9.804  -7.482  0.557   1.00 23.22 ? 1198 ASN A C   1 
ATOM   916  O O   . ASN A 1 121 ? -10.251 -6.372  0.867   1.00 19.18 ? 1198 ASN A O   1 
ATOM   917  C CB  . ASN A 1 121 ? -12.130 -8.317  0.985   1.00 24.28 ? 1198 ASN A CB  1 
ATOM   918  C CG  . ASN A 1 121 ? -12.145 -7.842  2.429   1.00 28.97 ? 1198 ASN A CG  1 
ATOM   919  O OD1 . ASN A 1 121 ? -11.122 -7.930  3.128   1.00 29.81 ? 1198 ASN A OD1 1 
ATOM   920  N ND2 . ASN A 1 121 ? -13.290 -7.344  2.892   1.00 30.93 ? 1198 ASN A ND2 1 
ATOM   921  N N   . PHE A 1 122 ? -8.527  -7.681  0.236   1.00 21.39 ? 1199 PHE A N   1 
ATOM   922  C CA  . PHE A 1 122 ? -7.537  -6.609  0.275   1.00 18.97 ? 1199 PHE A CA  1 
ATOM   923  C C   . PHE A 1 122 ? -7.610  -5.715  -0.957  1.00 23.11 ? 1199 PHE A C   1 
ATOM   924  O O   . PHE A 1 122 ? -7.746  -6.199  -2.084  1.00 19.99 ? 1199 PHE A O   1 
ATOM   925  C CB  . PHE A 1 122 ? -6.136  -7.200  0.364   1.00 17.94 ? 1199 PHE A CB  1 
ATOM   926  C CG  . PHE A 1 122 ? -5.763  -7.666  1.730   1.00 17.79 ? 1199 PHE A CG  1 
ATOM   927  C CD1 . PHE A 1 122 ? -6.050  -8.966  2.140   1.00 20.44 ? 1199 PHE A CD1 1 
ATOM   928  C CD2 . PHE A 1 122 ? -5.093  -6.824  2.596   1.00 19.44 ? 1199 PHE A CD2 1 
ATOM   929  C CE1 . PHE A 1 122 ? -5.693  -9.405  3.413   1.00 21.52 ? 1199 PHE A CE1 1 
ATOM   930  C CE2 . PHE A 1 122 ? -4.718  -7.257  3.874   1.00 19.68 ? 1199 PHE A CE2 1 
ATOM   931  C CZ  . PHE A 1 122 ? -5.024  -8.549  4.278   1.00 23.03 ? 1199 PHE A CZ  1 
ATOM   932  N N   . VAL A 1 123 ? -7.478  -4.408  -0.735  1.00 22.49 ? 1200 VAL A N   1 
ATOM   933  C CA  . VAL A 1 123 ? -7.355  -3.423  -1.807  1.00 21.69 ? 1200 VAL A CA  1 
ATOM   934  C C   . VAL A 1 123 ? -6.199  -2.464  -1.530  1.00 25.57 ? 1200 VAL A C   1 
ATOM   935  O O   . VAL A 1 123 ? -5.860  -2.217  -0.366  1.00 20.21 ? 1200 VAL A O   1 
ATOM   936  C CB  . VAL A 1 123 ? -8.657  -2.630  -1.991  1.00 28.52 ? 1200 VAL A CB  1 
ATOM   937  C CG1 . VAL A 1 123 ? -9.772  -3.545  -2.506  1.00 17.08 ? 1200 VAL A CG1 1 
ATOM   938  C CG2 . VAL A 1 123 ? -9.044  -1.940  -0.698  1.00 19.71 ? 1200 VAL A CG2 1 
ATOM   939  N N   . PRO A 1 124 ? -5.571  -1.891  -2.550  1.00 18.86 ? 1201 PRO A N   1 
ATOM   940  C CA  . PRO A 1 124 ? -4.561  -0.873  -2.282  1.00 19.94 ? 1201 PRO A CA  1 
ATOM   941  C C   . PRO A 1 124 ? -5.230  0.342   -1.662  1.00 20.81 ? 1201 PRO A C   1 
ATOM   942  O O   . PRO A 1 124 ? -6.403  0.618   -1.911  1.00 17.94 ? 1201 PRO A O   1 
ATOM   943  C CB  . PRO A 1 124 ? -3.967  -0.564  -3.665  1.00 22.91 ? 1201 PRO A CB  1 
ATOM   944  C CG  . PRO A 1 124 ? -4.751  -1.284  -4.644  1.00 23.64 ? 1201 PRO A CG  1 
ATOM   945  C CD  . PRO A 1 124 ? -5.598  -2.313  -3.953  1.00 20.05 ? 1201 PRO A CD  1 
ATOM   946  N N   . ALA A 1 125 ? -4.483  1.063   -0.827  1.00 13.52 ? 1202 ALA A N   1 
ATOM   947  C CA  . ALA A 1 125 ? -5.107  2.170   -0.110  1.00 18.74 ? 1202 ALA A CA  1 
ATOM   948  C C   . ALA A 1 125 ? -4.035  3.132   0.372   1.00 23.45 ? 1202 ALA A C   1 
ATOM   949  O O   . ALA A 1 125 ? -2.872  2.761   0.547   1.00 20.91 ? 1202 ALA A O   1 
ATOM   950  C CB  . ALA A 1 125 ? -5.954  1.668   1.076   1.00 21.57 ? 1202 ALA A CB  1 
ATOM   951  N N   . CYS A 1 126 ? -4.446  4.376   0.596   1.00 16.87 ? 1203 CYS A N   1 
ATOM   952  C CA  . CYS A 1 126 ? -3.529  5.365   1.136   1.00 17.05 ? 1203 CYS A CA  1 
ATOM   953  C C   . CYS A 1 126 ? -4.316  6.347   1.982   1.00 22.21 ? 1203 CYS A C   1 
ATOM   954  O O   . CYS A 1 126 ? -5.545  6.413   1.902   1.00 20.55 ? 1203 CYS A O   1 
ATOM   955  C CB  . CYS A 1 126 ? -2.767  6.093   0.019   1.00 21.63 ? 1203 CYS A CB  1 
ATOM   956  S SG  . CYS A 1 126 ? -3.860  7.044   -1.063  1.00 24.77 ? 1203 CYS A SG  1 
ATOM   957  N N   . THR A 1 127 ? -3.591  7.101   2.815   1.00 20.14 ? 1204 THR A N   1 
ATOM   958  C CA  . THR A 1 127 ? -4.163  8.172   3.628   1.00 19.73 ? 1204 THR A CA  1 
ATOM   959  C C   . THR A 1 127 ? -3.329  9.432   3.424   1.00 24.65 ? 1204 THR A C   1 
ATOM   960  O O   . THR A 1 127 ? -2.105  9.387   3.591   1.00 20.32 ? 1204 THR A O   1 
ATOM   961  C CB  . THR A 1 127 ? -4.198  7.806   5.123   1.00 21.28 ? 1204 THR A CB  1 
ATOM   962  O OG1 . THR A 1 127 ? -5.107  6.719   5.349   1.00 21.25 ? 1204 THR A OG1 1 
ATOM   963  C CG2 . THR A 1 127 ? -4.662  8.990   5.941   1.00 24.25 ? 1204 THR A CG2 1 
ATOM   964  N N   . LEU A 1 128 ? -3.981  10.545  3.058   1.00 21.43 ? 1205 LEU A N   1 
ATOM   965  C CA  . LEU A 1 128 ? -3.301  11.812  2.775   1.00 22.68 ? 1205 LEU A CA  1 
ATOM   966  C C   . LEU A 1 128 ? -3.748  12.896  3.743   1.00 17.88 ? 1205 LEU A C   1 
ATOM   967  O O   . LEU A 1 128 ? -4.947  13.123  3.913   1.00 28.83 ? 1205 LEU A O   1 
ATOM   968  C CB  . LEU A 1 128 ? -3.572  12.293  1.351   1.00 15.36 ? 1205 LEU A CB  1 
ATOM   969  C CG  . LEU A 1 128 ? -3.531  11.256  0.239   1.00 25.34 ? 1205 LEU A CG  1 
ATOM   970  C CD1 . LEU A 1 128 ? -3.740  11.931  -1.107  1.00 25.69 ? 1205 LEU A CD1 1 
ATOM   971  C CD2 . LEU A 1 128 ? -2.216  10.508  0.265   1.00 25.99 ? 1205 LEU A CD2 1 
ATOM   972  N N   . GLY A 1 129 ? -2.785  13.577  4.358   1.00 28.73 ? 1206 GLY A N   1 
ATOM   973  C CA  . GLY A 1 129 ? -3.105  14.792  5.082   1.00 25.06 ? 1206 GLY A CA  1 
ATOM   974  C C   . GLY A 1 129 ? -3.654  15.867  4.160   1.00 21.25 ? 1206 GLY A C   1 
ATOM   975  O O   . GLY A 1 129 ? -3.501  15.822  2.940   1.00 19.71 ? 1206 GLY A O   1 
ATOM   976  N N   . VAL A 1 130 ? -4.320  16.860  4.755   1.00 26.69 ? 1207 VAL A N   1 
ATOM   977  C CA  . VAL A 1 130 ? -4.874  17.930  3.938   1.00 22.11 ? 1207 VAL A CA  1 
ATOM   978  C C   . VAL A 1 130 ? -3.751  18.590  3.151   1.00 25.40 ? 1207 VAL A C   1 
ATOM   979  O O   . VAL A 1 130 ? -2.625  18.761  3.646   1.00 20.99 ? 1207 VAL A O   1 
ATOM   980  C CB  . VAL A 1 130 ? -5.642  18.952  4.793   1.00 27.28 ? 1207 VAL A CB  1 
ATOM   981  C CG1 . VAL A 1 130 ? -4.740  19.536  5.866   1.00 26.64 ? 1207 VAL A CG1 1 
ATOM   982  C CG2 . VAL A 1 130 ? -6.218  20.058  3.897   1.00 26.05 ? 1207 VAL A CG2 1 
ATOM   983  N N   . GLY A 1 131 ? -4.047  18.931  1.900   1.00 21.24 ? 1208 GLY A N   1 
ATOM   984  C CA  . GLY A 1 131 ? -3.072  19.465  0.980   1.00 18.75 ? 1208 GLY A CA  1 
ATOM   985  C C   . GLY A 1 131 ? -2.080  18.468  0.410   1.00 27.25 ? 1208 GLY A C   1 
ATOM   986  O O   . GLY A 1 131 ? -1.203  18.872  -0.362  1.00 19.00 ? 1208 GLY A O   1 
ATOM   987  N N   . GLN A 1 132 ? -2.167  17.187  0.759   1.00 20.89 ? 1209 GLN A N   1 
ATOM   988  C CA  . GLN A 1 132 ? -1.149  16.256  0.284   1.00 19.26 ? 1209 GLN A CA  1 
ATOM   989  C C   . GLN A 1 132 ? -1.607  15.578  -1.008  1.00 28.67 ? 1209 GLN A C   1 
ATOM   990  O O   . GLN A 1 132 ? -2.802  15.513  -1.319  1.00 21.83 ? 1209 GLN A O   1 
ATOM   991  C CB  . GLN A 1 132 ? -0.827  15.227  1.366   1.00 18.07 ? 1209 GLN A CB  1 
ATOM   992  C CG  . GLN A 1 132 ? -0.420  15.895  2.668   1.00 19.34 ? 1209 GLN A CG  1 
ATOM   993  C CD  . GLN A 1 132 ? 0.677   16.939  2.440   1.00 29.86 ? 1209 GLN A CD  1 
ATOM   994  O OE1 . GLN A 1 132 ? 1.664   16.669  1.757   1.00 24.75 ? 1209 GLN A OE1 1 
ATOM   995  N NE2 . GLN A 1 132 ? 0.502   18.135  3.002   1.00 21.39 ? 1209 GLN A NE2 1 
ATOM   996  N N   . LYS A 1 133 ? -0.636  15.083  -1.775  1.00 21.68 ? 1210 LYS A N   1 
ATOM   997  C CA  . LYS A 1 133 ? -0.954  14.533  -3.087  1.00 24.64 ? 1210 LYS A CA  1 
ATOM   998  C C   . LYS A 1 133 ? -0.007  13.392  -3.428  1.00 20.45 ? 1210 LYS A C   1 
ATOM   999  O O   . LYS A 1 133 ? 1.169   13.406  -3.052  1.00 21.94 ? 1210 LYS A O   1 
ATOM   1000 C CB  . LYS A 1 133 ? -0.895  15.616  -4.168  1.00 17.99 ? 1210 LYS A CB  1 
ATOM   1001 C CG  . LYS A 1 133 ? -1.535  15.189  -5.476  1.00 29.87 ? 1210 LYS A CG  1 
ATOM   1002 C CD  . LYS A 1 133 ? -1.563  16.318  -6.480  1.00 39.31 ? 1210 LYS A CD  1 
ATOM   1003 C CE  . LYS A 1 133 ? -0.175  16.662  -6.949  1.00 34.74 ? 1210 LYS A CE  1 
ATOM   1004 N NZ  . LYS A 1 133 ? -0.232  17.545  -8.146  1.00 49.92 ? 1210 LYS A NZ  1 
ATOM   1005 N N   . ALA A 1 134 ? -0.533  12.392  -4.125  1.00 22.90 ? 1211 ALA A N   1 
ATOM   1006 C CA  . ALA A 1 134 ? 0.260   11.230  -4.508  1.00 21.82 ? 1211 ALA A CA  1 
ATOM   1007 C C   . ALA A 1 134 ? -0.351  10.619  -5.760  1.00 25.25 ? 1211 ALA A C   1 
ATOM   1008 O O   . ALA A 1 134 ? -1.519  10.859  -6.076  1.00 22.53 ? 1211 ALA A O   1 
ATOM   1009 C CB  . ALA A 1 134 ? 0.326   10.197  -3.377  1.00 24.37 ? 1211 ALA A CB  1 
ATOM   1010 N N   . ARG A 1 135 ? 0.454   9.837   -6.479  1.00 20.35 ? 1212 ARG A N   1 
ATOM   1011 C CA  . ARG A 1 135 ? 0.018   9.168   -7.697  1.00 21.15 ? 1212 ARG A CA  1 
ATOM   1012 C C   . ARG A 1 135 ? 0.208   7.666   -7.526  1.00 25.42 ? 1212 ARG A C   1 
ATOM   1013 O O   . ARG A 1 135 ? 1.325   7.214   -7.241  1.00 22.55 ? 1212 ARG A O   1 
ATOM   1014 C CB  . ARG A 1 135 ? 0.787   9.667   -8.925  1.00 24.88 ? 1212 ARG A CB  1 
ATOM   1015 C CG  . ARG A 1 135 ? 0.295   9.046   -10.234 1.00 27.89 ? 1212 ARG A CG  1 
ATOM   1016 C CD  . ARG A 1 135 ? 0.666   9.867   -11.452 1.00 44.35 ? 1212 ARG A CD  1 
ATOM   1017 N NE  . ARG A 1 135 ? 0.237   9.222   -12.698 1.00 40.47 ? 1212 ARG A NE  1 
ATOM   1018 C CZ  . ARG A 1 135 ? -0.959  9.379   -13.265 1.00 36.88 ? 1212 ARG A CZ  1 
ATOM   1019 N NH1 . ARG A 1 135 ? -1.868  10.163  -12.712 1.00 41.19 ? 1212 ARG A NH1 1 
ATOM   1020 N NH2 . ARG A 1 135 ? -1.256  8.744   -14.389 1.00 41.54 ? 1212 ARG A NH2 1 
ATOM   1021 N N   . LEU A 1 136 ? -0.881  6.905   -7.711  1.00 21.57 ? 1213 LEU A N   1 
ATOM   1022 C CA  . LEU A 1 136 ? -0.891  5.442   -7.634  1.00 16.67 ? 1213 LEU A CA  1 
ATOM   1023 C C   . LEU A 1 136 ? -0.867  4.834   -9.030  1.00 23.60 ? 1213 LEU A C   1 
ATOM   1024 O O   . LEU A 1 136 ? -1.693  5.180   -9.885  1.00 20.64 ? 1213 LEU A O   1 
ATOM   1025 C CB  . LEU A 1 136 ? -2.126  4.938   -6.883  1.00 20.13 ? 1213 LEU A CB  1 
ATOM   1026 C CG  . LEU A 1 136 ? -2.101  5.123   -5.367  1.00 24.50 ? 1213 LEU A CG  1 
ATOM   1027 C CD1 . LEU A 1 136 ? -2.300  6.604   -5.001  1.00 24.14 ? 1213 LEU A CD1 1 
ATOM   1028 C CD2 . LEU A 1 136 ? -3.117  4.217   -4.656  1.00 21.96 ? 1213 LEU A CD2 1 
ATOM   1029 N N   . THR A 1 137 ? 0.065   3.913   -9.247  1.00 20.06 ? 1214 THR A N   1 
ATOM   1030 C CA  . THR A 1 137 ? 0.276   3.264   -10.537 1.00 20.41 ? 1214 THR A CA  1 
ATOM   1031 C C   . THR A 1 137 ? 0.087   1.758   -10.399 1.00 25.45 ? 1214 THR A C   1 
ATOM   1032 O O   . THR A 1 137 ? 0.793   1.105   -9.619  1.00 18.78 ? 1214 THR A O   1 
ATOM   1033 C CB  . THR A 1 137 ? 1.673   3.582   -11.045 1.00 24.62 ? 1214 THR A CB  1 
ATOM   1034 O OG1 . THR A 1 137 ? 1.845   5.005   -11.021 1.00 34.47 ? 1214 THR A OG1 1 
ATOM   1035 C CG2 . THR A 1 137 ? 1.868   3.054   -12.460 1.00 20.94 ? 1214 THR A CG2 1 
ATOM   1036 N N   . TYR A 1 138 ? -0.836  1.203   -11.180 1.00 21.57 ? 1215 TYR A N   1 
ATOM   1037 C CA  . TYR A 1 138 ? -1.230  -0.193  -11.038 1.00 19.52 ? 1215 TYR A CA  1 
ATOM   1038 C C   . TYR A 1 138 ? -0.717  -1.082  -12.154 1.00 18.99 ? 1215 TYR A C   1 
ATOM   1039 O O   . TYR A 1 138 ? -0.885  -2.305  -12.084 1.00 22.95 ? 1215 TYR A O   1 
ATOM   1040 C CB  . TYR A 1 138 ? -2.754  -0.299  -10.973 1.00 20.24 ? 1215 TYR A CB  1 
ATOM   1041 C CG  . TYR A 1 138 ? -3.357  0.504   -9.858  1.00 19.28 ? 1215 TYR A CG  1 
ATOM   1042 C CD1 . TYR A 1 138 ? -3.078  0.193   -8.538  1.00 20.77 ? 1215 TYR A CD1 1 
ATOM   1043 C CD2 . TYR A 1 138 ? -4.221  1.560   -10.119 1.00 26.62 ? 1215 TYR A CD2 1 
ATOM   1044 C CE1 . TYR A 1 138 ? -3.638  0.903   -7.506  1.00 27.08 ? 1215 TYR A CE1 1 
ATOM   1045 C CE2 . TYR A 1 138 ? -4.789  2.289   -9.083  1.00 26.12 ? 1215 TYR A CE2 1 
ATOM   1046 C CZ  . TYR A 1 138 ? -4.490  1.954   -7.780  1.00 28.96 ? 1215 TYR A CZ  1 
ATOM   1047 O OH  . TYR A 1 138 ? -5.042  2.670   -6.741  1.00 30.80 ? 1215 TYR A OH  1 
ATOM   1048 N N   . GLY A 1 139 ? -0.110  -0.507  -13.177 1.00 19.98 ? 1216 GLY A N   1 
ATOM   1049 C CA  . GLY A 1 139 ? 0.496   -1.284  -14.220 1.00 25.15 ? 1216 GLY A CA  1 
ATOM   1050 C C   . GLY A 1 139 ? -0.312  -1.459  -15.485 1.00 30.50 ? 1216 GLY A C   1 
ATOM   1051 O O   . GLY A 1 139 ? 0.133   -2.195  -16.373 1.00 29.30 ? 1216 GLY A O   1 
ATOM   1052 N N   A GLN A 1 140 ? -1.481  -0.821  -15.598 0.49 30.45 ? 1217 GLN A N   1 
ATOM   1053 N N   B GLN A 1 140 ? -1.481  -0.820  -15.603 0.51 30.58 ? 1217 GLN A N   1 
ATOM   1054 C CA  A GLN A 1 140 ? -2.256  -0.952  -16.829 0.49 32.04 ? 1217 GLN A CA  1 
ATOM   1055 C CA  B GLN A 1 140 ? -2.251  -0.971  -16.835 0.51 31.85 ? 1217 GLN A CA  1 
ATOM   1056 C C   A GLN A 1 140 ? -1.396  -0.603  -18.033 0.49 38.29 ? 1217 GLN A C   1 
ATOM   1057 C C   B GLN A 1 140 ? -1.398  -0.603  -18.039 0.51 38.30 ? 1217 GLN A C   1 
ATOM   1058 O O   A GLN A 1 140 ? -1.474  -1.255  -19.080 0.49 43.69 ? 1217 GLN A O   1 
ATOM   1059 O O   B GLN A 1 140 ? -1.478  -1.247  -19.091 0.51 43.74 ? 1217 GLN A O   1 
ATOM   1060 C CB  A GLN A 1 140 ? -3.505  -0.075  -16.777 0.49 33.12 ? 1217 GLN A CB  1 
ATOM   1061 C CB  B GLN A 1 140 ? -3.526  -0.128  -16.788 0.51 33.24 ? 1217 GLN A CB  1 
ATOM   1062 C CG  A GLN A 1 140 ? -3.229  1.424   -16.815 0.49 37.11 ? 1217 GLN A CG  1 
ATOM   1063 C CG  B GLN A 1 140 ? -4.805  -0.956  -16.829 0.51 33.31 ? 1217 GLN A CG  1 
ATOM   1064 C CD  A GLN A 1 140 ? -3.171  1.974   -18.223 0.49 34.89 ? 1217 GLN A CD  1 
ATOM   1065 C CD  B GLN A 1 140 ? -4.708  -2.136  -17.779 0.51 24.31 ? 1217 GLN A CD  1 
ATOM   1066 O OE1 A GLN A 1 140 ? -3.493  1.280   -19.187 0.49 39.89 ? 1217 GLN A OE1 1 
ATOM   1067 O OE1 B GLN A 1 140 ? -4.040  -2.064  -18.805 0.51 41.87 ? 1217 GLN A OE1 1 
ATOM   1068 N NE2 A GLN A 1 140 ? -2.751  3.227   -18.351 0.49 39.87 ? 1217 GLN A NE2 1 
ATOM   1069 N NE2 B GLN A 1 140 ? -5.365  -3.230  -17.435 0.51 25.25 ? 1217 GLN A NE2 1 
ATOM   1070 N N   . ASP A 1 141 ? -0.556  0.416   -17.897 1.00 36.29 ? 1218 ASP A N   1 
ATOM   1071 C CA  . ASP A 1 141 ? 0.530   0.663   -18.835 1.00 36.89 ? 1218 ASP A CA  1 
ATOM   1072 C C   . ASP A 1 141 ? 1.772   0.045   -18.204 1.00 39.59 ? 1218 ASP A C   1 
ATOM   1073 O O   . ASP A 1 141 ? 2.429   0.665   -17.362 1.00 37.01 ? 1218 ASP A O   1 
ATOM   1074 C CB  . ASP A 1 141 ? 0.719   2.146   -19.122 1.00 47.29 ? 1218 ASP A CB  1 
ATOM   1075 C CG  . ASP A 1 141 ? 1.862   2.398   -20.096 1.00 50.17 ? 1218 ASP A CG  1 
ATOM   1076 O OD1 . ASP A 1 141 ? 1.706   2.082   -21.293 1.00 47.35 ? 1218 ASP A OD1 1 
ATOM   1077 O OD2 . ASP A 1 141 ? 2.925   2.888   -19.664 1.00 59.95 ? 1218 ASP A OD2 1 
ATOM   1078 N N   . VAL A 1 142 ? 2.079   -1.191  -18.606 1.00 46.91 ? 1219 VAL A N   1 
ATOM   1079 C CA  . VAL A 1 142 ? 3.216   -1.924  -18.050 1.00 54.07 ? 1219 VAL A CA  1 
ATOM   1080 C C   . VAL A 1 142 ? 4.476   -1.068  -18.024 1.00 53.32 ? 1219 VAL A C   1 
ATOM   1081 O O   . VAL A 1 142 ? 5.310   -1.201  -17.119 1.00 53.07 ? 1219 VAL A O   1 
ATOM   1082 C CB  . VAL A 1 142 ? 3.439   -3.228  -18.846 1.00 63.10 ? 1219 VAL A CB  1 
ATOM   1083 N N   . ASN A 1 143 ? 4.633   -0.169  -18.999 1.00 41.37 ? 1220 ASN A N   1 
ATOM   1084 C CA  . ASN A 1 143 ? 5.809   0.690   -19.062 1.00 48.10 ? 1220 ASN A CA  1 
ATOM   1085 C C   . ASN A 1 143 ? 5.787   1.826   -18.046 1.00 44.37 ? 1220 ASN A C   1 
ATOM   1086 O O   . ASN A 1 143 ? 6.804   2.516   -17.897 1.00 43.31 ? 1220 ASN A O   1 
ATOM   1087 C CB  . ASN A 1 143 ? 5.961   1.279   -20.473 1.00 40.47 ? 1220 ASN A CB  1 
ATOM   1088 N N   . THR A 1 144 ? 4.663   2.053   -17.364 1.00 41.30 ? 1221 THR A N   1 
ATOM   1089 C CA  . THR A 1 144 ? 4.571   3.132   -16.384 1.00 41.31 ? 1221 THR A CA  1 
ATOM   1090 C C   . THR A 1 144 ? 5.008   2.712   -14.987 1.00 37.91 ? 1221 THR A C   1 
ATOM   1091 O O   . THR A 1 144 ? 5.339   3.582   -14.171 1.00 30.22 ? 1221 THR A O   1 
ATOM   1092 C CB  . THR A 1 144 ? 3.139   3.683   -16.318 1.00 46.04 ? 1221 THR A CB  1 
ATOM   1093 O OG1 . THR A 1 144 ? 2.801   4.302   -17.566 1.00 53.72 ? 1221 THR A OG1 1 
ATOM   1094 C CG2 . THR A 1 144 ? 3.021   4.718   -15.208 1.00 51.89 ? 1221 THR A CG2 1 
ATOM   1095 N N   . LEU A 1 145 ? 5.003   1.416   -14.681 1.00 27.37 ? 1222 LEU A N   1 
ATOM   1096 C CA  . LEU A 1 145 ? 5.628   0.951   -13.452 1.00 24.18 ? 1222 LEU A CA  1 
ATOM   1097 C C   . LEU A 1 145 ? 7.138   1.170   -13.543 1.00 30.08 ? 1222 LEU A C   1 
ATOM   1098 O O   . LEU A 1 145 ? 7.784   0.761   -14.510 1.00 29.54 ? 1222 LEU A O   1 
ATOM   1099 C CB  . LEU A 1 145 ? 5.301   -0.522  -13.208 1.00 23.81 ? 1222 LEU A CB  1 
ATOM   1100 C CG  . LEU A 1 145 ? 3.915   -0.824  -12.628 1.00 24.45 ? 1222 LEU A CG  1 
ATOM   1101 C CD1 . LEU A 1 145 ? 3.636   -2.324  -12.533 1.00 21.45 ? 1222 LEU A CD1 1 
ATOM   1102 C CD2 . LEU A 1 145 ? 3.763   -0.153  -11.259 1.00 23.94 ? 1222 LEU A CD2 1 
ATOM   1103 N N   . LYS A 1 146 ? 7.703   1.833   -12.549 1.00 24.45 ? 1223 LYS A N   1 
ATOM   1104 C CA  . LYS A 1 146 ? 9.100   2.227   -12.661 1.00 26.25 ? 1223 LYS A CA  1 
ATOM   1105 C C   . LYS A 1 146 ? 10.059  1.160   -12.142 1.00 26.00 ? 1223 LYS A C   1 
ATOM   1106 O O   . LYS A 1 146 ? 11.080  0.892   -12.784 1.00 27.50 ? 1223 LYS A O   1 
ATOM   1107 C CB  . LYS A 1 146 ? 9.332   3.550   -11.913 1.00 24.43 ? 1223 LYS A CB  1 
ATOM   1108 N N   . TYR A 1 147 ? 9.761   0.542   -10.992 1.00 21.53 ? 1224 TYR A N   1 
ATOM   1109 C CA  . TYR A 1 147 ? 10.707  -0.351  -10.319 1.00 18.49 ? 1224 TYR A CA  1 
ATOM   1110 C C   . TYR A 1 147 ? 10.226  -1.792  -10.209 1.00 23.62 ? 1224 TYR A C   1 
ATOM   1111 O O   . TYR A 1 147 ? 10.878  -2.603  -9.540  1.00 29.62 ? 1224 TYR A O   1 
ATOM   1112 C CB  . TYR A 1 147 ? 11.038  0.192   -8.924  1.00 24.09 ? 1224 TYR A CB  1 
ATOM   1113 C CG  . TYR A 1 147 ? 11.711  1.542   -8.973  1.00 21.02 ? 1224 TYR A CG  1 
ATOM   1114 C CD1 . TYR A 1 147 ? 13.070  1.644   -9.229  1.00 26.34 ? 1224 TYR A CD1 1 
ATOM   1115 C CD2 . TYR A 1 147 ? 10.985  2.711   -8.781  1.00 23.45 ? 1224 TYR A CD2 1 
ATOM   1116 C CE1 . TYR A 1 147 ? 13.694  2.862   -9.286  1.00 25.86 ? 1224 TYR A CE1 1 
ATOM   1117 C CE2 . TYR A 1 147 ? 11.606  3.950   -8.837  1.00 22.02 ? 1224 TYR A CE2 1 
ATOM   1118 C CZ  . TYR A 1 147 ? 12.959  4.011   -9.092  1.00 26.41 ? 1224 TYR A CZ  1 
ATOM   1119 O OH  . TYR A 1 147 ? 13.589  5.227   -9.146  1.00 39.53 ? 1224 TYR A OH  1 
ATOM   1120 N N   . PHE A 1 148 ? 9.114   -2.140  -10.849 1.00 18.57 ? 1225 PHE A N   1 
ATOM   1121 C CA  . PHE A 1 148 ? 8.579   -3.494  -10.741 1.00 19.39 ? 1225 PHE A CA  1 
ATOM   1122 C C   . PHE A 1 148 ? 9.541   -4.526  -11.320 1.00 22.06 ? 1225 PHE A C   1 
ATOM   1123 O O   . PHE A 1 148 ? 9.734   -5.599  -10.734 1.00 22.30 ? 1225 PHE A O   1 
ATOM   1124 C CB  . PHE A 1 148 ? 7.223   -3.560  -11.446 1.00 14.56 ? 1225 PHE A CB  1 
ATOM   1125 C CG  . PHE A 1 148 ? 6.602   -4.933  -11.476 1.00 22.58 ? 1225 PHE A CG  1 
ATOM   1126 C CD1 . PHE A 1 148 ? 6.297   -5.602  -10.300 1.00 23.61 ? 1225 PHE A CD1 1 
ATOM   1127 C CD2 . PHE A 1 148 ? 6.315   -5.548  -12.691 1.00 19.67 ? 1225 PHE A CD2 1 
ATOM   1128 C CE1 . PHE A 1 148 ? 5.714   -6.870  -10.332 1.00 19.50 ? 1225 PHE A CE1 1 
ATOM   1129 C CE2 . PHE A 1 148 ? 5.738   -6.807  -12.736 1.00 21.45 ? 1225 PHE A CE2 1 
ATOM   1130 C CZ  . PHE A 1 148 ? 5.430   -7.471  -11.550 1.00 21.03 ? 1225 PHE A CZ  1 
ATOM   1131 N N   . THR A 1 149 ? 10.149  -4.227  -12.475 1.00 21.56 ? 1226 THR A N   1 
ATOM   1132 C CA  . THR A 1 149 ? 10.967  -5.219  -13.176 1.00 25.00 ? 1226 THR A CA  1 
ATOM   1133 C C   . THR A 1 149 ? 12.140  -5.674  -12.318 1.00 31.50 ? 1226 THR A C   1 
ATOM   1134 O O   . THR A 1 149 ? 12.390  -6.882  -12.171 1.00 27.67 ? 1226 THR A O   1 
ATOM   1135 C CB  . THR A 1 149 ? 11.498  -4.653  -14.502 1.00 28.89 ? 1226 THR A CB  1 
ATOM   1136 O OG1 . THR A 1 149 ? 10.416  -4.190  -15.314 1.00 29.02 ? 1226 THR A OG1 1 
ATOM   1137 C CG2 . THR A 1 149 ? 12.266  -5.738  -15.259 1.00 33.81 ? 1226 THR A CG2 1 
ATOM   1138 N N   . THR A 1 150 ? 12.886  -4.713  -11.762 1.00 19.71 ? 1227 THR A N   1 
ATOM   1139 C CA  . THR A 1 150 ? 14.076  -5.007  -10.972 1.00 23.36 ? 1227 THR A CA  1 
ATOM   1140 C C   . THR A 1 150 ? 13.780  -5.225  -9.495  1.00 26.75 ? 1227 THR A C   1 
ATOM   1141 O O   . THR A 1 150 ? 14.646  -5.732  -8.779  1.00 28.43 ? 1227 THR A O   1 
ATOM   1142 C CB  . THR A 1 150 ? 15.106  -3.868  -11.093 1.00 29.19 ? 1227 THR A CB  1 
ATOM   1143 O OG1 . THR A 1 150 ? 14.505  -2.622  -10.701 1.00 28.67 ? 1227 THR A OG1 1 
ATOM   1144 C CG2 . THR A 1 150 ? 15.636  -3.749  -12.520 1.00 29.83 ? 1227 THR A CG2 1 
ATOM   1145 N N   . CYS A 1 151 ? 12.593  -4.847  -9.008  1.00 21.41 ? 1228 CYS A N   1 
ATOM   1146 C CA  . CYS A 1 151 ? 12.275  -5.016  -7.585  1.00 28.78 ? 1228 CYS A CA  1 
ATOM   1147 C C   . CYS A 1 151 ? 10.816  -5.458  -7.429  1.00 28.57 ? 1228 CYS A C   1 
ATOM   1148 O O   . CYS A 1 151 ? 9.936   -4.675  -7.055  1.00 20.87 ? 1228 CYS A O   1 
ATOM   1149 C CB  . CYS A 1 151 ? 12.548  -3.741  -6.810  1.00 26.54 ? 1228 CYS A CB  1 
ATOM   1150 S SG  . CYS A 1 151 ? 12.508  -3.983  -5.043  1.00 30.27 ? 1228 CYS A SG  1 
ATOM   1151 N N   . GLY A 1 152 ? 10.570  -6.734  -7.699  1.00 23.05 ? 1229 GLY A N   1 
ATOM   1152 C CA  . GLY A 1 152 ? 9.239   -7.276  -7.550  1.00 27.73 ? 1229 GLY A CA  1 
ATOM   1153 C C   . GLY A 1 152 ? 8.920   -8.413  -8.496  1.00 24.44 ? 1229 GLY A C   1 
ATOM   1154 O O   . GLY A 1 152 ? 8.497   -9.492  -8.063  1.00 21.31 ? 1229 GLY A O   1 
ATOM   1155 N N   . LEU A 1 153 ? 9.089   -8.172  -9.794  1.00 18.87 ? 1230 LEU A N   1 
ATOM   1156 C CA  . LEU A 1 153 ? 8.757   -9.199  -10.773 1.00 23.61 ? 1230 LEU A CA  1 
ATOM   1157 C C   . LEU A 1 153 ? 9.537   -10.477 -10.508 1.00 23.10 ? 1230 LEU A C   1 
ATOM   1158 O O   . LEU A 1 153 ? 9.005   -11.575 -10.681 1.00 28.10 ? 1230 LEU A O   1 
ATOM   1159 C CB  . LEU A 1 153 ? 9.028   -8.683  -12.184 1.00 20.21 ? 1230 LEU A CB  1 
ATOM   1160 C CG  . LEU A 1 153 ? 8.739   -9.663  -13.313 1.00 33.86 ? 1230 LEU A CG  1 
ATOM   1161 C CD1 . LEU A 1 153 ? 7.252   -10.011 -13.361 1.00 27.40 ? 1230 LEU A CD1 1 
ATOM   1162 C CD2 . LEU A 1 153 ? 9.202   -9.058  -14.625 1.00 27.85 ? 1230 LEU A CD2 1 
ATOM   1163 N N   . GLN A 1 154 ? 10.786  -10.342 -10.064 1.00 22.70 ? 1231 GLN A N   1 
ATOM   1164 C CA  . GLN A 1 154 ? 11.650  -11.480 -9.756  1.00 26.17 ? 1231 GLN A CA  1 
ATOM   1165 C C   . GLN A 1 154 ? 11.099  -12.331 -8.625  1.00 32.05 ? 1231 GLN A C   1 
ATOM   1166 O O   . GLN A 1 154 ? 11.273  -13.555 -8.641  1.00 29.21 ? 1231 GLN A O   1 
ATOM   1167 C CB  . GLN A 1 154 ? 13.044  -10.985 -9.372  1.00 31.70 ? 1231 GLN A CB  1 
ATOM   1168 C CG  . GLN A 1 154 ? 12.971  -9.923  -8.259  1.00 38.86 ? 1231 GLN A CG  1 
ATOM   1169 C CD  . GLN A 1 154 ? 14.283  -9.694  -7.552  1.00 55.06 ? 1231 GLN A CD  1 
ATOM   1170 O OE1 . GLN A 1 154 ? 14.982  -8.715  -7.816  1.00 69.41 ? 1231 GLN A OE1 1 
ATOM   1171 N NE2 . GLN A 1 154 ? 14.624  -10.595 -6.634  1.00 67.39 ? 1231 GLN A NE2 1 
ATOM   1172 N N   . GLU A 1 155 ? 10.439  -11.724 -7.641  1.00 23.33 ? 1232 GLU A N   1 
ATOM   1173 C CA  . GLU A 1 155 ? 9.921   -12.495 -6.517  1.00 23.66 ? 1232 GLU A CA  1 
ATOM   1174 C C   . GLU A 1 155 ? 8.514   -13.001 -6.767  1.00 31.04 ? 1232 GLU A C   1 
ATOM   1175 O O   . GLU A 1 155 ? 7.872   -13.498 -5.833  1.00 31.28 ? 1232 GLU A O   1 
ATOM   1176 C CB  . GLU A 1 155 ? 9.964   -11.669 -5.229  1.00 25.71 ? 1232 GLU A CB  1 
ATOM   1177 N N   . GLY A 1 156 ? 8.024   -12.898 -7.999  1.00 24.47 ? 1233 GLY A N   1 
ATOM   1178 C CA  . GLY A 1 156 ? 6.727   -13.443 -8.339  1.00 20.94 ? 1233 GLY A CA  1 
ATOM   1179 C C   . GLY A 1 156 ? 5.528   -12.561 -8.049  1.00 22.59 ? 1233 GLY A C   1 
ATOM   1180 O O   . GLY A 1 156 ? 4.393   -13.054 -8.092  1.00 21.67 ? 1233 GLY A O   1 
ATOM   1181 N N   . TYR A 1 157 ? 5.729   -11.287 -7.740  1.00 18.88 ? 1234 TYR A N   1 
ATOM   1182 C CA  . TYR A 1 157 ? 4.595   -10.395 -7.570  1.00 18.91 ? 1234 TYR A CA  1 
ATOM   1183 C C   . TYR A 1 157 ? 4.023   -10.022 -8.939  1.00 22.79 ? 1234 TYR A C   1 
ATOM   1184 O O   . TYR A 1 157 ? 4.720   -10.057 -9.956  1.00 20.41 ? 1234 TYR A O   1 
ATOM   1185 C CB  . TYR A 1 157 ? 5.009   -9.133  -6.813  1.00 14.12 ? 1234 TYR A CB  1 
ATOM   1186 C CG  . TYR A 1 157 ? 5.323   -9.367  -5.349  1.00 22.75 ? 1234 TYR A CG  1 
ATOM   1187 C CD1 . TYR A 1 157 ? 6.565   -9.817  -4.950  1.00 20.17 ? 1234 TYR A CD1 1 
ATOM   1188 C CD2 . TYR A 1 157 ? 4.364   -9.138  -4.369  1.00 20.36 ? 1234 TYR A CD2 1 
ATOM   1189 C CE1 . TYR A 1 157 ? 6.855   -10.049 -3.607  1.00 21.27 ? 1234 TYR A CE1 1 
ATOM   1190 C CE2 . TYR A 1 157 ? 4.643   -9.358  -3.027  1.00 22.31 ? 1234 TYR A CE2 1 
ATOM   1191 C CZ  . TYR A 1 157 ? 5.893   -9.815  -2.656  1.00 17.08 ? 1234 TYR A CZ  1 
ATOM   1192 O OH  . TYR A 1 157 ? 6.178   -10.022 -1.333  1.00 21.29 ? 1234 TYR A OH  1 
ATOM   1193 N N   . GLU A 1 158 ? 2.745   -9.631  -8.946  1.00 17.97 ? 1235 GLU A N   1 
ATOM   1194 C CA  . GLU A 1 158 ? 2.018   -9.232  -10.149 1.00 17.51 ? 1235 GLU A CA  1 
ATOM   1195 C C   . GLU A 1 158 ? 1.422   -7.830  -10.002 1.00 19.86 ? 1235 GLU A C   1 
ATOM   1196 O O   . GLU A 1 158 ? 0.924   -7.475  -8.928  1.00 19.64 ? 1235 GLU A O   1 
ATOM   1197 C CB  . GLU A 1 158 ? 0.896   -10.239 -10.444 1.00 10.15 ? 1235 GLU A CB  1 
ATOM   1198 N N   . PRO A 1 159 ? 1.462   -7.020  -11.060 1.00 21.89 ? 1236 PRO A N   1 
ATOM   1199 C CA  . PRO A 1 159 ? 0.857   -5.684  -10.970 1.00 21.55 ? 1236 PRO A CA  1 
ATOM   1200 C C   . PRO A 1 159 ? -0.609  -5.786  -10.599 1.00 22.36 ? 1236 PRO A C   1 
ATOM   1201 O O   . PRO A 1 159 ? -1.311  -6.700  -11.031 1.00 25.36 ? 1236 PRO A O   1 
ATOM   1202 C CB  . PRO A 1 159 ? 1.051   -5.118  -12.386 1.00 27.61 ? 1236 PRO A CB  1 
ATOM   1203 C CG  . PRO A 1 159 ? 2.202   -5.882  -12.929 1.00 26.13 ? 1236 PRO A CG  1 
ATOM   1204 C CD  . PRO A 1 159 ? 2.024   -7.268  -12.395 1.00 24.07 ? 1236 PRO A CD  1 
ATOM   1205 N N   . PHE A 1 160 ? -1.082  -4.840  -9.780  1.00 22.16 ? 1237 PHE A N   1 
ATOM   1206 C CA  . PHE A 1 160 ? -2.449  -4.965  -9.281  1.00 21.21 ? 1237 PHE A CA  1 
ATOM   1207 C C   . PHE A 1 160 ? -3.502  -4.736  -10.362 1.00 25.09 ? 1237 PHE A C   1 
ATOM   1208 O O   . PHE A 1 160 ? -4.657  -5.150  -10.180 1.00 20.87 ? 1237 PHE A O   1 
ATOM   1209 C CB  . PHE A 1 160 ? -2.706  -4.005  -8.118  1.00 23.18 ? 1237 PHE A CB  1 
ATOM   1210 C CG  . PHE A 1 160 ? -3.998  -4.278  -7.396  1.00 25.45 ? 1237 PHE A CG  1 
ATOM   1211 C CD1 . PHE A 1 160 ? -4.100  -5.341  -6.518  1.00 24.02 ? 1237 PHE A CD1 1 
ATOM   1212 C CD2 . PHE A 1 160 ? -5.116  -3.497  -7.621  1.00 25.00 ? 1237 PHE A CD2 1 
ATOM   1213 C CE1 . PHE A 1 160 ? -5.292  -5.605  -5.866  1.00 34.39 ? 1237 PHE A CE1 1 
ATOM   1214 C CE2 . PHE A 1 160 ? -6.310  -3.760  -6.967  1.00 30.60 ? 1237 PHE A CE2 1 
ATOM   1215 C CZ  . PHE A 1 160 ? -6.394  -4.814  -6.093  1.00 25.58 ? 1237 PHE A CZ  1 
ATOM   1216 N N   . CYS A 1 161 ? -3.130  -4.107  -11.483 1.00 20.96 ? 1238 CYS A N   1 
ATOM   1217 C CA  . CYS A 1 161 ? -4.126  -3.714  -12.475 1.00 25.85 ? 1238 CYS A CA  1 
ATOM   1218 C C   . CYS A 1 161 ? -4.997  -4.885  -12.916 1.00 31.12 ? 1238 CYS A C   1 
ATOM   1219 O O   . CYS A 1 161 ? -6.184  -4.703  -13.207 1.00 27.81 ? 1238 CYS A O   1 
ATOM   1220 C CB  . CYS A 1 161 ? -3.434  -3.092  -13.685 1.00 20.62 ? 1238 CYS A CB  1 
ATOM   1221 S SG  . CYS A 1 161 ? -2.214  -4.168  -14.443 1.00 26.02 ? 1238 CYS A SG  1 
ATOM   1222 N N   . VAL A 1 162 ? -4.428  -6.096  -12.964 1.00 23.40 ? 1239 VAL A N   1 
ATOM   1223 C CA  . VAL A 1 162 ? -5.150  -7.270  -13.443 1.00 34.64 ? 1239 VAL A CA  1 
ATOM   1224 C C   . VAL A 1 162 ? -6.431  -7.518  -12.674 1.00 43.74 ? 1239 VAL A C   1 
ATOM   1225 O O   . VAL A 1 162 ? -7.269  -8.294  -13.138 1.00 43.04 ? 1239 VAL A O   1 
ATOM   1226 C CB  . VAL A 1 162 ? -4.268  -8.534  -13.371 1.00 37.55 ? 1239 VAL A CB  1 
ATOM   1227 C CG1 . VAL A 1 162 ? -4.939  -9.691  -14.083 1.00 50.93 ? 1239 VAL A CG1 1 
ATOM   1228 C CG2 . VAL A 1 162 ? -2.879  -8.265  -13.950 1.00 47.30 ? 1239 VAL A CG2 1 
ATOM   1229 N N   . ASN A 1 163 ? -6.602  -6.907  -11.501 1.00 29.24 ? 1240 ASN A N   1 
ATOM   1230 C CA  . ASN A 1 163 ? -7.750  -7.185  -10.651 1.00 34.57 ? 1240 ASN A CA  1 
ATOM   1231 C C   . ASN A 1 163 ? -8.883  -6.198  -10.811 1.00 36.85 ? 1240 ASN A C   1 
ATOM   1232 O O   . ASN A 1 163 ? -9.784  -6.190  -9.967  1.00 30.19 ? 1240 ASN A O   1 
ATOM   1233 C CB  . ASN A 1 163 ? -7.353  -7.225  -9.182  1.00 22.96 ? 1240 ASN A CB  1 
ATOM   1234 C CG  . ASN A 1 163 ? -6.452  -8.374  -8.873  1.00 33.93 ? 1240 ASN A CG  1 
ATOM   1235 O OD1 . ASN A 1 163 ? -6.895  -9.528  -8.792  1.00 38.21 ? 1240 ASN A OD1 1 
ATOM   1236 N ND2 . ASN A 1 163 ? -5.168  -8.080  -8.710  1.00 30.76 ? 1240 ASN A ND2 1 
ATOM   1237 N N   . MET A 1 164 ? -8.878  -5.370  -11.855 1.00 52.17 ? 1241 MET A N   1 
ATOM   1238 C CA  . MET A 1 164 ? -10.032 -4.504  -12.108 1.00 45.01 ? 1241 MET A CA  1 
ATOM   1239 C C   . MET A 1 164 ? -10.635 -4.768  -13.485 1.00 42.88 ? 1241 MET A C   1 
ATOM   1240 O O   . MET A 1 164 ? -10.155 -4.259  -14.505 1.00 40.04 ? 1241 MET A O   1 
ATOM   1241 C CB  . MET A 1 164 ? -9.688  -3.040  -11.931 1.00 39.10 ? 1241 MET A CB  1 
ATOM   1242 C CG  . MET A 1 164 ? -10.924 -2.110  -11.957 1.00 36.60 ? 1241 MET A CG  1 
ATOM   1243 S SD  . MET A 1 164 ? -12.501 -2.591  -11.188 1.00 66.26 ? 1241 MET A SD  1 
ATOM   1244 C CE  . MET A 1 164 ? -12.030 -3.805  -9.965  1.00 45.68 ? 1241 MET A CE  1 
ATOM   1245 N N   . ALA A 1 165 ? -11.684 -5.591  -13.478 1.00 35.12 ? 1242 ALA A N   1 
ATOM   1246 C CA  . ALA A 1 165 ? -12.743 -5.621  -14.470 1.00 28.45 ? 1242 ALA A CA  1 
ATOM   1247 C C   . ALA A 1 165 ? -13.677 -6.769  -14.129 1.00 44.35 ? 1242 ALA A C   1 
ATOM   1248 O O   . ALA A 1 165 ? -13.257 -7.757  -13.515 1.00 56.85 ? 1242 ALA A O   1 
ATOM   1249 C CB  . ALA A 1 165 ? -12.217 -5.776  -15.896 1.00 20.61 ? 1242 ALA A CB  1 
ATOM   1250 N N   . ARG A 1 166 ? -14.950 -6.611  -14.484 1.00 31.29 ? 1243 ARG A N   1 
ATOM   1251 C CA  . ARG A 1 166 ? -15.923 -7.693  -14.551 1.00 38.05 ? 1243 ARG A CA  1 
ATOM   1252 C C   . ARG A 1 166 ? -16.827 -7.715  -13.324 1.00 44.81 ? 1243 ARG A C   1 
ATOM   1253 O O   . ARG A 1 166 ? -16.346 -7.593  -12.193 1.00 33.64 ? 1243 ARG A O   1 
ATOM   1254 C CB  . ARG A 1 166 ? -15.211 -9.024  -14.734 1.00 42.23 ? 1243 ARG A CB  1 
ATOM   1255 C CG  . ARG A 1 166 ? -16.061 -10.017 -15.443 1.00 44.18 ? 1243 ARG A CG  1 
ATOM   1256 C CD  . ARG A 1 166 ? -16.694 -9.351  -16.597 1.00 36.49 ? 1243 ARG A CD  1 
ATOM   1257 N NE  . ARG A 1 166 ? -15.720 -9.013  -17.621 1.00 37.21 ? 1243 ARG A NE  1 
ATOM   1258 C CZ  . ARG A 1 166 ? -15.075 -9.918  -18.337 1.00 37.98 ? 1243 ARG A CZ  1 
ATOM   1259 N NH1 . ARG A 1 166 ? -15.309 -11.206 -18.101 1.00 38.00 ? 1243 ARG A NH1 1 
ATOM   1260 N NH2 . ARG A 1 166 ? -14.212 -9.536  -19.285 1.00 33.68 ? 1243 ARG A NH2 1 
ATOM   1261 N N   . ASP A 1 167 ? -18.136 -7.864  -13.528 1.00 32.67 ? 1244 ASP A N   1 
ATOM   1262 C CA  . ASP A 1 167 ? -19.025 -7.793  -12.378 1.00 32.49 ? 1244 ASP A CA  1 
ATOM   1263 C C   . ASP A 1 167 ? -20.395 -8.386  -12.688 1.00 25.59 ? 1244 ASP A C   1 
ATOM   1264 O O   . ASP A 1 167 ? -21.024 -8.050  -13.695 1.00 22.12 ? 1244 ASP A O   1 
ATOM   1265 C CB  . ASP A 1 167 ? -19.153 -6.335  -11.907 1.00 36.36 ? 1244 ASP A CB  1 
ATOM   1266 N N   . VAL A 1 168 ? -20.865 -9.237  -11.794 1.00 23.57 ? 1245 VAL A N   1 
ATOM   1267 C CA  . VAL A 1 168 ? -22.277 -9.569  -11.722 1.00 26.98 ? 1245 VAL A CA  1 
ATOM   1268 C C   . VAL A 1 168 ? -22.896 -8.631  -10.702 1.00 28.74 ? 1245 VAL A C   1 
ATOM   1269 O O   . VAL A 1 168 ? -22.382 -8.480  -9.592  1.00 26.70 ? 1245 VAL A O   1 
ATOM   1270 C CB  . VAL A 1 168 ? -22.481 -11.044 -11.341 1.00 25.35 ? 1245 VAL A CB  1 
ATOM   1271 C CG1 . VAL A 1 168 ? -23.986 -11.374 -11.229 1.00 25.65 ? 1245 VAL A CG1 1 
ATOM   1272 C CG2 . VAL A 1 168 ? -21.885 -11.911 -12.386 1.00 24.62 ? 1245 VAL A CG2 1 
ATOM   1273 N N   . THR A 1 169 ? -23.947 -7.933  -11.097 1.00 22.40 ? 1246 THR A N   1 
ATOM   1274 C CA  . THR A 1 169 ? -24.684 -7.107  -10.159 1.00 25.49 ? 1246 THR A CA  1 
ATOM   1275 C C   . THR A 1 169 ? -26.033 -7.764  -9.888  1.00 28.25 ? 1246 THR A C   1 
ATOM   1276 O O   . THR A 1 169 ? -26.644 -8.345  -10.788 1.00 25.99 ? 1246 THR A O   1 
ATOM   1277 C CB  . THR A 1 169 ? -24.853 -5.674  -10.684 1.00 30.54 ? 1246 THR A CB  1 
ATOM   1278 O OG1 . THR A 1 169 ? -23.638 -4.921  -10.498 1.00 39.21 ? 1246 THR A OG1 1 
ATOM   1279 C CG2 . THR A 1 169 ? -25.963 -4.999  -9.954  1.00 40.75 ? 1246 THR A CG2 1 
ATOM   1280 N N   . HIS A 1 170 ? -26.492 -7.664  -8.643  1.00 23.89 ? 1247 HIS A N   1 
ATOM   1281 C CA  . HIS A 1 170 ? -27.623 -8.446  -8.147  1.00 31.21 ? 1247 HIS A CA  1 
ATOM   1282 C C   . HIS A 1 170 ? -28.351 -7.569  -7.141  1.00 30.75 ? 1247 HIS A C   1 
ATOM   1283 O O   . HIS A 1 170 ? -27.800 -7.281  -6.075  1.00 28.96 ? 1247 HIS A O   1 
ATOM   1284 C CB  . HIS A 1 170 ? -27.124 -9.739  -7.496  1.00 27.54 ? 1247 HIS A CB  1 
ATOM   1285 C CG  . HIS A 1 170 ? -28.185 -10.767 -7.270  1.00 37.36 ? 1247 HIS A CG  1 
ATOM   1286 N ND1 . HIS A 1 170 ? -27.895 -12.053 -6.870  1.00 37.75 ? 1247 HIS A ND1 1 
ATOM   1287 C CD2 . HIS A 1 170 ? -29.533 -10.702 -7.391  1.00 26.89 ? 1247 HIS A CD2 1 
ATOM   1288 C CE1 . HIS A 1 170 ? -29.019 -12.736 -6.748  1.00 45.39 ? 1247 HIS A CE1 1 
ATOM   1289 N NE2 . HIS A 1 170 ? -30.027 -11.941 -7.062  1.00 40.45 ? 1247 HIS A NE2 1 
ATOM   1290 N N   . TRP A 1 171 ? -29.563 -7.123  -7.467  1.00 19.71 ? 1248 TRP A N   1 
ATOM   1291 C CA  . TRP A 1 171 ? -30.293 -6.239  -6.553  1.00 23.42 ? 1248 TRP A CA  1 
ATOM   1292 C C   . TRP A 1 171 ? -31.145 -7.126  -5.651  1.00 27.42 ? 1248 TRP A C   1 
ATOM   1293 O O   . TRP A 1 171 ? -32.293 -7.462  -5.964  1.00 20.41 ? 1248 TRP A O   1 
ATOM   1294 C CB  . TRP A 1 171 ? -31.107 -5.216  -7.334  1.00 18.96 ? 1248 TRP A CB  1 
ATOM   1295 C CG  . TRP A 1 171 ? -32.026 -4.291  -6.546  1.00 20.94 ? 1248 TRP A CG  1 
ATOM   1296 C CD1 . TRP A 1 171 ? -33.201 -3.760  -6.994  1.00 29.34 ? 1248 TRP A CD1 1 
ATOM   1297 C CD2 . TRP A 1 171 ? -31.837 -3.763  -5.225  1.00 34.49 ? 1248 TRP A CD2 1 
ATOM   1298 N NE1 . TRP A 1 171 ? -33.768 -2.960  -6.037  1.00 26.77 ? 1248 TRP A NE1 1 
ATOM   1299 C CE2 . TRP A 1 171 ? -32.955 -2.941  -4.939  1.00 38.80 ? 1248 TRP A CE2 1 
ATOM   1300 C CE3 . TRP A 1 171 ? -30.843 -3.897  -4.262  1.00 32.77 ? 1248 TRP A CE3 1 
ATOM   1301 C CZ2 . TRP A 1 171 ? -33.107 -2.272  -3.730  1.00 40.89 ? 1248 TRP A CZ2 1 
ATOM   1302 C CZ3 . TRP A 1 171 ? -30.990 -3.222  -3.056  1.00 60.42 ? 1248 TRP A CZ3 1 
ATOM   1303 C CH2 . TRP A 1 171 ? -32.113 -2.420  -2.804  1.00 62.08 ? 1248 TRP A CH2 1 
ATOM   1304 N N   . TYR A 1 172 ? -30.542 -7.552  -4.544  1.00 25.15 ? 1249 TYR A N   1 
ATOM   1305 C CA  . TYR A 1 172 ? -31.193 -8.394  -3.544  1.00 40.66 ? 1249 TYR A CA  1 
ATOM   1306 C C   . TYR A 1 172 ? -31.460 -7.587  -2.271  1.00 40.50 ? 1249 TYR A C   1 
ATOM   1307 O O   . TYR A 1 172 ? -32.608 -7.446  -1.844  1.00 41.65 ? 1249 TYR A O   1 
ATOM   1308 C CB  . TYR A 1 172 ? -30.332 -9.627  -3.228  1.00 39.81 ? 1249 TYR A CB  1 
HETATM 1309 C C1  . GOL B 2 .   ? -11.582 -8.995  -7.583  1.00 23.25 ? 1301 GOL A C1  1 
HETATM 1310 O O1  . GOL B 2 .   ? -11.708 -10.307 -7.150  1.00 67.16 ? 1301 GOL A O1  1 
HETATM 1311 C C2  . GOL B 2 .   ? -10.241 -8.898  -8.303  1.00 33.68 ? 1301 GOL A C2  1 
HETATM 1312 O O2  . GOL B 2 .   ? -9.212  -9.649  -7.737  1.00 38.44 ? 1301 GOL A O2  1 
HETATM 1313 C C3  . GOL B 2 .   ? -10.521 -9.365  -9.739  1.00 39.22 ? 1301 GOL A C3  1 
HETATM 1314 O O3  . GOL B 2 .   ? -11.594 -8.609  -10.257 1.00 38.96 ? 1301 GOL A O3  1 
HETATM 1315 H H11 . GOL B 2 .   ? -12.292 -8.729  -8.189  1.00 27.82 ? 1301 GOL A H11 1 
HETATM 1316 H H12 . GOL B 2 .   ? -11.602 -8.356  -6.854  1.00 27.82 ? 1301 GOL A H12 1 
HETATM 1317 H HO1 . GOL B 2 .   ? -12.541 -10.465 -7.099  1.00 80.52 ? 1301 GOL A HO1 1 
HETATM 1318 H H2  . GOL B 2 .   ? -9.943  -7.977  -8.252  1.00 40.34 ? 1301 GOL A H2  1 
HETATM 1319 H HO2 . GOL B 2 .   ? -9.376  -10.470 -7.883  1.00 46.04 ? 1301 GOL A HO2 1 
HETATM 1320 H H31 . GOL B 2 .   ? -9.706  -9.270  -10.256 1.00 46.99 ? 1301 GOL A H31 1 
HETATM 1321 H H32 . GOL B 2 .   ? -10.703 -10.318 -9.720  1.00 46.99 ? 1301 GOL A H32 1 
HETATM 1322 H HO3 . GOL B 2 .   ? -11.464 -8.543  -11.094 1.00 46.67 ? 1301 GOL A HO3 1 
HETATM 1323 C C1  . GOL C 2 .   ? -24.925 -7.763  -3.771  1.00 48.78 ? 1302 GOL A C1  1 
HETATM 1324 O O1  . GOL C 2 .   ? -25.685 -8.793  -3.259  1.00 54.11 ? 1302 GOL A O1  1 
HETATM 1325 C C2  . GOL C 2 .   ? -25.785 -6.490  -3.731  1.00 54.67 ? 1302 GOL A C2  1 
HETATM 1326 O O2  . GOL C 2 .   ? -26.000 -6.080  -2.441  1.00 63.01 ? 1302 GOL A O2  1 
HETATM 1327 C C3  . GOL C 2 .   ? -25.003 -5.448  -4.576  1.00 46.49 ? 1302 GOL A C3  1 
HETATM 1328 O O3  . GOL C 2 .   ? -25.843 -4.345  -4.715  1.00 44.98 ? 1302 GOL A O3  1 
HETATM 1329 H H11 . GOL C 2 .   ? -24.642 -7.928  -4.685  1.00 58.46 ? 1302 GOL A H11 1 
HETATM 1330 H H12 . GOL C 2 .   ? -24.111 -7.614  -3.264  1.00 58.46 ? 1302 GOL A H12 1 
HETATM 1331 H HO1 . GOL C 2 .   ? -25.149 -9.432  -3.096  1.00 64.85 ? 1302 GOL A HO1 1 
HETATM 1332 H H2  . GOL C 2 .   ? -26.663 -6.640  -4.116  1.00 65.52 ? 1302 GOL A H2  1 
HETATM 1333 H HO2 . GOL C 2 .   ? -26.761 -6.371  -2.197  1.00 75.53 ? 1302 GOL A HO2 1 
HETATM 1334 H H31 . GOL C 2 .   ? -24.752 -5.852  -5.422  1.00 55.71 ? 1302 GOL A H31 1 
HETATM 1335 H H32 . GOL C 2 .   ? -24.166 -5.244  -4.131  1.00 55.71 ? 1302 GOL A H32 1 
HETATM 1336 H HO3 . GOL C 2 .   ? -25.340 -3.666  -4.809  1.00 53.89 ? 1302 GOL A HO3 1 
HETATM 1337 C C1  . GOL D 2 .   ? -22.006 -9.134  -5.394  1.00 46.99 ? 1303 GOL A C1  1 
HETATM 1338 O O1  . GOL D 2 .   ? -22.305 -10.159 -6.298  1.00 46.25 ? 1303 GOL A O1  1 
HETATM 1339 C C2  . GOL D 2 .   ? -21.404 -7.945  -6.197  1.00 48.31 ? 1303 GOL A C2  1 
HETATM 1340 O O2  . GOL D 2 .   ? -21.300 -8.245  -7.546  1.00 51.83 ? 1303 GOL A O2  1 
HETATM 1341 C C3  . GOL D 2 .   ? -22.347 -6.727  -5.942  1.00 48.27 ? 1303 GOL A C3  1 
HETATM 1342 O O3  . GOL D 2 .   ? -23.433 -6.786  -6.879  1.00 41.67 ? 1303 GOL A O3  1 
HETATM 1343 H H11 . GOL D 2 .   ? -21.371 -9.413  -4.717  1.00 56.30 ? 1303 GOL A H11 1 
HETATM 1344 H H12 . GOL D 2 .   ? -22.790 -8.826  -4.911  1.00 56.30 ? 1303 GOL A H12 1 
HETATM 1345 H HO1 . GOL D 2 .   ? -21.624 -10.667 -6.323  1.00 55.41 ? 1303 GOL A HO1 1 
HETATM 1346 H H2  . GOL D 2 .   ? -20.509 -7.751  -5.881  1.00 57.89 ? 1303 GOL A H2  1 
HETATM 1347 H HO2 . GOL D 2 .   ? -20.581 -7.894  -7.836  1.00 62.11 ? 1303 GOL A HO2 1 
HETATM 1348 H H31 . GOL D 2 .   ? -21.822 -5.914  -6.018  1.00 57.85 ? 1303 GOL A H31 1 
HETATM 1349 H H32 . GOL D 2 .   ? -22.640 -6.756  -5.017  1.00 57.85 ? 1303 GOL A H32 1 
HETATM 1350 H HO3 . GOL D 2 .   ? -24.061 -7.217  -6.499  1.00 49.92 ? 1303 GOL A HO3 1 
HETATM 1351 C C1  . GOL E 2 .   ? 10.203  -8.986  -0.701  1.00 35.31 ? 1304 GOL A C1  1 
HETATM 1352 O O1  . GOL E 2 .   ? 9.775   -9.672  -1.840  1.00 35.02 ? 1304 GOL A O1  1 
HETATM 1353 C C2  . GOL E 2 .   ? 9.431   -9.601  0.449   1.00 42.70 ? 1304 GOL A C2  1 
HETATM 1354 O O2  . GOL E 2 .   ? 9.549   -8.865  1.621   1.00 50.85 ? 1304 GOL A O2  1 
HETATM 1355 C C3  . GOL E 2 .   ? 10.046  -11.007 0.644   1.00 51.99 ? 1304 GOL A C3  1 
HETATM 1356 O O3  . GOL E 2 .   ? 9.093   -11.745 1.321   1.00 53.90 ? 1304 GOL A O3  1 
HETATM 1357 H H11 . GOL E 2 .   ? 11.156  -9.074  -0.542  1.00 42.29 ? 1304 GOL A H11 1 
HETATM 1358 H H12 . GOL E 2 .   ? 10.028  -8.033  -0.743  1.00 42.29 ? 1304 GOL A H12 1 
HETATM 1359 H HO1 . GOL E 2 .   ? 10.386  -10.231 -2.029  1.00 41.94 ? 1304 GOL A HO1 1 
HETATM 1360 H H2  . GOL E 2 .   ? 8.489   -9.636  0.222   1.00 51.17 ? 1304 GOL A H2  1 
HETATM 1361 H HO2 . GOL E 2 .   ? 9.331   -8.061  1.447   1.00 60.94 ? 1304 GOL A HO2 1 
HETATM 1362 H H31 . GOL E 2 .   ? 10.885  -10.926 1.123   1.00 62.31 ? 1304 GOL A H31 1 
HETATM 1363 H H32 . GOL E 2 .   ? 10.279  -11.377 -0.222  1.00 62.31 ? 1304 GOL A H32 1 
HETATM 1364 H HO3 . GOL E 2 .   ? 9.421   -12.520 1.437   1.00 64.60 ? 1304 GOL A HO3 1 
HETATM 1365 O O   . HOH F 3 .   ? 9.658   -2.637  14.802  1.00 33.40 ? 1401 HOH A O   1 
HETATM 1366 O O   . HOH F 3 .   ? -6.806  0.723   9.519   1.00 23.34 ? 1402 HOH A O   1 
HETATM 1367 O O   . HOH F 3 .   ? 8.918   10.550  -9.562  1.00 29.80 ? 1403 HOH A O   1 
HETATM 1368 O O   . HOH F 3 .   ? 7.660   -14.783 2.465   1.00 33.66 ? 1404 HOH A O   1 
HETATM 1369 O O   . HOH F 3 .   ? -12.913 -16.590 3.445   1.00 45.96 ? 1405 HOH A O   1 
HETATM 1370 O O   . HOH F 3 .   ? 1.884   -3.800  -16.039 1.00 38.36 ? 1406 HOH A O   1 
HETATM 1371 O O   . HOH F 3 .   ? 19.465  0.997   -6.088  1.00 40.34 ? 1407 HOH A O   1 
HETATM 1372 O O   . HOH F 3 .   ? 3.014   7.306   11.943  1.00 32.28 ? 1408 HOH A O   1 
HETATM 1373 O O   . HOH F 3 .   ? -1.461  20.562  -2.187  1.00 31.84 ? 1409 HOH A O   1 
HETATM 1374 O O   . HOH F 3 .   ? 13.559  -0.171  9.343   1.00 29.42 ? 1410 HOH A O   1 
HETATM 1375 O O   . HOH F 3 .   ? 6.702   -12.486 1.527   1.00 32.66 ? 1411 HOH A O   1 
HETATM 1376 O O   . HOH F 3 .   ? 13.512  -11.667 6.431   1.00 26.51 ? 1412 HOH A O   1 
HETATM 1377 O O   . HOH F 3 .   ? 3.043   5.801   -8.956  1.00 25.32 ? 1413 HOH A O   1 
HETATM 1378 O O   . HOH F 3 .   ? 14.633  -11.160 8.878   1.00 32.12 ? 1414 HOH A O   1 
HETATM 1379 O O   . HOH F 3 .   ? -32.828 -7.795  0.675   1.00 46.02 ? 1415 HOH A O   1 
HETATM 1380 O O   . HOH F 3 .   ? 4.041   7.939   -10.709 1.00 34.61 ? 1416 HOH A O   1 
HETATM 1381 O O   . HOH F 3 .   ? -2.833  16.512  7.865   1.00 19.60 ? 1417 HOH A O   1 
HETATM 1382 O O   . HOH F 3 .   ? -8.972  8.498   7.258   1.00 35.85 ? 1418 HOH A O   1 
HETATM 1383 O O   . HOH F 3 .   ? 5.536   13.568  2.273   1.00 23.46 ? 1419 HOH A O   1 
HETATM 1384 O O   . HOH F 3 .   ? 10.111  -1.730  12.482  1.00 34.31 ? 1420 HOH A O   1 
HETATM 1385 O O   . HOH F 3 .   ? -5.512  -14.728 5.080   1.00 35.71 ? 1421 HOH A O   1 
HETATM 1386 O O   . HOH F 3 .   ? -11.650 5.529   -1.086  1.00 35.16 ? 1422 HOH A O   1 
HETATM 1387 O O   . HOH F 3 .   ? 15.666  -1.457  -8.618  1.00 32.05 ? 1423 HOH A O   1 
HETATM 1388 O O   . HOH F 3 .   ? 12.705  -1.616  -12.388 1.00 32.27 ? 1424 HOH A O   1 
HETATM 1389 O O   . HOH F 3 .   ? -13.597 -7.213  -18.129 1.00 30.58 ? 1425 HOH A O   1 
HETATM 1390 O O   . HOH F 3 .   ? -8.129  -12.754 -5.606  1.00 33.74 ? 1426 HOH A O   1 
HETATM 1391 O O   . HOH F 3 .   ? -0.588  4.782   -18.793 1.00 55.25 ? 1427 HOH A O   1 
HETATM 1392 O O   . HOH F 3 .   ? -6.961  -14.789 1.829   1.00 33.85 ? 1428 HOH A O   1 
HETATM 1393 O O   . HOH F 3 .   ? 16.353  0.069   2.130   1.00 30.60 ? 1429 HOH A O   1 
HETATM 1394 O O   . HOH F 3 .   ? 9.806   -2.055  -6.361  1.00 19.34 ? 1430 HOH A O   1 
HETATM 1395 O O   . HOH F 3 .   ? -10.530 -9.669  5.387   1.00 33.58 ? 1431 HOH A O   1 
HETATM 1396 O O   . HOH F 3 .   ? -11.244 4.673   5.402   1.00 31.34 ? 1432 HOH A O   1 
HETATM 1397 O O   . HOH F 3 .   ? -2.152  -9.476  12.029  1.00 28.25 ? 1433 HOH A O   1 
HETATM 1398 O O   . HOH F 3 .   ? 10.306  1.512   -5.351  1.00 23.79 ? 1434 HOH A O   1 
HETATM 1399 O O   . HOH F 3 .   ? 11.970  -2.484  -16.776 1.00 26.52 ? 1435 HOH A O   1 
HETATM 1400 O O   . HOH F 3 .   ? 4.973   4.090   18.929  1.00 49.08 ? 1436 HOH A O   1 
HETATM 1401 O O   . HOH F 3 .   ? -11.609 -7.107  11.955  1.00 39.78 ? 1437 HOH A O   1 
HETATM 1402 O O   . HOH F 3 .   ? 10.705  -4.692  5.538   1.00 27.96 ? 1438 HOH A O   1 
HETATM 1403 O O   . HOH F 3 .   ? 0.318   -8.039  11.153  1.00 21.45 ? 1439 HOH A O   1 
HETATM 1404 O O   . HOH F 3 .   ? 5.414   -8.920  1.140   1.00 22.07 ? 1440 HOH A O   1 
HETATM 1405 O O   . HOH F 3 .   ? 10.080  -4.298  2.501   1.00 19.93 ? 1441 HOH A O   1 
HETATM 1406 O O   . HOH F 3 .   ? 18.271  -5.914  12.888  1.00 26.03 ? 1442 HOH A O   1 
HETATM 1407 O O   . HOH F 3 .   ? 2.961   -14.290 7.938   1.00 23.12 ? 1443 HOH A O   1 
HETATM 1408 O O   . HOH F 3 .   ? 14.868  -10.440 4.680   1.00 29.30 ? 1444 HOH A O   1 
HETATM 1409 O O   . HOH F 3 .   ? 6.079   -15.971 -1.096  1.00 38.11 ? 1445 HOH A O   1 
HETATM 1410 O O   . HOH F 3 .   ? 13.913  -11.882 2.219   1.00 39.19 ? 1446 HOH A O   1 
HETATM 1411 O O   . HOH F 3 .   ? -7.942  21.646  8.262   1.00 40.11 ? 1447 HOH A O   1 
HETATM 1412 O O   . HOH F 3 .   ? 0.042   -13.001 -7.919  1.00 28.66 ? 1448 HOH A O   1 
HETATM 1413 O O   . HOH F 3 .   ? -12.076 -1.212  13.639  1.00 30.92 ? 1449 HOH A O   1 
HETATM 1414 O O   . HOH F 3 .   ? 4.399   17.166  11.730  1.00 41.25 ? 1450 HOH A O   1 
HETATM 1415 O O   . HOH F 3 .   ? 9.540   -6.154  -17.092 1.00 34.89 ? 1451 HOH A O   1 
HETATM 1416 O O   . HOH F 3 .   ? -11.376 9.416   4.562   1.00 28.51 ? 1452 HOH A O   1 
HETATM 1417 O O   . HOH F 3 .   ? 2.007   10.789  8.038   1.00 26.68 ? 1453 HOH A O   1 
HETATM 1418 O O   . HOH F 3 .   ? 16.381  5.277   -8.705  1.00 43.53 ? 1454 HOH A O   1 
HETATM 1419 O O   . HOH F 3 .   ? -4.143  -15.577 2.537   1.00 23.02 ? 1455 HOH A O   1 
HETATM 1420 O O   . HOH F 3 .   ? 4.361   19.883  0.333   1.00 27.77 ? 1456 HOH A O   1 
HETATM 1421 O O   . HOH F 3 .   ? -1.496  17.905  6.129   1.00 20.53 ? 1457 HOH A O   1 
HETATM 1422 O O   . HOH F 3 .   ? 10.992  9.997   12.401  1.00 43.43 ? 1458 HOH A O   1 
HETATM 1423 O O   . HOH F 3 .   ? 4.210   -8.151  11.614  1.00 23.04 ? 1459 HOH A O   1 
HETATM 1424 O O   . HOH F 3 .   ? 12.376  -11.853 4.370   1.00 31.46 ? 1460 HOH A O   1 
HETATM 1425 O O   . HOH F 3 .   ? 5.490   5.136   -10.344 1.00 27.16 ? 1461 HOH A O   1 
HETATM 1426 O O   . HOH F 3 .   ? 12.242  -1.750  11.707  1.00 29.11 ? 1462 HOH A O   1 
HETATM 1427 O O   . HOH F 3 .   ? 2.707   20.061  2.606   1.00 29.87 ? 1463 HOH A O   1 
HETATM 1428 O O   . HOH F 3 .   ? 12.058  -7.566  -5.269  1.00 39.91 ? 1464 HOH A O   1 
HETATM 1429 O O   . HOH F 3 .   ? 10.450  -5.298  13.953  1.00 29.69 ? 1465 HOH A O   1 
HETATM 1430 O O   . HOH F 3 .   ? 14.400  9.824   0.405   1.00 35.20 ? 1466 HOH A O   1 
HETATM 1431 O O   . HOH F 3 .   ? 3.062   12.356  -11.541 1.00 38.86 ? 1467 HOH A O   1 
HETATM 1432 O O   . HOH F 3 .   ? 0.526   15.208  11.016  1.00 35.91 ? 1468 HOH A O   1 
HETATM 1433 O O   . HOH F 3 .   ? -14.635 5.369   3.988   1.00 33.45 ? 1469 HOH A O   1 
HETATM 1434 O O   . HOH F 3 .   ? -11.231 10.682  6.405   1.00 36.60 ? 1470 HOH A O   1 
HETATM 1435 O O   . HOH F 3 .   ? -19.410 -10.937 -6.773  1.00 38.43 ? 1471 HOH A O   1 
HETATM 1436 O O   . HOH F 3 .   ? -4.435  -10.237 10.163  1.00 28.85 ? 1472 HOH A O   1 
HETATM 1437 O O   . HOH F 3 .   ? -8.030  3.321   -7.408  1.00 33.59 ? 1473 HOH A O   1 
HETATM 1438 O O   . HOH F 3 .   ? 1.089   12.339  10.613  1.00 27.92 ? 1474 HOH A O   1 
HETATM 1439 O O   . HOH F 3 .   ? 5.516   19.686  -3.914  1.00 31.97 ? 1475 HOH A O   1 
HETATM 1440 O O   . HOH F 3 .   ? 4.359   -21.180 1.231   1.00 48.70 ? 1476 HOH A O   1 
HETATM 1441 O O   . HOH F 3 .   ? -6.596  -8.953  11.021  1.00 38.74 ? 1477 HOH A O   1 
HETATM 1442 O O   . HOH F 3 .   ? -8.505  4.771   -5.043  1.00 35.64 ? 1478 HOH A O   1 
HETATM 1443 O O   . HOH F 3 .   ? -5.782  -7.267  17.105  1.00 41.13 ? 1479 HOH A O   1 
HETATM 1444 O O   . HOH F 3 .   ? 17.252  -9.937  10.717  1.00 42.86 ? 1480 HOH A O   1 
HETATM 1445 O O   . HOH F 3 .   ? 9.110   -15.192 -0.152  1.00 43.51 ? 1481 HOH A O   1 
HETATM 1446 O O   . HOH F 3 .   ? 1.754   -7.283  13.058  1.00 36.02 ? 1482 HOH A O   1 
HETATM 1447 O O   . HOH F 3 .   ? 4.630   -10.835 13.012  1.00 26.24 ? 1483 HOH A O   1 
HETATM 1448 O O   . HOH F 3 .   ? -13.228 -2.322  -16.333 1.00 25.34 ? 1484 HOH A O   1 
HETATM 1449 O O   . HOH F 3 .   ? 7.806   -15.553 -11.532 1.00 41.30 ? 1485 HOH A O   1 
HETATM 1450 O O   . HOH F 3 .   ? -7.006  -0.601  -8.959  1.00 36.38 ? 1486 HOH A O   1 
HETATM 1451 O O   . HOH F 3 .   ? 15.931  11.719  -0.096  1.00 33.28 ? 1487 HOH A O   1 
HETATM 1452 O O   . HOH F 3 .   ? -7.352  -7.131  20.240  1.00 48.70 ? 1488 HOH A O   1 
HETATM 1453 O O   . HOH F 3 .   ? -18.465 -14.022 -6.178  1.00 35.69 ? 1489 HOH A O   1 
# 
loop_
_pdbx_poly_seq_scheme.asym_id 
_pdbx_poly_seq_scheme.entity_id 
_pdbx_poly_seq_scheme.seq_id 
_pdbx_poly_seq_scheme.mon_id 
_pdbx_poly_seq_scheme.ndb_seq_num 
_pdbx_poly_seq_scheme.pdb_seq_num 
_pdbx_poly_seq_scheme.auth_seq_num 
_pdbx_poly_seq_scheme.pdb_mon_id 
_pdbx_poly_seq_scheme.auth_mon_id 
_pdbx_poly_seq_scheme.pdb_strand_id 
_pdbx_poly_seq_scheme.pdb_ins_code 
_pdbx_poly_seq_scheme.hetero 
A 1 1   SER 1   -2   1078 SER SER A . n 
A 1 2   ASN 2   -1   1079 ASN ASN A . n 
A 1 3   ALA 3   0    1080 ALA ALA A . n 
A 1 4   ALA 4   1081 1081 ALA ALA A . n 
A 1 5   ASP 5   1082 1082 ASP ASP A . n 
A 1 6   PHE 6   1083 1083 PHE PHE A . n 
A 1 7   ARG 7   1084 1084 ARG ARG A . n 
A 1 8   THR 8   1085 1085 THR THR A . n 
A 1 9   TYR 9   1086 1086 TYR TYR A . n 
A 1 10  ARG 10  1087 1087 ARG ARG A . n 
A 1 11  ALA 11  1088 1088 ALA ALA A . n 
A 1 12  GLU 12  1089 1089 GLU GLU A . n 
A 1 13  LYS 13  1090 1090 LYS LYS A . n 
A 1 14  ASN 14  1091 1091 ASN ASN A . n 
A 1 15  TYR 15  1092 1092 TYR TYR A . n 
A 1 16  ALA 16  1093 1093 ALA ALA A . n 
A 1 17  VAL 17  1094 1094 VAL VAL A . n 
A 1 18  ASN 18  1095 1095 ASN ASN A . n 
A 1 19  SER 19  1096 1096 SER SER A . n 
A 1 20  GLY 20  1097 1097 GLY GLY A . n 
A 1 21  LYS 21  1098 1098 LYS LYS A . n 
A 1 22  TRP 22  1099 1099 TRP TRP A . n 
A 1 23  TYR 23  1100 1100 TYR TYR A . n 
A 1 24  PHE 24  1101 1101 PHE PHE A . n 
A 1 25  GLU 25  1102 1102 GLU GLU A . n 
A 1 26  PHE 26  1103 1103 PHE PHE A . n 
A 1 27  GLU 27  1104 1104 GLU GLU A . n 
A 1 28  ILE 28  1105 1105 ILE ILE A . n 
A 1 29  LEU 29  1106 1106 LEU LEU A . n 
A 1 30  THR 30  1107 1107 THR THR A . n 
A 1 31  ALA 31  1108 1108 ALA ALA A . n 
A 1 32  GLY 32  1109 1109 GLY GLY A . n 
A 1 33  PRO 33  1110 1110 PRO PRO A . n 
A 1 34  MET 34  1111 1111 MET MET A . n 
A 1 35  ARG 35  1112 1112 ARG ARG A . n 
A 1 36  VAL 36  1113 1113 VAL VAL A . n 
A 1 37  GLY 37  1114 1114 GLY GLY A . n 
A 1 38  TRP 38  1115 1115 TRP TRP A . n 
A 1 39  ALA 39  1116 1116 ALA ALA A . n 
A 1 40  HIS 40  1117 1117 HIS HIS A . n 
A 1 41  ALA 41  1118 1118 ALA ALA A . n 
A 1 42  ASP 42  1119 1119 ASP ASP A . n 
A 1 43  MET 43  1120 1120 MET MET A . n 
A 1 44  PRO 44  1121 1121 PRO PRO A . n 
A 1 45  PRO 45  1122 1122 PRO PRO A . n 
A 1 46  GLY 46  1123 1123 GLY GLY A . n 
A 1 47  MET 47  1124 1124 MET MET A . n 
A 1 48  MET 48  1125 1125 MET MET A . n 
A 1 49  LEU 49  1126 1126 LEU LEU A . n 
A 1 50  GLY 50  1127 1127 GLY GLY A . n 
A 1 51  GLN 51  1128 1128 GLN GLN A . n 
A 1 52  ASP 52  1129 1129 ASP ASP A . n 
A 1 53  GLU 53  1130 1130 GLU GLU A . n 
A 1 54  ASN 54  1131 1131 ASN ASN A . n 
A 1 55  SER 55  1132 1132 SER SER A . n 
A 1 56  TRP 56  1133 1133 TRP TRP A . n 
A 1 57  ALA 57  1134 1134 ALA ALA A . n 
A 1 58  PHE 58  1135 1135 PHE PHE A . n 
A 1 59  ASP 59  1136 1136 ASP ASP A . n 
A 1 60  GLY 60  1137 1137 GLY GLY A . n 
A 1 61  TYR 61  1138 1138 TYR TYR A . n 
A 1 62  ASN 62  1139 1139 ASN ASN A . n 
A 1 63  GLU 63  1140 1140 GLU GLU A . n 
A 1 64  GLU 64  1141 1141 GLU GLU A . n 
A 1 65  LYS 65  1142 1142 LYS LYS A . n 
A 1 66  VAL 66  1143 1143 VAL VAL A . n 
A 1 67  TYR 67  1144 1144 TYR TYR A . n 
A 1 68  VAL 68  1145 1145 VAL VAL A . n 
A 1 69  ASN 69  1146 1146 ASN ASN A . n 
A 1 70  SER 70  1147 1147 SER SER A . n 
A 1 71  SER 71  1148 1148 SER SER A . n 
A 1 72  GLU 72  1149 1149 GLU GLU A . n 
A 1 73  SER 73  1150 1150 SER SER A . n 
A 1 74  PHE 74  1151 1151 PHE PHE A . n 
A 1 75  GLY 75  1152 1152 GLY GLY A . n 
A 1 76  LYS 76  1153 1153 LYS LYS A . n 
A 1 77  GLN 77  1154 1154 GLN GLN A . n 
A 1 78  TRP 78  1155 1155 TRP TRP A . n 
A 1 79  ALA 79  1156 1156 ALA ALA A . n 
A 1 80  VAL 80  1157 1157 VAL VAL A . n 
A 1 81  GLY 81  1158 1158 GLY GLY A . n 
A 1 82  ASP 82  1159 1159 ASP ASP A . n 
A 1 83  VAL 83  1160 1160 VAL VAL A . n 
A 1 84  VAL 84  1161 1161 VAL VAL A . n 
A 1 85  GLY 85  1162 1162 GLY GLY A . n 
A 1 86  VAL 86  1163 1163 VAL VAL A . n 
A 1 87  PHE 87  1164 1164 PHE PHE A . n 
A 1 88  LEU 88  1165 1165 LEU LEU A . n 
A 1 89  ASP 89  1166 1166 ASP ASP A . n 
A 1 90  LEU 90  1167 1167 LEU LEU A . n 
A 1 91  ILE 91  1168 1168 ILE ILE A . n 
A 1 92  ASP 92  1169 1169 ASP ASP A . n 
A 1 93  ASN 93  1170 1170 ASN ASN A . n 
A 1 94  THR 94  1171 1171 THR THR A . n 
A 1 95  ILE 95  1172 1172 ILE ILE A . n 
A 1 96  SER 96  1173 1173 SER SER A . n 
A 1 97  PHE 97  1174 1174 PHE PHE A . n 
A 1 98  SER 98  1175 1175 SER SER A . n 
A 1 99  LEU 99  1176 1176 LEU LEU A . n 
A 1 100 ASN 100 1177 1177 ASN ASN A . n 
A 1 101 GLY 101 1178 1178 GLY GLY A . n 
A 1 102 GLU 102 1179 1179 GLU GLU A . n 
A 1 103 LEU 103 1180 1180 LEU LEU A . n 
A 1 104 LEU 104 1181 1181 LEU LEU A . n 
A 1 105 MET 105 1182 1182 MET MET A . n 
A 1 106 ASP 106 1183 1183 ASP ASP A . n 
A 1 107 ALA 107 1184 1184 ALA ALA A . n 
A 1 108 LEU 108 1185 1185 LEU LEU A . n 
A 1 109 GLY 109 1186 1186 GLY GLY A . n 
A 1 110 GLY 110 1187 1187 GLY GLY A . n 
A 1 111 GLU 111 1188 1188 GLU GLU A . n 
A 1 112 THR 112 1189 1189 THR THR A . n 
A 1 113 THR 113 1190 1190 THR THR A . n 
A 1 114 PHE 114 1191 1191 PHE PHE A . n 
A 1 115 ALA 115 1192 1192 ALA ALA A . n 
A 1 116 ASP 116 1193 1193 ASP ASP A . n 
A 1 117 VAL 117 1194 1194 VAL VAL A . n 
A 1 118 GLN 118 1195 1195 GLN GLN A . n 
A 1 119 GLY 119 1196 1196 GLY GLY A . n 
A 1 120 ASP 120 1197 1197 ASP ASP A . n 
A 1 121 ASN 121 1198 1198 ASN ASN A . n 
A 1 122 PHE 122 1199 1199 PHE PHE A . n 
A 1 123 VAL 123 1200 1200 VAL VAL A . n 
A 1 124 PRO 124 1201 1201 PRO PRO A . n 
A 1 125 ALA 125 1202 1202 ALA ALA A . n 
A 1 126 CYS 126 1203 1203 CYS CYS A . n 
A 1 127 THR 127 1204 1204 THR THR A . n 
A 1 128 LEU 128 1205 1205 LEU LEU A . n 
A 1 129 GLY 129 1206 1206 GLY GLY A . n 
A 1 130 VAL 130 1207 1207 VAL VAL A . n 
A 1 131 GLY 131 1208 1208 GLY GLY A . n 
A 1 132 GLN 132 1209 1209 GLN GLN A . n 
A 1 133 LYS 133 1210 1210 LYS LYS A . n 
A 1 134 ALA 134 1211 1211 ALA ALA A . n 
A 1 135 ARG 135 1212 1212 ARG ARG A . n 
A 1 136 LEU 136 1213 1213 LEU LEU A . n 
A 1 137 THR 137 1214 1214 THR THR A . n 
A 1 138 TYR 138 1215 1215 TYR TYR A . n 
A 1 139 GLY 139 1216 1216 GLY GLY A . n 
A 1 140 GLN 140 1217 1217 GLN GLN A . n 
A 1 141 ASP 141 1218 1218 ASP ASP A . n 
A 1 142 VAL 142 1219 1219 VAL VAL A . n 
A 1 143 ASN 143 1220 1220 ASN ASN A . n 
A 1 144 THR 144 1221 1221 THR THR A . n 
A 1 145 LEU 145 1222 1222 LEU LEU A . n 
A 1 146 LYS 146 1223 1223 LYS LYS A . n 
A 1 147 TYR 147 1224 1224 TYR TYR A . n 
A 1 148 PHE 148 1225 1225 PHE PHE A . n 
A 1 149 THR 149 1226 1226 THR THR A . n 
A 1 150 THR 150 1227 1227 THR THR A . n 
A 1 151 CYS 151 1228 1228 CYS CYS A . n 
A 1 152 GLY 152 1229 1229 GLY GLY A . n 
A 1 153 LEU 153 1230 1230 LEU LEU A . n 
A 1 154 GLN 154 1231 1231 GLN GLN A . n 
A 1 155 GLU 155 1232 1232 GLU GLU A . n 
A 1 156 GLY 156 1233 1233 GLY GLY A . n 
A 1 157 TYR 157 1234 1234 TYR TYR A . n 
A 1 158 GLU 158 1235 1235 GLU GLU A . n 
A 1 159 PRO 159 1236 1236 PRO PRO A . n 
A 1 160 PHE 160 1237 1237 PHE PHE A . n 
A 1 161 CYS 161 1238 1238 CYS CYS A . n 
A 1 162 VAL 162 1239 1239 VAL VAL A . n 
A 1 163 ASN 163 1240 1240 ASN ASN A . n 
A 1 164 MET 164 1241 1241 MET MET A . n 
A 1 165 ALA 165 1242 1242 ALA ALA A . n 
A 1 166 ARG 166 1243 1243 ARG ARG A . n 
A 1 167 ASP 167 1244 1244 ASP ASP A . n 
A 1 168 VAL 168 1245 1245 VAL VAL A . n 
A 1 169 THR 169 1246 1246 THR THR A . n 
A 1 170 HIS 170 1247 1247 HIS HIS A . n 
A 1 171 TRP 171 1248 1248 TRP TRP A . n 
A 1 172 TYR 172 1249 1249 TYR TYR A . n 
A 1 173 THR 173 1250 ?    ?   ?   A . n 
A 1 174 LYS 174 1251 ?    ?   ?   A . n 
A 1 175 ASP 175 1252 ?    ?   ?   A . n 
A 1 176 GLN 176 1253 ?    ?   ?   A . n 
A 1 177 PRO 177 1254 ?    ?   ?   A . n 
A 1 178 ILE 178 1255 ?    ?   ?   A . n 
A 1 179 PHE 179 1256 ?    ?   ?   A . n 
A 1 180 GLU 180 1257 ?    ?   ?   A . n 
# 
loop_
_pdbx_nonpoly_scheme.asym_id 
_pdbx_nonpoly_scheme.entity_id 
_pdbx_nonpoly_scheme.mon_id 
_pdbx_nonpoly_scheme.ndb_seq_num 
_pdbx_nonpoly_scheme.pdb_seq_num 
_pdbx_nonpoly_scheme.auth_seq_num 
_pdbx_nonpoly_scheme.pdb_mon_id 
_pdbx_nonpoly_scheme.auth_mon_id 
_pdbx_nonpoly_scheme.pdb_strand_id 
_pdbx_nonpoly_scheme.pdb_ins_code 
B 2 GOL 1  1301 1   GOL GOL A . 
C 2 GOL 1  1302 2   GOL GOL A . 
D 2 GOL 1  1303 3   GOL GOL A . 
E 2 GOL 1  1304 4   GOL GOL A . 
F 3 HOH 1  1401 19  HOH HOH A . 
F 3 HOH 2  1402 7   HOH HOH A . 
F 3 HOH 3  1403 51  HOH HOH A . 
F 3 HOH 4  1404 18  HOH HOH A . 
F 3 HOH 5  1405 117 HOH HOH A . 
F 3 HOH 6  1406 33  HOH HOH A . 
F 3 HOH 7  1407 32  HOH HOH A . 
F 3 HOH 8  1408 17  HOH HOH A . 
F 3 HOH 9  1409 74  HOH HOH A . 
F 3 HOH 10 1410 89  HOH HOH A . 
F 3 HOH 11 1411 40  HOH HOH A . 
F 3 HOH 12 1412 43  HOH HOH A . 
F 3 HOH 13 1413 23  HOH HOH A . 
F 3 HOH 14 1414 22  HOH HOH A . 
F 3 HOH 15 1415 108 HOH HOH A . 
F 3 HOH 16 1416 87  HOH HOH A . 
F 3 HOH 17 1417 41  HOH HOH A . 
F 3 HOH 18 1418 69  HOH HOH A . 
F 3 HOH 19 1419 8   HOH HOH A . 
F 3 HOH 20 1420 86  HOH HOH A . 
F 3 HOH 21 1421 30  HOH HOH A . 
F 3 HOH 22 1422 79  HOH HOH A . 
F 3 HOH 23 1423 45  HOH HOH A . 
F 3 HOH 24 1424 81  HOH HOH A . 
F 3 HOH 25 1425 116 HOH HOH A . 
F 3 HOH 26 1426 75  HOH HOH A . 
F 3 HOH 27 1427 110 HOH HOH A . 
F 3 HOH 28 1428 71  HOH HOH A . 
F 3 HOH 29 1429 64  HOH HOH A . 
F 3 HOH 30 1430 10  HOH HOH A . 
F 3 HOH 31 1431 35  HOH HOH A . 
F 3 HOH 32 1432 62  HOH HOH A . 
F 3 HOH 33 1433 68  HOH HOH A . 
F 3 HOH 34 1434 26  HOH HOH A . 
F 3 HOH 35 1435 50  HOH HOH A . 
F 3 HOH 36 1436 38  HOH HOH A . 
F 3 HOH 37 1437 57  HOH HOH A . 
F 3 HOH 38 1438 65  HOH HOH A . 
F 3 HOH 39 1439 6   HOH HOH A . 
F 3 HOH 40 1440 12  HOH HOH A . 
F 3 HOH 41 1441 3   HOH HOH A . 
F 3 HOH 42 1442 25  HOH HOH A . 
F 3 HOH 43 1443 55  HOH HOH A . 
F 3 HOH 44 1444 102 HOH HOH A . 
F 3 HOH 45 1445 11  HOH HOH A . 
F 3 HOH 46 1446 54  HOH HOH A . 
F 3 HOH 47 1447 101 HOH HOH A . 
F 3 HOH 48 1448 77  HOH HOH A . 
F 3 HOH 49 1449 15  HOH HOH A . 
F 3 HOH 50 1450 112 HOH HOH A . 
F 3 HOH 51 1451 2   HOH HOH A . 
F 3 HOH 52 1452 27  HOH HOH A . 
F 3 HOH 53 1453 31  HOH HOH A . 
F 3 HOH 54 1454 82  HOH HOH A . 
F 3 HOH 55 1455 115 HOH HOH A . 
F 3 HOH 56 1456 48  HOH HOH A . 
F 3 HOH 57 1457 47  HOH HOH A . 
F 3 HOH 58 1458 111 HOH HOH A . 
F 3 HOH 59 1459 16  HOH HOH A . 
F 3 HOH 60 1460 24  HOH HOH A . 
F 3 HOH 61 1461 21  HOH HOH A . 
F 3 HOH 62 1462 67  HOH HOH A . 
F 3 HOH 63 1463 34  HOH HOH A . 
F 3 HOH 64 1464 100 HOH HOH A . 
F 3 HOH 65 1465 20  HOH HOH A . 
F 3 HOH 66 1466 28  HOH HOH A . 
F 3 HOH 67 1467 90  HOH HOH A . 
F 3 HOH 68 1468 104 HOH HOH A . 
F 3 HOH 69 1469 72  HOH HOH A . 
F 3 HOH 70 1470 78  HOH HOH A . 
F 3 HOH 71 1471 106 HOH HOH A . 
F 3 HOH 72 1472 49  HOH HOH A . 
F 3 HOH 73 1473 59  HOH HOH A . 
F 3 HOH 74 1474 103 HOH HOH A . 
F 3 HOH 75 1475 76  HOH HOH A . 
F 3 HOH 76 1476 92  HOH HOH A . 
F 3 HOH 77 1477 63  HOH HOH A . 
F 3 HOH 78 1478 80  HOH HOH A . 
F 3 HOH 79 1479 29  HOH HOH A . 
F 3 HOH 80 1480 109 HOH HOH A . 
F 3 HOH 81 1481 73  HOH HOH A . 
F 3 HOH 82 1482 84  HOH HOH A . 
F 3 HOH 83 1483 36  HOH HOH A . 
F 3 HOH 84 1484 113 HOH HOH A . 
F 3 HOH 85 1485 118 HOH HOH A . 
F 3 HOH 86 1486 85  HOH HOH A . 
F 3 HOH 87 1487 37  HOH HOH A . 
F 3 HOH 88 1488 114 HOH HOH A . 
F 3 HOH 89 1489 107 HOH HOH A . 
# 
_pdbx_struct_assembly.id                   1 
_pdbx_struct_assembly.details              author_and_software_defined_assembly 
_pdbx_struct_assembly.method_details       PISA 
_pdbx_struct_assembly.oligomeric_details   monomeric 
_pdbx_struct_assembly.oligomeric_count     1 
# 
_pdbx_struct_assembly_gen.assembly_id       1 
_pdbx_struct_assembly_gen.oper_expression   1 
_pdbx_struct_assembly_gen.asym_id_list      A,B,C,D,E,F 
# 
loop_
_pdbx_struct_assembly_prop.biol_id 
_pdbx_struct_assembly_prop.type 
_pdbx_struct_assembly_prop.value 
_pdbx_struct_assembly_prop.details 
1 'ABSA (A^2)' 260  ? 
1 MORE         -0   ? 
1 'SSA (A^2)'  8760 ? 
# 
_pdbx_struct_oper_list.id                   1 
_pdbx_struct_oper_list.type                 'identity operation' 
_pdbx_struct_oper_list.name                 1_555 
_pdbx_struct_oper_list.symmetry_operation   x,y,z 
_pdbx_struct_oper_list.matrix[1][1]         1.0000000000 
_pdbx_struct_oper_list.matrix[1][2]         0.0000000000 
_pdbx_struct_oper_list.matrix[1][3]         0.0000000000 
_pdbx_struct_oper_list.vector[1]            0.0000000000 
_pdbx_struct_oper_list.matrix[2][1]         0.0000000000 
_pdbx_struct_oper_list.matrix[2][2]         1.0000000000 
_pdbx_struct_oper_list.matrix[2][3]         0.0000000000 
_pdbx_struct_oper_list.vector[2]            0.0000000000 
_pdbx_struct_oper_list.matrix[3][1]         0.0000000000 
_pdbx_struct_oper_list.matrix[3][2]         0.0000000000 
_pdbx_struct_oper_list.matrix[3][3]         1.0000000000 
_pdbx_struct_oper_list.vector[3]            0.0000000000 
# 
loop_
_pdbx_audit_revision_history.ordinal 
_pdbx_audit_revision_history.data_content_type 
_pdbx_audit_revision_history.major_revision 
_pdbx_audit_revision_history.minor_revision 
_pdbx_audit_revision_history.revision_date 
1 'Structure model' 1 0 2020-07-22 
2 'Structure model' 1 1 2023-11-22 
# 
_pdbx_audit_revision_details.ordinal             1 
_pdbx_audit_revision_details.revision_ordinal    1 
_pdbx_audit_revision_details.data_content_type   'Structure model' 
_pdbx_audit_revision_details.provider            repository 
_pdbx_audit_revision_details.type                'Initial release' 
_pdbx_audit_revision_details.description         ? 
_pdbx_audit_revision_details.details             ? 
# 
loop_
_pdbx_audit_revision_group.ordinal 
_pdbx_audit_revision_group.revision_ordinal 
_pdbx_audit_revision_group.data_content_type 
_pdbx_audit_revision_group.group 
1 2 'Structure model' 'Data collection'        
2 2 'Structure model' 'Database references'    
3 2 'Structure model' 'Refinement description' 
# 
loop_
_pdbx_audit_revision_category.ordinal 
_pdbx_audit_revision_category.revision_ordinal 
_pdbx_audit_revision_category.data_content_type 
_pdbx_audit_revision_category.category 
1 2 'Structure model' chem_comp_atom                
2 2 'Structure model' chem_comp_bond                
3 2 'Structure model' database_2                    
4 2 'Structure model' pdbx_initial_refinement_model 
# 
loop_
_pdbx_audit_revision_item.ordinal 
_pdbx_audit_revision_item.revision_ordinal 
_pdbx_audit_revision_item.data_content_type 
_pdbx_audit_revision_item.item 
1 2 'Structure model' '_database_2.pdbx_DOI'                
2 2 'Structure model' '_database_2.pdbx_database_accession' 
# 
loop_
_software.citation_id 
_software.classification 
_software.compiler_name 
_software.compiler_version 
_software.contact_author 
_software.contact_author_email 
_software.date 
_software.description 
_software.dependencies 
_software.hardware 
_software.language 
_software.location 
_software.mods 
_software.name 
_software.os 
_software.os_version 
_software.type 
_software.version 
_software.pdbx_ordinal 
? 'data scaling'    ? ? ? ? ? ? ? ? ? ? ? SCALA       ? ? ? .         1 
? refinement        ? ? ? ? ? ? ? ? ? ? ? PHENIX      ? ? ? 1.14_3247 2 
? 'data extraction' ? ? ? ? ? ? ? ? ? ? ? PDB_EXTRACT ? ? ? 3.25      3 
? 'data reduction'  ? ? ? ? ? ? ? ? ? ? ? HKL-3000    ? ? ? .         4 
? phasing           ? ? ? ? ? ? ? ? ? ? ? PHENIX      ? ? ? .         5 
# 
_pdbx_entry_details.entry_id                 6KIM 
_pdbx_entry_details.has_ligand_of_interest   Y 
_pdbx_entry_details.compound_details         ? 
_pdbx_entry_details.source_details           ? 
_pdbx_entry_details.nonpolymer_details       ? 
_pdbx_entry_details.sequence_details         ? 
# 
loop_
_pdbx_validate_torsion.id 
_pdbx_validate_torsion.PDB_model_num 
_pdbx_validate_torsion.auth_comp_id 
_pdbx_validate_torsion.auth_asym_id 
_pdbx_validate_torsion.auth_seq_id 
_pdbx_validate_torsion.PDB_ins_code 
_pdbx_validate_torsion.label_alt_id 
_pdbx_validate_torsion.phi 
_pdbx_validate_torsion.psi 
1 1 ALA A 1081 ? ? -131.89 -32.69 
2 1 ASN A 1170 ? ? 65.36   60.07  
3 1 ASN A 1198 ? ? -156.31 56.51  
4 1 ALA A 1242 ? ? 176.09  150.22 
5 1 ARG A 1243 ? ? 100.66  134.26 
# 
loop_
_pdbx_unobs_or_zero_occ_atoms.id 
_pdbx_unobs_or_zero_occ_atoms.PDB_model_num 
_pdbx_unobs_or_zero_occ_atoms.polymer_flag 
_pdbx_unobs_or_zero_occ_atoms.occupancy_flag 
_pdbx_unobs_or_zero_occ_atoms.auth_asym_id 
_pdbx_unobs_or_zero_occ_atoms.auth_comp_id 
_pdbx_unobs_or_zero_occ_atoms.auth_seq_id 
_pdbx_unobs_or_zero_occ_atoms.PDB_ins_code 
_pdbx_unobs_or_zero_occ_atoms.auth_atom_id 
_pdbx_unobs_or_zero_occ_atoms.label_alt_id 
_pdbx_unobs_or_zero_occ_atoms.label_asym_id 
_pdbx_unobs_or_zero_occ_atoms.label_comp_id 
_pdbx_unobs_or_zero_occ_atoms.label_seq_id 
_pdbx_unobs_or_zero_occ_atoms.label_atom_id 
1  1 Y 1 A ARG 1084 ? CG  ? A ARG 7   CG  
2  1 Y 1 A ARG 1084 ? CD  ? A ARG 7   CD  
3  1 Y 1 A ARG 1084 ? NE  ? A ARG 7   NE  
4  1 Y 1 A ARG 1084 ? CZ  ? A ARG 7   CZ  
5  1 Y 1 A ARG 1084 ? NH1 ? A ARG 7   NH1 
6  1 Y 1 A ARG 1084 ? NH2 ? A ARG 7   NH2 
7  1 Y 1 A GLU 1089 ? CG  ? A GLU 12  CG  
8  1 Y 1 A GLU 1089 ? CD  ? A GLU 12  CD  
9  1 Y 1 A GLU 1089 ? OE1 ? A GLU 12  OE1 
10 1 Y 1 A GLU 1089 ? OE2 ? A GLU 12  OE2 
11 1 Y 1 A LYS 1090 ? CG  ? A LYS 13  CG  
12 1 Y 1 A LYS 1090 ? CD  ? A LYS 13  CD  
13 1 Y 1 A LYS 1090 ? CE  ? A LYS 13  CE  
14 1 Y 1 A LYS 1090 ? NZ  ? A LYS 13  NZ  
15 1 Y 1 A TYR 1092 ? CG  ? A TYR 15  CG  
16 1 Y 1 A TYR 1092 ? CD1 ? A TYR 15  CD1 
17 1 Y 1 A TYR 1092 ? CD2 ? A TYR 15  CD2 
18 1 Y 1 A TYR 1092 ? CE1 ? A TYR 15  CE1 
19 1 Y 1 A TYR 1092 ? CE2 ? A TYR 15  CE2 
20 1 Y 1 A TYR 1092 ? CZ  ? A TYR 15  CZ  
21 1 Y 1 A TYR 1092 ? OH  ? A TYR 15  OH  
22 1 Y 1 A PRO 1121 ? CG  ? A PRO 44  CG  
23 1 Y 1 A PRO 1121 ? CD  ? A PRO 44  CD  
24 1 Y 1 A PRO 1122 ? CG  ? A PRO 45  CG  
25 1 Y 1 A PRO 1122 ? CD  ? A PRO 45  CD  
26 1 Y 1 A VAL 1219 ? CG1 ? A VAL 142 CG1 
27 1 Y 1 A VAL 1219 ? CG2 ? A VAL 142 CG2 
28 1 Y 1 A ASN 1220 ? CG  ? A ASN 143 CG  
29 1 Y 1 A ASN 1220 ? OD1 ? A ASN 143 OD1 
30 1 Y 1 A ASN 1220 ? ND2 ? A ASN 143 ND2 
31 1 Y 1 A LYS 1223 ? CG  ? A LYS 146 CG  
32 1 Y 1 A LYS 1223 ? CD  ? A LYS 146 CD  
33 1 Y 1 A LYS 1223 ? CE  ? A LYS 146 CE  
34 1 Y 1 A LYS 1223 ? NZ  ? A LYS 146 NZ  
35 1 Y 1 A GLU 1232 ? CG  ? A GLU 155 CG  
36 1 Y 1 A GLU 1232 ? CD  ? A GLU 155 CD  
37 1 Y 1 A GLU 1232 ? OE1 ? A GLU 155 OE1 
38 1 Y 1 A GLU 1232 ? OE2 ? A GLU 155 OE2 
39 1 Y 1 A GLU 1235 ? CG  ? A GLU 158 CG  
40 1 Y 1 A GLU 1235 ? CD  ? A GLU 158 CD  
41 1 Y 1 A GLU 1235 ? OE1 ? A GLU 158 OE1 
42 1 Y 1 A GLU 1235 ? OE2 ? A GLU 158 OE2 
43 1 Y 1 A ASP 1244 ? CG  ? A ASP 167 CG  
44 1 Y 1 A ASP 1244 ? OD1 ? A ASP 167 OD1 
45 1 Y 1 A ASP 1244 ? OD2 ? A ASP 167 OD2 
46 1 Y 1 A TYR 1249 ? CG  ? A TYR 172 CG  
47 1 Y 1 A TYR 1249 ? CD1 ? A TYR 172 CD1 
48 1 Y 1 A TYR 1249 ? CD2 ? A TYR 172 CD2 
49 1 Y 1 A TYR 1249 ? CE1 ? A TYR 172 CE1 
50 1 Y 1 A TYR 1249 ? CE2 ? A TYR 172 CE2 
51 1 Y 1 A TYR 1249 ? CZ  ? A TYR 172 CZ  
52 1 Y 1 A TYR 1249 ? OH  ? A TYR 172 OH  
# 
loop_
_pdbx_unobs_or_zero_occ_residues.id 
_pdbx_unobs_or_zero_occ_residues.PDB_model_num 
_pdbx_unobs_or_zero_occ_residues.polymer_flag 
_pdbx_unobs_or_zero_occ_residues.occupancy_flag 
_pdbx_unobs_or_zero_occ_residues.auth_asym_id 
_pdbx_unobs_or_zero_occ_residues.auth_comp_id 
_pdbx_unobs_or_zero_occ_residues.auth_seq_id 
_pdbx_unobs_or_zero_occ_residues.PDB_ins_code 
_pdbx_unobs_or_zero_occ_residues.label_asym_id 
_pdbx_unobs_or_zero_occ_residues.label_comp_id 
_pdbx_unobs_or_zero_occ_residues.label_seq_id 
1 1 Y 1 A THR 1250 ? A THR 173 
2 1 Y 1 A LYS 1251 ? A LYS 174 
3 1 Y 1 A ASP 1252 ? A ASP 175 
4 1 Y 1 A GLN 1253 ? A GLN 176 
5 1 Y 1 A PRO 1254 ? A PRO 177 
6 1 Y 1 A ILE 1255 ? A ILE 178 
7 1 Y 1 A PHE 1256 ? A PHE 179 
8 1 Y 1 A GLU 1257 ? A GLU 180 
# 
loop_
_chem_comp_atom.comp_id 
_chem_comp_atom.atom_id 
_chem_comp_atom.type_symbol 
_chem_comp_atom.pdbx_aromatic_flag 
_chem_comp_atom.pdbx_stereo_config 
_chem_comp_atom.pdbx_ordinal 
ALA N    N N N 1   
ALA CA   C N S 2   
ALA C    C N N 3   
ALA O    O N N 4   
ALA CB   C N N 5   
ALA OXT  O N N 6   
ALA H    H N N 7   
ALA H2   H N N 8   
ALA HA   H N N 9   
ALA HB1  H N N 10  
ALA HB2  H N N 11  
ALA HB3  H N N 12  
ALA HXT  H N N 13  
ARG N    N N N 14  
ARG CA   C N S 15  
ARG C    C N N 16  
ARG O    O N N 17  
ARG CB   C N N 18  
ARG CG   C N N 19  
ARG CD   C N N 20  
ARG NE   N N N 21  
ARG CZ   C N N 22  
ARG NH1  N N N 23  
ARG NH2  N N N 24  
ARG OXT  O N N 25  
ARG H    H N N 26  
ARG H2   H N N 27  
ARG HA   H N N 28  
ARG HB2  H N N 29  
ARG HB3  H N N 30  
ARG HG2  H N N 31  
ARG HG3  H N N 32  
ARG HD2  H N N 33  
ARG HD3  H N N 34  
ARG HE   H N N 35  
ARG HH11 H N N 36  
ARG HH12 H N N 37  
ARG HH21 H N N 38  
ARG HH22 H N N 39  
ARG HXT  H N N 40  
ASN N    N N N 41  
ASN CA   C N S 42  
ASN C    C N N 43  
ASN O    O N N 44  
ASN CB   C N N 45  
ASN CG   C N N 46  
ASN OD1  O N N 47  
ASN ND2  N N N 48  
ASN OXT  O N N 49  
ASN H    H N N 50  
ASN H2   H N N 51  
ASN HA   H N N 52  
ASN HB2  H N N 53  
ASN HB3  H N N 54  
ASN HD21 H N N 55  
ASN HD22 H N N 56  
ASN HXT  H N N 57  
ASP N    N N N 58  
ASP CA   C N S 59  
ASP C    C N N 60  
ASP O    O N N 61  
ASP CB   C N N 62  
ASP CG   C N N 63  
ASP OD1  O N N 64  
ASP OD2  O N N 65  
ASP OXT  O N N 66  
ASP H    H N N 67  
ASP H2   H N N 68  
ASP HA   H N N 69  
ASP HB2  H N N 70  
ASP HB3  H N N 71  
ASP HD2  H N N 72  
ASP HXT  H N N 73  
CYS N    N N N 74  
CYS CA   C N R 75  
CYS C    C N N 76  
CYS O    O N N 77  
CYS CB   C N N 78  
CYS SG   S N N 79  
CYS OXT  O N N 80  
CYS H    H N N 81  
CYS H2   H N N 82  
CYS HA   H N N 83  
CYS HB2  H N N 84  
CYS HB3  H N N 85  
CYS HG   H N N 86  
CYS HXT  H N N 87  
GLN N    N N N 88  
GLN CA   C N S 89  
GLN C    C N N 90  
GLN O    O N N 91  
GLN CB   C N N 92  
GLN CG   C N N 93  
GLN CD   C N N 94  
GLN OE1  O N N 95  
GLN NE2  N N N 96  
GLN OXT  O N N 97  
GLN H    H N N 98  
GLN H2   H N N 99  
GLN HA   H N N 100 
GLN HB2  H N N 101 
GLN HB3  H N N 102 
GLN HG2  H N N 103 
GLN HG3  H N N 104 
GLN HE21 H N N 105 
GLN HE22 H N N 106 
GLN HXT  H N N 107 
GLU N    N N N 108 
GLU CA   C N S 109 
GLU C    C N N 110 
GLU O    O N N 111 
GLU CB   C N N 112 
GLU CG   C N N 113 
GLU CD   C N N 114 
GLU OE1  O N N 115 
GLU OE2  O N N 116 
GLU OXT  O N N 117 
GLU H    H N N 118 
GLU H2   H N N 119 
GLU HA   H N N 120 
GLU HB2  H N N 121 
GLU HB3  H N N 122 
GLU HG2  H N N 123 
GLU HG3  H N N 124 
GLU HE2  H N N 125 
GLU HXT  H N N 126 
GLY N    N N N 127 
GLY CA   C N N 128 
GLY C    C N N 129 
GLY O    O N N 130 
GLY OXT  O N N 131 
GLY H    H N N 132 
GLY H2   H N N 133 
GLY HA2  H N N 134 
GLY HA3  H N N 135 
GLY HXT  H N N 136 
GOL C1   C N N 137 
GOL O1   O N N 138 
GOL C2   C N N 139 
GOL O2   O N N 140 
GOL C3   C N N 141 
GOL O3   O N N 142 
GOL H11  H N N 143 
GOL H12  H N N 144 
GOL HO1  H N N 145 
GOL H2   H N N 146 
GOL HO2  H N N 147 
GOL H31  H N N 148 
GOL H32  H N N 149 
GOL HO3  H N N 150 
HIS N    N N N 151 
HIS CA   C N S 152 
HIS C    C N N 153 
HIS O    O N N 154 
HIS CB   C N N 155 
HIS CG   C Y N 156 
HIS ND1  N Y N 157 
HIS CD2  C Y N 158 
HIS CE1  C Y N 159 
HIS NE2  N Y N 160 
HIS OXT  O N N 161 
HIS H    H N N 162 
HIS H2   H N N 163 
HIS HA   H N N 164 
HIS HB2  H N N 165 
HIS HB3  H N N 166 
HIS HD1  H N N 167 
HIS HD2  H N N 168 
HIS HE1  H N N 169 
HIS HE2  H N N 170 
HIS HXT  H N N 171 
HOH O    O N N 172 
HOH H1   H N N 173 
HOH H2   H N N 174 
ILE N    N N N 175 
ILE CA   C N S 176 
ILE C    C N N 177 
ILE O    O N N 178 
ILE CB   C N S 179 
ILE CG1  C N N 180 
ILE CG2  C N N 181 
ILE CD1  C N N 182 
ILE OXT  O N N 183 
ILE H    H N N 184 
ILE H2   H N N 185 
ILE HA   H N N 186 
ILE HB   H N N 187 
ILE HG12 H N N 188 
ILE HG13 H N N 189 
ILE HG21 H N N 190 
ILE HG22 H N N 191 
ILE HG23 H N N 192 
ILE HD11 H N N 193 
ILE HD12 H N N 194 
ILE HD13 H N N 195 
ILE HXT  H N N 196 
LEU N    N N N 197 
LEU CA   C N S 198 
LEU C    C N N 199 
LEU O    O N N 200 
LEU CB   C N N 201 
LEU CG   C N N 202 
LEU CD1  C N N 203 
LEU CD2  C N N 204 
LEU OXT  O N N 205 
LEU H    H N N 206 
LEU H2   H N N 207 
LEU HA   H N N 208 
LEU HB2  H N N 209 
LEU HB3  H N N 210 
LEU HG   H N N 211 
LEU HD11 H N N 212 
LEU HD12 H N N 213 
LEU HD13 H N N 214 
LEU HD21 H N N 215 
LEU HD22 H N N 216 
LEU HD23 H N N 217 
LEU HXT  H N N 218 
LYS N    N N N 219 
LYS CA   C N S 220 
LYS C    C N N 221 
LYS O    O N N 222 
LYS CB   C N N 223 
LYS CG   C N N 224 
LYS CD   C N N 225 
LYS CE   C N N 226 
LYS NZ   N N N 227 
LYS OXT  O N N 228 
LYS H    H N N 229 
LYS H2   H N N 230 
LYS HA   H N N 231 
LYS HB2  H N N 232 
LYS HB3  H N N 233 
LYS HG2  H N N 234 
LYS HG3  H N N 235 
LYS HD2  H N N 236 
LYS HD3  H N N 237 
LYS HE2  H N N 238 
LYS HE3  H N N 239 
LYS HZ1  H N N 240 
LYS HZ2  H N N 241 
LYS HZ3  H N N 242 
LYS HXT  H N N 243 
MET N    N N N 244 
MET CA   C N S 245 
MET C    C N N 246 
MET O    O N N 247 
MET CB   C N N 248 
MET CG   C N N 249 
MET SD   S N N 250 
MET CE   C N N 251 
MET OXT  O N N 252 
MET H    H N N 253 
MET H2   H N N 254 
MET HA   H N N 255 
MET HB2  H N N 256 
MET HB3  H N N 257 
MET HG2  H N N 258 
MET HG3  H N N 259 
MET HE1  H N N 260 
MET HE2  H N N 261 
MET HE3  H N N 262 
MET HXT  H N N 263 
PHE N    N N N 264 
PHE CA   C N S 265 
PHE C    C N N 266 
PHE O    O N N 267 
PHE CB   C N N 268 
PHE CG   C Y N 269 
PHE CD1  C Y N 270 
PHE CD2  C Y N 271 
PHE CE1  C Y N 272 
PHE CE2  C Y N 273 
PHE CZ   C Y N 274 
PHE OXT  O N N 275 
PHE H    H N N 276 
PHE H2   H N N 277 
PHE HA   H N N 278 
PHE HB2  H N N 279 
PHE HB3  H N N 280 
PHE HD1  H N N 281 
PHE HD2  H N N 282 
PHE HE1  H N N 283 
PHE HE2  H N N 284 
PHE HZ   H N N 285 
PHE HXT  H N N 286 
PRO N    N N N 287 
PRO CA   C N S 288 
PRO C    C N N 289 
PRO O    O N N 290 
PRO CB   C N N 291 
PRO CG   C N N 292 
PRO CD   C N N 293 
PRO OXT  O N N 294 
PRO H    H N N 295 
PRO HA   H N N 296 
PRO HB2  H N N 297 
PRO HB3  H N N 298 
PRO HG2  H N N 299 
PRO HG3  H N N 300 
PRO HD2  H N N 301 
PRO HD3  H N N 302 
PRO HXT  H N N 303 
SER N    N N N 304 
SER CA   C N S 305 
SER C    C N N 306 
SER O    O N N 307 
SER CB   C N N 308 
SER OG   O N N 309 
SER OXT  O N N 310 
SER H    H N N 311 
SER H2   H N N 312 
SER HA   H N N 313 
SER HB2  H N N 314 
SER HB3  H N N 315 
SER HG   H N N 316 
SER HXT  H N N 317 
THR N    N N N 318 
THR CA   C N S 319 
THR C    C N N 320 
THR O    O N N 321 
THR CB   C N R 322 
THR OG1  O N N 323 
THR CG2  C N N 324 
THR OXT  O N N 325 
THR H    H N N 326 
THR H2   H N N 327 
THR HA   H N N 328 
THR HB   H N N 329 
THR HG1  H N N 330 
THR HG21 H N N 331 
THR HG22 H N N 332 
THR HG23 H N N 333 
THR HXT  H N N 334 
TRP N    N N N 335 
TRP CA   C N S 336 
TRP C    C N N 337 
TRP O    O N N 338 
TRP CB   C N N 339 
TRP CG   C Y N 340 
TRP CD1  C Y N 341 
TRP CD2  C Y N 342 
TRP NE1  N Y N 343 
TRP CE2  C Y N 344 
TRP CE3  C Y N 345 
TRP CZ2  C Y N 346 
TRP CZ3  C Y N 347 
TRP CH2  C Y N 348 
TRP OXT  O N N 349 
TRP H    H N N 350 
TRP H2   H N N 351 
TRP HA   H N N 352 
TRP HB2  H N N 353 
TRP HB3  H N N 354 
TRP HD1  H N N 355 
TRP HE1  H N N 356 
TRP HE3  H N N 357 
TRP HZ2  H N N 358 
TRP HZ3  H N N 359 
TRP HH2  H N N 360 
TRP HXT  H N N 361 
TYR N    N N N 362 
TYR CA   C N S 363 
TYR C    C N N 364 
TYR O    O N N 365 
TYR CB   C N N 366 
TYR CG   C Y N 367 
TYR CD1  C Y N 368 
TYR CD2  C Y N 369 
TYR CE1  C Y N 370 
TYR CE2  C Y N 371 
TYR CZ   C Y N 372 
TYR OH   O N N 373 
TYR OXT  O N N 374 
TYR H    H N N 375 
TYR H2   H N N 376 
TYR HA   H N N 377 
TYR HB2  H N N 378 
TYR HB3  H N N 379 
TYR HD1  H N N 380 
TYR HD2  H N N 381 
TYR HE1  H N N 382 
TYR HE2  H N N 383 
TYR HH   H N N 384 
TYR HXT  H N N 385 
VAL N    N N N 386 
VAL CA   C N S 387 
VAL C    C N N 388 
VAL O    O N N 389 
VAL CB   C N N 390 
VAL CG1  C N N 391 
VAL CG2  C N N 392 
VAL OXT  O N N 393 
VAL H    H N N 394 
VAL H2   H N N 395 
VAL HA   H N N 396 
VAL HB   H N N 397 
VAL HG11 H N N 398 
VAL HG12 H N N 399 
VAL HG13 H N N 400 
VAL HG21 H N N 401 
VAL HG22 H N N 402 
VAL HG23 H N N 403 
VAL HXT  H N N 404 
# 
loop_
_chem_comp_bond.comp_id 
_chem_comp_bond.atom_id_1 
_chem_comp_bond.atom_id_2 
_chem_comp_bond.value_order 
_chem_comp_bond.pdbx_aromatic_flag 
_chem_comp_bond.pdbx_stereo_config 
_chem_comp_bond.pdbx_ordinal 
ALA N   CA   sing N N 1   
ALA N   H    sing N N 2   
ALA N   H2   sing N N 3   
ALA CA  C    sing N N 4   
ALA CA  CB   sing N N 5   
ALA CA  HA   sing N N 6   
ALA C   O    doub N N 7   
ALA C   OXT  sing N N 8   
ALA CB  HB1  sing N N 9   
ALA CB  HB2  sing N N 10  
ALA CB  HB3  sing N N 11  
ALA OXT HXT  sing N N 12  
ARG N   CA   sing N N 13  
ARG N   H    sing N N 14  
ARG N   H2   sing N N 15  
ARG CA  C    sing N N 16  
ARG CA  CB   sing N N 17  
ARG CA  HA   sing N N 18  
ARG C   O    doub N N 19  
ARG C   OXT  sing N N 20  
ARG CB  CG   sing N N 21  
ARG CB  HB2  sing N N 22  
ARG CB  HB3  sing N N 23  
ARG CG  CD   sing N N 24  
ARG CG  HG2  sing N N 25  
ARG CG  HG3  sing N N 26  
ARG CD  NE   sing N N 27  
ARG CD  HD2  sing N N 28  
ARG CD  HD3  sing N N 29  
ARG NE  CZ   sing N N 30  
ARG NE  HE   sing N N 31  
ARG CZ  NH1  sing N N 32  
ARG CZ  NH2  doub N N 33  
ARG NH1 HH11 sing N N 34  
ARG NH1 HH12 sing N N 35  
ARG NH2 HH21 sing N N 36  
ARG NH2 HH22 sing N N 37  
ARG OXT HXT  sing N N 38  
ASN N   CA   sing N N 39  
ASN N   H    sing N N 40  
ASN N   H2   sing N N 41  
ASN CA  C    sing N N 42  
ASN CA  CB   sing N N 43  
ASN CA  HA   sing N N 44  
ASN C   O    doub N N 45  
ASN C   OXT  sing N N 46  
ASN CB  CG   sing N N 47  
ASN CB  HB2  sing N N 48  
ASN CB  HB3  sing N N 49  
ASN CG  OD1  doub N N 50  
ASN CG  ND2  sing N N 51  
ASN ND2 HD21 sing N N 52  
ASN ND2 HD22 sing N N 53  
ASN OXT HXT  sing N N 54  
ASP N   CA   sing N N 55  
ASP N   H    sing N N 56  
ASP N   H2   sing N N 57  
ASP CA  C    sing N N 58  
ASP CA  CB   sing N N 59  
ASP CA  HA   sing N N 60  
ASP C   O    doub N N 61  
ASP C   OXT  sing N N 62  
ASP CB  CG   sing N N 63  
ASP CB  HB2  sing N N 64  
ASP CB  HB3  sing N N 65  
ASP CG  OD1  doub N N 66  
ASP CG  OD2  sing N N 67  
ASP OD2 HD2  sing N N 68  
ASP OXT HXT  sing N N 69  
CYS N   CA   sing N N 70  
CYS N   H    sing N N 71  
CYS N   H2   sing N N 72  
CYS CA  C    sing N N 73  
CYS CA  CB   sing N N 74  
CYS CA  HA   sing N N 75  
CYS C   O    doub N N 76  
CYS C   OXT  sing N N 77  
CYS CB  SG   sing N N 78  
CYS CB  HB2  sing N N 79  
CYS CB  HB3  sing N N 80  
CYS SG  HG   sing N N 81  
CYS OXT HXT  sing N N 82  
GLN N   CA   sing N N 83  
GLN N   H    sing N N 84  
GLN N   H2   sing N N 85  
GLN CA  C    sing N N 86  
GLN CA  CB   sing N N 87  
GLN CA  HA   sing N N 88  
GLN C   O    doub N N 89  
GLN C   OXT  sing N N 90  
GLN CB  CG   sing N N 91  
GLN CB  HB2  sing N N 92  
GLN CB  HB3  sing N N 93  
GLN CG  CD   sing N N 94  
GLN CG  HG2  sing N N 95  
GLN CG  HG3  sing N N 96  
GLN CD  OE1  doub N N 97  
GLN CD  NE2  sing N N 98  
GLN NE2 HE21 sing N N 99  
GLN NE2 HE22 sing N N 100 
GLN OXT HXT  sing N N 101 
GLU N   CA   sing N N 102 
GLU N   H    sing N N 103 
GLU N   H2   sing N N 104 
GLU CA  C    sing N N 105 
GLU CA  CB   sing N N 106 
GLU CA  HA   sing N N 107 
GLU C   O    doub N N 108 
GLU C   OXT  sing N N 109 
GLU CB  CG   sing N N 110 
GLU CB  HB2  sing N N 111 
GLU CB  HB3  sing N N 112 
GLU CG  CD   sing N N 113 
GLU CG  HG2  sing N N 114 
GLU CG  HG3  sing N N 115 
GLU CD  OE1  doub N N 116 
GLU CD  OE2  sing N N 117 
GLU OE2 HE2  sing N N 118 
GLU OXT HXT  sing N N 119 
GLY N   CA   sing N N 120 
GLY N   H    sing N N 121 
GLY N   H2   sing N N 122 
GLY CA  C    sing N N 123 
GLY CA  HA2  sing N N 124 
GLY CA  HA3  sing N N 125 
GLY C   O    doub N N 126 
GLY C   OXT  sing N N 127 
GLY OXT HXT  sing N N 128 
GOL C1  O1   sing N N 129 
GOL C1  C2   sing N N 130 
GOL C1  H11  sing N N 131 
GOL C1  H12  sing N N 132 
GOL O1  HO1  sing N N 133 
GOL C2  O2   sing N N 134 
GOL C2  C3   sing N N 135 
GOL C2  H2   sing N N 136 
GOL O2  HO2  sing N N 137 
GOL C3  O3   sing N N 138 
GOL C3  H31  sing N N 139 
GOL C3  H32  sing N N 140 
GOL O3  HO3  sing N N 141 
HIS N   CA   sing N N 142 
HIS N   H    sing N N 143 
HIS N   H2   sing N N 144 
HIS CA  C    sing N N 145 
HIS CA  CB   sing N N 146 
HIS CA  HA   sing N N 147 
HIS C   O    doub N N 148 
HIS C   OXT  sing N N 149 
HIS CB  CG   sing N N 150 
HIS CB  HB2  sing N N 151 
HIS CB  HB3  sing N N 152 
HIS CG  ND1  sing Y N 153 
HIS CG  CD2  doub Y N 154 
HIS ND1 CE1  doub Y N 155 
HIS ND1 HD1  sing N N 156 
HIS CD2 NE2  sing Y N 157 
HIS CD2 HD2  sing N N 158 
HIS CE1 NE2  sing Y N 159 
HIS CE1 HE1  sing N N 160 
HIS NE2 HE2  sing N N 161 
HIS OXT HXT  sing N N 162 
HOH O   H1   sing N N 163 
HOH O   H2   sing N N 164 
ILE N   CA   sing N N 165 
ILE N   H    sing N N 166 
ILE N   H2   sing N N 167 
ILE CA  C    sing N N 168 
ILE CA  CB   sing N N 169 
ILE CA  HA   sing N N 170 
ILE C   O    doub N N 171 
ILE C   OXT  sing N N 172 
ILE CB  CG1  sing N N 173 
ILE CB  CG2  sing N N 174 
ILE CB  HB   sing N N 175 
ILE CG1 CD1  sing N N 176 
ILE CG1 HG12 sing N N 177 
ILE CG1 HG13 sing N N 178 
ILE CG2 HG21 sing N N 179 
ILE CG2 HG22 sing N N 180 
ILE CG2 HG23 sing N N 181 
ILE CD1 HD11 sing N N 182 
ILE CD1 HD12 sing N N 183 
ILE CD1 HD13 sing N N 184 
ILE OXT HXT  sing N N 185 
LEU N   CA   sing N N 186 
LEU N   H    sing N N 187 
LEU N   H2   sing N N 188 
LEU CA  C    sing N N 189 
LEU CA  CB   sing N N 190 
LEU CA  HA   sing N N 191 
LEU C   O    doub N N 192 
LEU C   OXT  sing N N 193 
LEU CB  CG   sing N N 194 
LEU CB  HB2  sing N N 195 
LEU CB  HB3  sing N N 196 
LEU CG  CD1  sing N N 197 
LEU CG  CD2  sing N N 198 
LEU CG  HG   sing N N 199 
LEU CD1 HD11 sing N N 200 
LEU CD1 HD12 sing N N 201 
LEU CD1 HD13 sing N N 202 
LEU CD2 HD21 sing N N 203 
LEU CD2 HD22 sing N N 204 
LEU CD2 HD23 sing N N 205 
LEU OXT HXT  sing N N 206 
LYS N   CA   sing N N 207 
LYS N   H    sing N N 208 
LYS N   H2   sing N N 209 
LYS CA  C    sing N N 210 
LYS CA  CB   sing N N 211 
LYS CA  HA   sing N N 212 
LYS C   O    doub N N 213 
LYS C   OXT  sing N N 214 
LYS CB  CG   sing N N 215 
LYS CB  HB2  sing N N 216 
LYS CB  HB3  sing N N 217 
LYS CG  CD   sing N N 218 
LYS CG  HG2  sing N N 219 
LYS CG  HG3  sing N N 220 
LYS CD  CE   sing N N 221 
LYS CD  HD2  sing N N 222 
LYS CD  HD3  sing N N 223 
LYS CE  NZ   sing N N 224 
LYS CE  HE2  sing N N 225 
LYS CE  HE3  sing N N 226 
LYS NZ  HZ1  sing N N 227 
LYS NZ  HZ2  sing N N 228 
LYS NZ  HZ3  sing N N 229 
LYS OXT HXT  sing N N 230 
MET N   CA   sing N N 231 
MET N   H    sing N N 232 
MET N   H2   sing N N 233 
MET CA  C    sing N N 234 
MET CA  CB   sing N N 235 
MET CA  HA   sing N N 236 
MET C   O    doub N N 237 
MET C   OXT  sing N N 238 
MET CB  CG   sing N N 239 
MET CB  HB2  sing N N 240 
MET CB  HB3  sing N N 241 
MET CG  SD   sing N N 242 
MET CG  HG2  sing N N 243 
MET CG  HG3  sing N N 244 
MET SD  CE   sing N N 245 
MET CE  HE1  sing N N 246 
MET CE  HE2  sing N N 247 
MET CE  HE3  sing N N 248 
MET OXT HXT  sing N N 249 
PHE N   CA   sing N N 250 
PHE N   H    sing N N 251 
PHE N   H2   sing N N 252 
PHE CA  C    sing N N 253 
PHE CA  CB   sing N N 254 
PHE CA  HA   sing N N 255 
PHE C   O    doub N N 256 
PHE C   OXT  sing N N 257 
PHE CB  CG   sing N N 258 
PHE CB  HB2  sing N N 259 
PHE CB  HB3  sing N N 260 
PHE CG  CD1  doub Y N 261 
PHE CG  CD2  sing Y N 262 
PHE CD1 CE1  sing Y N 263 
PHE CD1 HD1  sing N N 264 
PHE CD2 CE2  doub Y N 265 
PHE CD2 HD2  sing N N 266 
PHE CE1 CZ   doub Y N 267 
PHE CE1 HE1  sing N N 268 
PHE CE2 CZ   sing Y N 269 
PHE CE2 HE2  sing N N 270 
PHE CZ  HZ   sing N N 271 
PHE OXT HXT  sing N N 272 
PRO N   CA   sing N N 273 
PRO N   CD   sing N N 274 
PRO N   H    sing N N 275 
PRO CA  C    sing N N 276 
PRO CA  CB   sing N N 277 
PRO CA  HA   sing N N 278 
PRO C   O    doub N N 279 
PRO C   OXT  sing N N 280 
PRO CB  CG   sing N N 281 
PRO CB  HB2  sing N N 282 
PRO CB  HB3  sing N N 283 
PRO CG  CD   sing N N 284 
PRO CG  HG2  sing N N 285 
PRO CG  HG3  sing N N 286 
PRO CD  HD2  sing N N 287 
PRO CD  HD3  sing N N 288 
PRO OXT HXT  sing N N 289 
SER N   CA   sing N N 290 
SER N   H    sing N N 291 
SER N   H2   sing N N 292 
SER CA  C    sing N N 293 
SER CA  CB   sing N N 294 
SER CA  HA   sing N N 295 
SER C   O    doub N N 296 
SER C   OXT  sing N N 297 
SER CB  OG   sing N N 298 
SER CB  HB2  sing N N 299 
SER CB  HB3  sing N N 300 
SER OG  HG   sing N N 301 
SER OXT HXT  sing N N 302 
THR N   CA   sing N N 303 
THR N   H    sing N N 304 
THR N   H2   sing N N 305 
THR CA  C    sing N N 306 
THR CA  CB   sing N N 307 
THR CA  HA   sing N N 308 
THR C   O    doub N N 309 
THR C   OXT  sing N N 310 
THR CB  OG1  sing N N 311 
THR CB  CG2  sing N N 312 
THR CB  HB   sing N N 313 
THR OG1 HG1  sing N N 314 
THR CG2 HG21 sing N N 315 
THR CG2 HG22 sing N N 316 
THR CG2 HG23 sing N N 317 
THR OXT HXT  sing N N 318 
TRP N   CA   sing N N 319 
TRP N   H    sing N N 320 
TRP N   H2   sing N N 321 
TRP CA  C    sing N N 322 
TRP CA  CB   sing N N 323 
TRP CA  HA   sing N N 324 
TRP C   O    doub N N 325 
TRP C   OXT  sing N N 326 
TRP CB  CG   sing N N 327 
TRP CB  HB2  sing N N 328 
TRP CB  HB3  sing N N 329 
TRP CG  CD1  doub Y N 330 
TRP CG  CD2  sing Y N 331 
TRP CD1 NE1  sing Y N 332 
TRP CD1 HD1  sing N N 333 
TRP CD2 CE2  doub Y N 334 
TRP CD2 CE3  sing Y N 335 
TRP NE1 CE2  sing Y N 336 
TRP NE1 HE1  sing N N 337 
TRP CE2 CZ2  sing Y N 338 
TRP CE3 CZ3  doub Y N 339 
TRP CE3 HE3  sing N N 340 
TRP CZ2 CH2  doub Y N 341 
TRP CZ2 HZ2  sing N N 342 
TRP CZ3 CH2  sing Y N 343 
TRP CZ3 HZ3  sing N N 344 
TRP CH2 HH2  sing N N 345 
TRP OXT HXT  sing N N 346 
TYR N   CA   sing N N 347 
TYR N   H    sing N N 348 
TYR N   H2   sing N N 349 
TYR CA  C    sing N N 350 
TYR CA  CB   sing N N 351 
TYR CA  HA   sing N N 352 
TYR C   O    doub N N 353 
TYR C   OXT  sing N N 354 
TYR CB  CG   sing N N 355 
TYR CB  HB2  sing N N 356 
TYR CB  HB3  sing N N 357 
TYR CG  CD1  doub Y N 358 
TYR CG  CD2  sing Y N 359 
TYR CD1 CE1  sing Y N 360 
TYR CD1 HD1  sing N N 361 
TYR CD2 CE2  doub Y N 362 
TYR CD2 HD2  sing N N 363 
TYR CE1 CZ   doub Y N 364 
TYR CE1 HE1  sing N N 365 
TYR CE2 CZ   sing Y N 366 
TYR CE2 HE2  sing N N 367 
TYR CZ  OH   sing N N 368 
TYR OH  HH   sing N N 369 
TYR OXT HXT  sing N N 370 
VAL N   CA   sing N N 371 
VAL N   H    sing N N 372 
VAL N   H2   sing N N 373 
VAL CA  C    sing N N 374 
VAL CA  CB   sing N N 375 
VAL CA  HA   sing N N 376 
VAL C   O    doub N N 377 
VAL C   OXT  sing N N 378 
VAL CB  CG1  sing N N 379 
VAL CB  CG2  sing N N 380 
VAL CB  HB   sing N N 381 
VAL CG1 HG11 sing N N 382 
VAL CG1 HG12 sing N N 383 
VAL CG1 HG13 sing N N 384 
VAL CG2 HG21 sing N N 385 
VAL CG2 HG22 sing N N 386 
VAL CG2 HG23 sing N N 387 
VAL OXT HXT  sing N N 388 
# 
loop_
_pdbx_audit_support.funding_organization 
_pdbx_audit_support.country 
_pdbx_audit_support.grant_number 
_pdbx_audit_support.ordinal 
'Ministry of Science and Technology (China)' China 2017YFD0201400 1 
'Ministry of Science and Technology (China)' China 2017YFD0201403 2 
# 
_pdbx_entity_instance_feature.ordinal        1 
_pdbx_entity_instance_feature.comp_id        GOL 
_pdbx_entity_instance_feature.asym_id        ? 
_pdbx_entity_instance_feature.seq_num        ? 
_pdbx_entity_instance_feature.auth_comp_id   GOL 
_pdbx_entity_instance_feature.auth_asym_id   ? 
_pdbx_entity_instance_feature.auth_seq_num   ? 
_pdbx_entity_instance_feature.feature_type   'SUBJECT OF INVESTIGATION' 
_pdbx_entity_instance_feature.details        ? 
# 
loop_
_pdbx_entity_nonpoly.entity_id 
_pdbx_entity_nonpoly.name 
_pdbx_entity_nonpoly.comp_id 
2 GLYCEROL GOL 
3 water    HOH 
# 
_pdbx_initial_refinement_model.id               1 
_pdbx_initial_refinement_model.entity_id_list   ? 
_pdbx_initial_refinement_model.type             'experimental model' 
_pdbx_initial_refinement_model.source_name      PDB 
_pdbx_initial_refinement_model.accession_code   4P9J 
_pdbx_initial_refinement_model.details          ? 
# 
_pdbx_struct_assembly_auth_evidence.id                     1 
_pdbx_struct_assembly_auth_evidence.assembly_id            1 
_pdbx_struct_assembly_auth_evidence.experimental_support   'gel filtration' 
_pdbx_struct_assembly_auth_evidence.details                monemer 
# 
